data_6EBU
# 
_entry.id   6EBU 
# 
_audit_conform.dict_name       mmcif_pdbx.dic 
_audit_conform.dict_version    5.387 
_audit_conform.dict_location   http://mmcif.pdb.org/dictionaries/ascii/mmcif_pdbx.dic 
# 
loop_
_database_2.database_id 
_database_2.database_code 
_database_2.pdbx_database_accession 
_database_2.pdbx_DOI 
PDB   6EBU         pdb_00006ebu 10.2210/pdb6ebu/pdb 
WWPDB D_1000236031 ?            ?                   
# 
loop_
_pdbx_audit_revision_history.ordinal 
_pdbx_audit_revision_history.data_content_type 
_pdbx_audit_revision_history.major_revision 
_pdbx_audit_revision_history.minor_revision 
_pdbx_audit_revision_history.revision_date 
1 'Structure model' 1 0 2019-06-26 
2 'Structure model' 1 1 2019-07-03 
3 'Structure model' 1 2 2020-01-01 
4 'Structure model' 1 3 2020-04-29 
5 'Structure model' 1 4 2020-07-29 
6 'Structure model' 1 5 2024-03-13 
# 
loop_
_pdbx_audit_revision_details.ordinal 
_pdbx_audit_revision_details.revision_ordinal 
_pdbx_audit_revision_details.data_content_type 
_pdbx_audit_revision_details.provider 
_pdbx_audit_revision_details.type 
_pdbx_audit_revision_details.description 
_pdbx_audit_revision_details.details 
1 1 'Structure model' repository 'Initial release' ?                          ? 
2 5 'Structure model' repository Remediation       'Carbohydrate remediation' ? 
# 
loop_
_pdbx_audit_revision_group.ordinal 
_pdbx_audit_revision_group.revision_ordinal 
_pdbx_audit_revision_group.data_content_type 
_pdbx_audit_revision_group.group 
1  2 'Structure model' 'Data collection'            
2  2 'Structure model' 'Database references'        
3  3 'Structure model' 'Author supporting evidence' 
4  4 'Structure model' 'Structure summary'          
5  5 'Structure model' 'Data collection'            
6  5 'Structure model' 'Derived calculations'       
7  5 'Structure model' 'Structure summary'          
8  6 'Structure model' 'Data collection'            
9  6 'Structure model' 'Database references'        
10 6 'Structure model' 'Structure summary'          
# 
loop_
_pdbx_audit_revision_category.ordinal 
_pdbx_audit_revision_category.revision_ordinal 
_pdbx_audit_revision_category.data_content_type 
_pdbx_audit_revision_category.category 
1  2 'Structure model' citation                  
2  2 'Structure model' citation_author           
3  3 'Structure model' pdbx_audit_support        
4  4 'Structure model' audit_author              
5  5 'Structure model' chem_comp                 
6  5 'Structure model' entity                    
7  5 'Structure model' pdbx_chem_comp_identifier 
8  5 'Structure model' pdbx_entity_nonpoly       
9  5 'Structure model' struct_site               
10 5 'Structure model' struct_site_gen           
11 6 'Structure model' chem_comp                 
12 6 'Structure model' chem_comp_atom            
13 6 'Structure model' chem_comp_bond            
14 6 'Structure model' database_2                
# 
loop_
_pdbx_audit_revision_item.ordinal 
_pdbx_audit_revision_item.revision_ordinal 
_pdbx_audit_revision_item.data_content_type 
_pdbx_audit_revision_item.item 
1  2 'Structure model' '_citation.journal_volume'                 
2  2 'Structure model' '_citation.pdbx_database_id_DOI'           
3  2 'Structure model' '_citation.pdbx_database_id_PubMed'        
4  2 'Structure model' '_citation.title'                          
5  3 'Structure model' '_pdbx_audit_support.funding_organization' 
6  5 'Structure model' '_chem_comp.mon_nstd_flag'                 
7  5 'Structure model' '_chem_comp.name'                          
8  5 'Structure model' '_chem_comp.type'                          
9  5 'Structure model' '_entity.pdbx_description'                 
10 5 'Structure model' '_pdbx_entity_nonpoly.name'                
11 6 'Structure model' '_chem_comp.pdbx_synonyms'                 
12 6 'Structure model' '_database_2.pdbx_DOI'                     
13 6 'Structure model' '_database_2.pdbx_database_accession'      
# 
_pdbx_database_status.status_code                     REL 
_pdbx_database_status.status_code_sf                  REL 
_pdbx_database_status.status_code_mr                  ? 
_pdbx_database_status.entry_id                        6EBU 
_pdbx_database_status.recvd_initial_deposition_date   2018-08-07 
_pdbx_database_status.SG_entry                        N 
_pdbx_database_status.deposit_site                    RCSB 
_pdbx_database_status.process_site                    RCSB 
_pdbx_database_status.status_code_cs                  ? 
_pdbx_database_status.methods_development_category    ? 
_pdbx_database_status.pdb_format_compatible           Y 
_pdbx_database_status.status_code_nmr_data            ? 
# 
loop_
_audit_author.name 
_audit_author.pdbx_ordinal 
_audit_author.identifier_ORCID 
'Wu, Q.'   1 ?                   
'Wang, S.' 2 ?                   
'Zhou, P.' 3 0000-0002-7823-3416 
# 
_citation.abstract                  ? 
_citation.abstract_id_CAS           ? 
_citation.book_id_ISBN              ? 
_citation.book_publisher            ? 
_citation.book_publisher_city       ? 
_citation.book_title                ? 
_citation.coordinate_linkage        ? 
_citation.country                   US 
_citation.database_id_Medline       ? 
_citation.details                   ? 
_citation.id                        primary 
_citation.journal_abbrev            Mbio 
_citation.journal_id_ASTM           ? 
_citation.journal_id_CSD            ? 
_citation.journal_id_ISSN           2150-7511 
_citation.journal_full              ? 
_citation.journal_issue             ? 
_citation.journal_volume            10 
_citation.language                  ? 
_citation.page_first                ? 
_citation.page_last                 ? 
_citation.title                     
'The Lipid A 1-Phosphatase, LpxE, Functionally Connects Multiple Layers of Bacterial Envelope Biogenesis.' 
_citation.year                      2019 
_citation.database_id_CSD           ? 
_citation.pdbx_database_id_DOI      10.1128/mBio.00886-19 
_citation.pdbx_database_id_PubMed   31213552 
_citation.unpublished_flag          ? 
# 
loop_
_citation_author.citation_id 
_citation_author.name 
_citation_author.ordinal 
_citation_author.identifier_ORCID 
primary 'Zhao, J.'        1  ?                   
primary 'An, J.'          2  ?                   
primary 'Hwang, D.'       3  ?                   
primary 'Wu, Q.'          4  ?                   
primary 'Wang, S.'        5  ?                   
primary 'Gillespie, R.A.' 6  ?                   
primary 'Yang, E.G.'      7  ?                   
primary 'Guan, Z.'        8  ?                   
primary 'Zhou, P.'        9  0000-0002-7823-3416 
primary 'Chung, H.S.'     10 0000-0003-1166-9909 
# 
loop_
_entity.id 
_entity.type 
_entity.src_method 
_entity.pdbx_description 
_entity.formula_weight 
_entity.pdbx_number_of_molecules 
_entity.pdbx_ec 
_entity.pdbx_mutation 
_entity.pdbx_fragment 
_entity.details 
1 polymer     man LpxE                           20436.350 1  ? I63M ? ? 
2 non-polymer syn 'SULFATE ION'                  96.063    1  ? ?    ? ? 
3 non-polymer syn 'octyl beta-D-glucopyranoside' 292.369   5  ? ?    ? ? 
4 water       nat water                          18.015    55 ? ?    ? ? 
# 
_entity_poly.entity_id                      1 
_entity_poly.type                           'polypeptide(L)' 
_entity_poly.nstd_linkage                   no 
_entity_poly.nstd_monomer                   no 
_entity_poly.pdbx_seq_one_letter_code       
;GPAVPRMVIEDFALNLELFRLINNARHPLLDVFFTHFAYLGSGYVLFPLLIFLFIFRKEKVKPLILAIMLETVLVISLKT
FFNQPRPAILLEDVNLLFPLHWRSFPSGDTAMAFTIATVLSHGEKLHIKAILFLYAFLIGYERIYAGVHFPLDVFVGALI
GIICGIISLKYSKGGVYERN
;
_entity_poly.pdbx_seq_one_letter_code_can   
;GPAVPRMVIEDFALNLELFRLINNARHPLLDVFFTHFAYLGSGYVLFPLLIFLFIFRKEKVKPLILAIMLETVLVISLKT
FFNQPRPAILLEDVNLLFPLHWRSFPSGDTAMAFTIATVLSHGEKLHIKAILFLYAFLIGYERIYAGVHFPLDVFVGALI
GIICGIISLKYSKGGVYERN
;
_entity_poly.pdbx_strand_id                 A 
_entity_poly.pdbx_target_identifier         ? 
# 
loop_
_pdbx_entity_nonpoly.entity_id 
_pdbx_entity_nonpoly.name 
_pdbx_entity_nonpoly.comp_id 
2 'SULFATE ION'                  SO4 
3 'octyl beta-D-glucopyranoside' BOG 
4 water                          HOH 
# 
loop_
_entity_poly_seq.entity_id 
_entity_poly_seq.num 
_entity_poly_seq.mon_id 
_entity_poly_seq.hetero 
1 1   GLY n 
1 2   PRO n 
1 3   ALA n 
1 4   VAL n 
1 5   PRO n 
1 6   ARG n 
1 7   MET n 
1 8   VAL n 
1 9   ILE n 
1 10  GLU n 
1 11  ASP n 
1 12  PHE n 
1 13  ALA n 
1 14  LEU n 
1 15  ASN n 
1 16  LEU n 
1 17  GLU n 
1 18  LEU n 
1 19  PHE n 
1 20  ARG n 
1 21  LEU n 
1 22  ILE n 
1 23  ASN n 
1 24  ASN n 
1 25  ALA n 
1 26  ARG n 
1 27  HIS n 
1 28  PRO n 
1 29  LEU n 
1 30  LEU n 
1 31  ASP n 
1 32  VAL n 
1 33  PHE n 
1 34  PHE n 
1 35  THR n 
1 36  HIS n 
1 37  PHE n 
1 38  ALA n 
1 39  TYR n 
1 40  LEU n 
1 41  GLY n 
1 42  SER n 
1 43  GLY n 
1 44  TYR n 
1 45  VAL n 
1 46  LEU n 
1 47  PHE n 
1 48  PRO n 
1 49  LEU n 
1 50  LEU n 
1 51  ILE n 
1 52  PHE n 
1 53  LEU n 
1 54  PHE n 
1 55  ILE n 
1 56  PHE n 
1 57  ARG n 
1 58  LYS n 
1 59  GLU n 
1 60  LYS n 
1 61  VAL n 
1 62  LYS n 
1 63  PRO n 
1 64  LEU n 
1 65  ILE n 
1 66  LEU n 
1 67  ALA n 
1 68  ILE n 
1 69  MET n 
1 70  LEU n 
1 71  GLU n 
1 72  THR n 
1 73  VAL n 
1 74  LEU n 
1 75  VAL n 
1 76  ILE n 
1 77  SER n 
1 78  LEU n 
1 79  LYS n 
1 80  THR n 
1 81  PHE n 
1 82  PHE n 
1 83  ASN n 
1 84  GLN n 
1 85  PRO n 
1 86  ARG n 
1 87  PRO n 
1 88  ALA n 
1 89  ILE n 
1 90  LEU n 
1 91  LEU n 
1 92  GLU n 
1 93  ASP n 
1 94  VAL n 
1 95  ASN n 
1 96  LEU n 
1 97  LEU n 
1 98  PHE n 
1 99  PRO n 
1 100 LEU n 
1 101 HIS n 
1 102 TRP n 
1 103 ARG n 
1 104 SER n 
1 105 PHE n 
1 106 PRO n 
1 107 SER n 
1 108 GLY n 
1 109 ASP n 
1 110 THR n 
1 111 ALA n 
1 112 MET n 
1 113 ALA n 
1 114 PHE n 
1 115 THR n 
1 116 ILE n 
1 117 ALA n 
1 118 THR n 
1 119 VAL n 
1 120 LEU n 
1 121 SER n 
1 122 HIS n 
1 123 GLY n 
1 124 GLU n 
1 125 LYS n 
1 126 LEU n 
1 127 HIS n 
1 128 ILE n 
1 129 LYS n 
1 130 ALA n 
1 131 ILE n 
1 132 LEU n 
1 133 PHE n 
1 134 LEU n 
1 135 TYR n 
1 136 ALA n 
1 137 PHE n 
1 138 LEU n 
1 139 ILE n 
1 140 GLY n 
1 141 TYR n 
1 142 GLU n 
1 143 ARG n 
1 144 ILE n 
1 145 TYR n 
1 146 ALA n 
1 147 GLY n 
1 148 VAL n 
1 149 HIS n 
1 150 PHE n 
1 151 PRO n 
1 152 LEU n 
1 153 ASP n 
1 154 VAL n 
1 155 PHE n 
1 156 VAL n 
1 157 GLY n 
1 158 ALA n 
1 159 LEU n 
1 160 ILE n 
1 161 GLY n 
1 162 ILE n 
1 163 ILE n 
1 164 CYS n 
1 165 GLY n 
1 166 ILE n 
1 167 ILE n 
1 168 SER n 
1 169 LEU n 
1 170 LYS n 
1 171 TYR n 
1 172 SER n 
1 173 LYS n 
1 174 GLY n 
1 175 GLY n 
1 176 VAL n 
1 177 TYR n 
1 178 GLU n 
1 179 ARG n 
1 180 ASN n 
# 
_entity_src_gen.entity_id                          1 
_entity_src_gen.pdbx_src_id                        1 
_entity_src_gen.pdbx_alt_source_flag               sample 
_entity_src_gen.pdbx_seq_type                      'Biological sequence' 
_entity_src_gen.pdbx_beg_seq_num                   1 
_entity_src_gen.pdbx_end_seq_num                   180 
_entity_src_gen.gene_src_common_name               ? 
_entity_src_gen.gene_src_genus                     ? 
_entity_src_gen.pdbx_gene_src_gene                 aq_1706 
_entity_src_gen.gene_src_species                   ? 
_entity_src_gen.gene_src_strain                    VF5 
_entity_src_gen.gene_src_tissue                    ? 
_entity_src_gen.gene_src_tissue_fraction           ? 
_entity_src_gen.gene_src_details                   ? 
_entity_src_gen.pdbx_gene_src_fragment             ? 
_entity_src_gen.pdbx_gene_src_scientific_name      'Aquifex aeolicus (strain VF5)' 
_entity_src_gen.pdbx_gene_src_ncbi_taxonomy_id     224324 
_entity_src_gen.pdbx_gene_src_variant              ? 
_entity_src_gen.pdbx_gene_src_cell_line            ? 
_entity_src_gen.pdbx_gene_src_atcc                 ? 
_entity_src_gen.pdbx_gene_src_organ                ? 
_entity_src_gen.pdbx_gene_src_organelle            ? 
_entity_src_gen.pdbx_gene_src_cell                 ? 
_entity_src_gen.pdbx_gene_src_cellular_location    ? 
_entity_src_gen.host_org_common_name               ? 
_entity_src_gen.pdbx_host_org_scientific_name      'Escherichia coli' 
_entity_src_gen.pdbx_host_org_ncbi_taxonomy_id     562 
_entity_src_gen.host_org_genus                     ? 
_entity_src_gen.pdbx_host_org_gene                 ? 
_entity_src_gen.pdbx_host_org_organ                ? 
_entity_src_gen.host_org_species                   ? 
_entity_src_gen.pdbx_host_org_tissue               ? 
_entity_src_gen.pdbx_host_org_tissue_fraction      ? 
_entity_src_gen.pdbx_host_org_strain               ? 
_entity_src_gen.pdbx_host_org_variant              ? 
_entity_src_gen.pdbx_host_org_cell_line            ? 
_entity_src_gen.pdbx_host_org_atcc                 ? 
_entity_src_gen.pdbx_host_org_culture_collection   ? 
_entity_src_gen.pdbx_host_org_cell                 ? 
_entity_src_gen.pdbx_host_org_organelle            ? 
_entity_src_gen.pdbx_host_org_cellular_location    ? 
_entity_src_gen.pdbx_host_org_vector_type          ? 
_entity_src_gen.pdbx_host_org_vector               ? 
_entity_src_gen.host_org_details                   ? 
_entity_src_gen.expression_system_id               ? 
_entity_src_gen.plasmid_name                       ? 
_entity_src_gen.plasmid_details                    ? 
_entity_src_gen.pdbx_description                   ? 
# 
loop_
_chem_comp.id 
_chem_comp.type 
_chem_comp.mon_nstd_flag 
_chem_comp.name 
_chem_comp.pdbx_synonyms 
_chem_comp.formula 
_chem_comp.formula_weight 
ALA 'L-peptide linking' y ALANINE                        ? 'C3 H7 N O2'     89.093  
ARG 'L-peptide linking' y ARGININE                       ? 'C6 H15 N4 O2 1' 175.209 
ASN 'L-peptide linking' y ASPARAGINE                     ? 'C4 H8 N2 O3'    132.118 
ASP 'L-peptide linking' y 'ASPARTIC ACID'                ? 'C4 H7 N O4'     133.103 
BOG D-saccharide        n 'octyl beta-D-glucopyranoside' 
'Beta-Octylglucoside; octyl beta-D-glucoside; octyl D-glucoside; octyl glucoside' 'C14 H28 O6'     292.369 
CYS 'L-peptide linking' y CYSTEINE                       ? 'C3 H7 N O2 S'   121.158 
GLN 'L-peptide linking' y GLUTAMINE                      ? 'C5 H10 N2 O3'   146.144 
GLU 'L-peptide linking' y 'GLUTAMIC ACID'                ? 'C5 H9 N O4'     147.129 
GLY 'peptide linking'   y GLYCINE                        ? 'C2 H5 N O2'     75.067  
HIS 'L-peptide linking' y HISTIDINE                      ? 'C6 H10 N3 O2 1' 156.162 
HOH non-polymer         . WATER                          ? 'H2 O'           18.015  
ILE 'L-peptide linking' y ISOLEUCINE                     ? 'C6 H13 N O2'    131.173 
LEU 'L-peptide linking' y LEUCINE                        ? 'C6 H13 N O2'    131.173 
LYS 'L-peptide linking' y LYSINE                         ? 'C6 H15 N2 O2 1' 147.195 
MET 'L-peptide linking' y METHIONINE                     ? 'C5 H11 N O2 S'  149.211 
PHE 'L-peptide linking' y PHENYLALANINE                  ? 'C9 H11 N O2'    165.189 
PRO 'L-peptide linking' y PROLINE                        ? 'C5 H9 N O2'     115.130 
SER 'L-peptide linking' y SERINE                         ? 'C3 H7 N O3'     105.093 
SO4 non-polymer         . 'SULFATE ION'                  ? 'O4 S -2'        96.063  
THR 'L-peptide linking' y THREONINE                      ? 'C4 H9 N O3'     119.119 
TRP 'L-peptide linking' y TRYPTOPHAN                     ? 'C11 H12 N2 O2'  204.225 
TYR 'L-peptide linking' y TYROSINE                       ? 'C9 H11 N O3'    181.189 
VAL 'L-peptide linking' y VALINE                         ? 'C5 H11 N O2'    117.146 
# 
_pdbx_chem_comp_identifier.comp_id           BOG 
_pdbx_chem_comp_identifier.type              'IUPAC CARBOHYDRATE SYMBOL' 
_pdbx_chem_comp_identifier.program           PDB-CARE 
_pdbx_chem_comp_identifier.program_version   1.0 
_pdbx_chem_comp_identifier.identifier        b-octylglucoside 
# 
loop_
_pdbx_poly_seq_scheme.asym_id 
_pdbx_poly_seq_scheme.entity_id 
_pdbx_poly_seq_scheme.seq_id 
_pdbx_poly_seq_scheme.mon_id 
_pdbx_poly_seq_scheme.ndb_seq_num 
_pdbx_poly_seq_scheme.pdb_seq_num 
_pdbx_poly_seq_scheme.auth_seq_num 
_pdbx_poly_seq_scheme.pdb_mon_id 
_pdbx_poly_seq_scheme.auth_mon_id 
_pdbx_poly_seq_scheme.pdb_strand_id 
_pdbx_poly_seq_scheme.pdb_ins_code 
_pdbx_poly_seq_scheme.hetero 
A 1 1   GLY 1   -5  ?   ?   ?   A . n 
A 1 2   PRO 2   -4  ?   ?   ?   A . n 
A 1 3   ALA 3   -3  ?   ?   ?   A . n 
A 1 4   VAL 4   -2  ?   ?   ?   A . n 
A 1 5   PRO 5   -1  ?   ?   ?   A . n 
A 1 6   ARG 6   0   ?   ?   ?   A . n 
A 1 7   MET 7   1   1   MET MET A . n 
A 1 8   VAL 8   2   2   VAL VAL A . n 
A 1 9   ILE 9   3   3   ILE ILE A . n 
A 1 10  GLU 10  4   4   GLU GLU A . n 
A 1 11  ASP 11  5   5   ASP ASP A . n 
A 1 12  PHE 12  6   6   PHE PHE A . n 
A 1 13  ALA 13  7   7   ALA ALA A . n 
A 1 14  LEU 14  8   8   LEU LEU A . n 
A 1 15  ASN 15  9   9   ASN ASN A . n 
A 1 16  LEU 16  10  10  LEU LEU A . n 
A 1 17  GLU 17  11  11  GLU GLU A . n 
A 1 18  LEU 18  12  12  LEU LEU A . n 
A 1 19  PHE 19  13  13  PHE PHE A . n 
A 1 20  ARG 20  14  14  ARG ARG A . n 
A 1 21  LEU 21  15  15  LEU LEU A . n 
A 1 22  ILE 22  16  16  ILE ILE A . n 
A 1 23  ASN 23  17  17  ASN ASN A . n 
A 1 24  ASN 24  18  18  ASN ASN A . n 
A 1 25  ALA 25  19  19  ALA ALA A . n 
A 1 26  ARG 26  20  20  ARG ARG A . n 
A 1 27  HIS 27  21  21  HIS HIS A . n 
A 1 28  PRO 28  22  22  PRO PRO A . n 
A 1 29  LEU 29  23  23  LEU LEU A . n 
A 1 30  LEU 30  24  24  LEU LEU A . n 
A 1 31  ASP 31  25  25  ASP ASP A . n 
A 1 32  VAL 32  26  26  VAL VAL A . n 
A 1 33  PHE 33  27  27  PHE PHE A . n 
A 1 34  PHE 34  28  28  PHE PHE A . n 
A 1 35  THR 35  29  29  THR THR A . n 
A 1 36  HIS 36  30  30  HIS HIS A . n 
A 1 37  PHE 37  31  31  PHE PHE A . n 
A 1 38  ALA 38  32  32  ALA ALA A . n 
A 1 39  TYR 39  33  33  TYR TYR A . n 
A 1 40  LEU 40  34  34  LEU LEU A . n 
A 1 41  GLY 41  35  35  GLY GLY A . n 
A 1 42  SER 42  36  36  SER SER A . n 
A 1 43  GLY 43  37  37  GLY GLY A . n 
A 1 44  TYR 44  38  38  TYR TYR A . n 
A 1 45  VAL 45  39  39  VAL VAL A . n 
A 1 46  LEU 46  40  40  LEU LEU A . n 
A 1 47  PHE 47  41  41  PHE PHE A . n 
A 1 48  PRO 48  42  42  PRO PRO A . n 
A 1 49  LEU 49  43  43  LEU LEU A . n 
A 1 50  LEU 50  44  44  LEU LEU A . n 
A 1 51  ILE 51  45  45  ILE ILE A . n 
A 1 52  PHE 52  46  46  PHE PHE A . n 
A 1 53  LEU 53  47  47  LEU LEU A . n 
A 1 54  PHE 54  48  48  PHE PHE A . n 
A 1 55  ILE 55  49  49  ILE ILE A . n 
A 1 56  PHE 56  50  50  PHE PHE A . n 
A 1 57  ARG 57  51  51  ARG ARG A . n 
A 1 58  LYS 58  52  52  LYS LYS A . n 
A 1 59  GLU 59  53  53  GLU GLU A . n 
A 1 60  LYS 60  54  54  LYS LYS A . n 
A 1 61  VAL 61  55  55  VAL VAL A . n 
A 1 62  LYS 62  56  56  LYS LYS A . n 
A 1 63  PRO 63  57  57  PRO PRO A . n 
A 1 64  LEU 64  58  58  LEU LEU A . n 
A 1 65  ILE 65  59  59  ILE ILE A . n 
A 1 66  LEU 66  60  60  LEU LEU A . n 
A 1 67  ALA 67  61  61  ALA ALA A . n 
A 1 68  ILE 68  62  62  ILE ILE A . n 
A 1 69  MET 69  63  63  MET MET A . n 
A 1 70  LEU 70  64  64  LEU LEU A . n 
A 1 71  GLU 71  65  65  GLU GLU A . n 
A 1 72  THR 72  66  66  THR THR A . n 
A 1 73  VAL 73  67  67  VAL VAL A . n 
A 1 74  LEU 74  68  68  LEU LEU A . n 
A 1 75  VAL 75  69  69  VAL VAL A . n 
A 1 76  ILE 76  70  70  ILE ILE A . n 
A 1 77  SER 77  71  71  SER SER A . n 
A 1 78  LEU 78  72  72  LEU LEU A . n 
A 1 79  LYS 79  73  73  LYS LYS A . n 
A 1 80  THR 80  74  74  THR THR A . n 
A 1 81  PHE 81  75  75  PHE PHE A . n 
A 1 82  PHE 82  76  76  PHE PHE A . n 
A 1 83  ASN 83  77  77  ASN ASN A . n 
A 1 84  GLN 84  78  78  GLN GLN A . n 
A 1 85  PRO 85  79  79  PRO PRO A . n 
A 1 86  ARG 86  80  80  ARG ARG A . n 
A 1 87  PRO 87  81  81  PRO PRO A . n 
A 1 88  ALA 88  82  82  ALA ALA A . n 
A 1 89  ILE 89  83  83  ILE ILE A . n 
A 1 90  LEU 90  84  84  LEU LEU A . n 
A 1 91  LEU 91  85  85  LEU LEU A . n 
A 1 92  GLU 92  86  86  GLU GLU A . n 
A 1 93  ASP 93  87  87  ASP ASP A . n 
A 1 94  VAL 94  88  88  VAL VAL A . n 
A 1 95  ASN 95  89  89  ASN ASN A . n 
A 1 96  LEU 96  90  90  LEU LEU A . n 
A 1 97  LEU 97  91  91  LEU LEU A . n 
A 1 98  PHE 98  92  92  PHE PHE A . n 
A 1 99  PRO 99  93  93  PRO PRO A . n 
A 1 100 LEU 100 94  94  LEU LEU A . n 
A 1 101 HIS 101 95  95  HIS HIS A . n 
A 1 102 TRP 102 96  96  TRP TRP A . n 
A 1 103 ARG 103 97  97  ARG ARG A . n 
A 1 104 SER 104 98  98  SER SER A . n 
A 1 105 PHE 105 99  99  PHE PHE A . n 
A 1 106 PRO 106 100 100 PRO PRO A . n 
A 1 107 SER 107 101 101 SER SER A . n 
A 1 108 GLY 108 102 102 GLY GLY A . n 
A 1 109 ASP 109 103 103 ASP ASP A . n 
A 1 110 THR 110 104 104 THR THR A . n 
A 1 111 ALA 111 105 105 ALA ALA A . n 
A 1 112 MET 112 106 106 MET MET A . n 
A 1 113 ALA 113 107 107 ALA ALA A . n 
A 1 114 PHE 114 108 108 PHE PHE A . n 
A 1 115 THR 115 109 109 THR THR A . n 
A 1 116 ILE 116 110 110 ILE ILE A . n 
A 1 117 ALA 117 111 111 ALA ALA A . n 
A 1 118 THR 118 112 112 THR THR A . n 
A 1 119 VAL 119 113 113 VAL VAL A . n 
A 1 120 LEU 120 114 114 LEU LEU A . n 
A 1 121 SER 121 115 115 SER SER A . n 
A 1 122 HIS 122 116 116 HIS HIS A . n 
A 1 123 GLY 123 117 117 GLY GLY A . n 
A 1 124 GLU 124 118 118 GLU GLU A . n 
A 1 125 LYS 125 119 119 LYS LYS A . n 
A 1 126 LEU 126 120 120 LEU LEU A . n 
A 1 127 HIS 127 121 121 HIS HIS A . n 
A 1 128 ILE 128 122 122 ILE ILE A . n 
A 1 129 LYS 129 123 123 LYS LYS A . n 
A 1 130 ALA 130 124 124 ALA ALA A . n 
A 1 131 ILE 131 125 125 ILE ILE A . n 
A 1 132 LEU 132 126 126 LEU LEU A . n 
A 1 133 PHE 133 127 127 PHE PHE A . n 
A 1 134 LEU 134 128 128 LEU LEU A . n 
A 1 135 TYR 135 129 129 TYR TYR A . n 
A 1 136 ALA 136 130 130 ALA ALA A . n 
A 1 137 PHE 137 131 131 PHE PHE A . n 
A 1 138 LEU 138 132 132 LEU LEU A . n 
A 1 139 ILE 139 133 133 ILE ILE A . n 
A 1 140 GLY 140 134 134 GLY GLY A . n 
A 1 141 TYR 141 135 135 TYR TYR A . n 
A 1 142 GLU 142 136 136 GLU GLU A . n 
A 1 143 ARG 143 137 137 ARG ARG A . n 
A 1 144 ILE 144 138 138 ILE ILE A . n 
A 1 145 TYR 145 139 139 TYR TYR A . n 
A 1 146 ALA 146 140 140 ALA ALA A . n 
A 1 147 GLY 147 141 141 GLY GLY A . n 
A 1 148 VAL 148 142 142 VAL VAL A . n 
A 1 149 HIS 149 143 143 HIS HIS A . n 
A 1 150 PHE 150 144 144 PHE PHE A . n 
A 1 151 PRO 151 145 145 PRO PRO A . n 
A 1 152 LEU 152 146 146 LEU LEU A . n 
A 1 153 ASP 153 147 147 ASP ASP A . n 
A 1 154 VAL 154 148 148 VAL VAL A . n 
A 1 155 PHE 155 149 149 PHE PHE A . n 
A 1 156 VAL 156 150 150 VAL VAL A . n 
A 1 157 GLY 157 151 151 GLY GLY A . n 
A 1 158 ALA 158 152 152 ALA ALA A . n 
A 1 159 LEU 159 153 153 LEU LEU A . n 
A 1 160 ILE 160 154 154 ILE ILE A . n 
A 1 161 GLY 161 155 155 GLY GLY A . n 
A 1 162 ILE 162 156 156 ILE ILE A . n 
A 1 163 ILE 163 157 157 ILE ILE A . n 
A 1 164 CYS 164 158 158 CYS CYS A . n 
A 1 165 GLY 165 159 159 GLY GLY A . n 
A 1 166 ILE 166 160 160 ILE ILE A . n 
A 1 167 ILE 167 161 161 ILE ILE A . n 
A 1 168 SER 168 162 162 SER SER A . n 
A 1 169 LEU 169 163 163 LEU LEU A . n 
A 1 170 LYS 170 164 164 LYS LYS A . n 
A 1 171 TYR 171 165 165 TYR TYR A . n 
A 1 172 SER 172 166 ?   ?   ?   A . n 
A 1 173 LYS 173 167 ?   ?   ?   A . n 
A 1 174 GLY 174 168 ?   ?   ?   A . n 
A 1 175 GLY 175 169 ?   ?   ?   A . n 
A 1 176 VAL 176 170 ?   ?   ?   A . n 
A 1 177 TYR 177 171 ?   ?   ?   A . n 
A 1 178 GLU 178 172 ?   ?   ?   A . n 
A 1 179 ARG 179 173 ?   ?   ?   A . n 
A 1 180 ASN 180 174 ?   ?   ?   A . n 
# 
loop_
_pdbx_nonpoly_scheme.asym_id 
_pdbx_nonpoly_scheme.entity_id 
_pdbx_nonpoly_scheme.mon_id 
_pdbx_nonpoly_scheme.ndb_seq_num 
_pdbx_nonpoly_scheme.pdb_seq_num 
_pdbx_nonpoly_scheme.auth_seq_num 
_pdbx_nonpoly_scheme.pdb_mon_id 
_pdbx_nonpoly_scheme.auth_mon_id 
_pdbx_nonpoly_scheme.pdb_strand_id 
_pdbx_nonpoly_scheme.pdb_ins_code 
B 2 SO4 1  201 1  SO4 SO4 A . 
C 3 BOG 1  202 1  BOG LIG A . 
D 3 BOG 1  203 2  BOG LIG A . 
E 3 BOG 1  204 3  BOG LIG A . 
F 3 BOG 1  205 4  BOG LIG A . 
G 3 BOG 1  206 5  BOG LIG A . 
H 4 HOH 1  301 11 HOH HOH A . 
H 4 HOH 2  302 43 HOH HOH A . 
H 4 HOH 3  303 15 HOH HOH A . 
H 4 HOH 4  304 12 HOH HOH A . 
H 4 HOH 5  305 16 HOH HOH A . 
H 4 HOH 6  306 7  HOH HOH A . 
H 4 HOH 7  307 2  HOH HOH A . 
H 4 HOH 8  308 5  HOH HOH A . 
H 4 HOH 9  309 1  HOH HOH A . 
H 4 HOH 10 310 3  HOH HOH A . 
H 4 HOH 11 311 10 HOH HOH A . 
H 4 HOH 12 312 4  HOH HOH A . 
H 4 HOH 13 313 53 HOH HOH A . 
H 4 HOH 14 314 6  HOH HOH A . 
H 4 HOH 15 315 33 HOH HOH A . 
H 4 HOH 16 316 9  HOH HOH A . 
H 4 HOH 17 317 18 HOH HOH A . 
H 4 HOH 18 318 45 HOH HOH A . 
H 4 HOH 19 319 13 HOH HOH A . 
H 4 HOH 20 320 31 HOH HOH A . 
H 4 HOH 21 321 24 HOH HOH A . 
H 4 HOH 22 322 20 HOH HOH A . 
H 4 HOH 23 323 48 HOH HOH A . 
H 4 HOH 24 324 44 HOH HOH A . 
H 4 HOH 25 325 25 HOH HOH A . 
H 4 HOH 26 326 36 HOH HOH A . 
H 4 HOH 27 327 55 HOH HOH A . 
H 4 HOH 28 328 34 HOH HOH A . 
H 4 HOH 29 329 54 HOH HOH A . 
H 4 HOH 30 330 52 HOH HOH A . 
H 4 HOH 31 331 14 HOH HOH A . 
H 4 HOH 32 332 35 HOH HOH A . 
H 4 HOH 33 333 30 HOH HOH A . 
H 4 HOH 34 334 17 HOH HOH A . 
H 4 HOH 35 335 47 HOH HOH A . 
H 4 HOH 36 336 28 HOH HOH A . 
H 4 HOH 37 337 27 HOH HOH A . 
H 4 HOH 38 338 46 HOH HOH A . 
H 4 HOH 39 339 38 HOH HOH A . 
H 4 HOH 40 340 29 HOH HOH A . 
H 4 HOH 41 341 50 HOH HOH A . 
H 4 HOH 42 342 19 HOH HOH A . 
H 4 HOH 43 343 32 HOH HOH A . 
H 4 HOH 44 344 37 HOH HOH A . 
H 4 HOH 45 345 41 HOH HOH A . 
H 4 HOH 46 346 8  HOH HOH A . 
H 4 HOH 47 347 21 HOH HOH A . 
H 4 HOH 48 348 49 HOH HOH A . 
H 4 HOH 49 349 23 HOH HOH A . 
H 4 HOH 50 350 40 HOH HOH A . 
H 4 HOH 51 351 39 HOH HOH A . 
H 4 HOH 52 352 51 HOH HOH A . 
H 4 HOH 53 353 42 HOH HOH A . 
H 4 HOH 54 354 26 HOH HOH A . 
H 4 HOH 55 355 22 HOH HOH A . 
# 
loop_
_pdbx_unobs_or_zero_occ_atoms.id 
_pdbx_unobs_or_zero_occ_atoms.PDB_model_num 
_pdbx_unobs_or_zero_occ_atoms.polymer_flag 
_pdbx_unobs_or_zero_occ_atoms.occupancy_flag 
_pdbx_unobs_or_zero_occ_atoms.auth_asym_id 
_pdbx_unobs_or_zero_occ_atoms.auth_comp_id 
_pdbx_unobs_or_zero_occ_atoms.auth_seq_id 
_pdbx_unobs_or_zero_occ_atoms.PDB_ins_code 
_pdbx_unobs_or_zero_occ_atoms.auth_atom_id 
_pdbx_unobs_or_zero_occ_atoms.label_alt_id 
_pdbx_unobs_or_zero_occ_atoms.label_asym_id 
_pdbx_unobs_or_zero_occ_atoms.label_comp_id 
_pdbx_unobs_or_zero_occ_atoms.label_seq_id 
_pdbx_unobs_or_zero_occ_atoms.label_atom_id 
1  1 Y 1 A MET 1   ? CB  ? A MET 7   CB  
2  1 Y 1 A MET 1   ? CG  ? A MET 7   CG  
3  1 Y 1 A MET 1   ? SD  ? A MET 7   SD  
4  1 Y 1 A MET 1   ? CE  ? A MET 7   CE  
5  1 Y 1 A GLU 11  ? CG  ? A GLU 17  CG  
6  1 Y 1 A GLU 11  ? CD  ? A GLU 17  CD  
7  1 Y 1 A GLU 11  ? OE1 ? A GLU 17  OE1 
8  1 Y 1 A GLU 11  ? OE2 ? A GLU 17  OE2 
9  1 Y 1 A LEU 15  ? CG  ? A LEU 21  CG  
10 1 Y 1 A LEU 15  ? CD1 ? A LEU 21  CD1 
11 1 Y 1 A LEU 15  ? CD2 ? A LEU 21  CD2 
12 1 Y 1 A LYS 52  ? CG  ? A LYS 58  CG  
13 1 Y 1 A LYS 52  ? CD  ? A LYS 58  CD  
14 1 Y 1 A LYS 52  ? CE  ? A LYS 58  CE  
15 1 Y 1 A LYS 52  ? NZ  ? A LYS 58  NZ  
16 1 Y 1 A LYS 56  ? CG  ? A LYS 62  CG  
17 1 Y 1 A LYS 56  ? CD  ? A LYS 62  CD  
18 1 Y 1 A LYS 56  ? CE  ? A LYS 62  CE  
19 1 Y 1 A LYS 56  ? NZ  ? A LYS 62  NZ  
20 1 Y 1 A PHE 75  ? CG  ? A PHE 81  CG  
21 1 Y 1 A PHE 75  ? CD1 ? A PHE 81  CD1 
22 1 Y 1 A PHE 75  ? CD2 ? A PHE 81  CD2 
23 1 Y 1 A PHE 75  ? CE1 ? A PHE 81  CE1 
24 1 Y 1 A PHE 75  ? CE2 ? A PHE 81  CE2 
25 1 Y 1 A PHE 75  ? CZ  ? A PHE 81  CZ  
26 1 Y 1 A ARG 97  ? NE  ? A ARG 103 NE  
27 1 Y 1 A ARG 97  ? CZ  ? A ARG 103 CZ  
28 1 Y 1 A ARG 97  ? NH1 ? A ARG 103 NH1 
29 1 Y 1 A ARG 97  ? NH2 ? A ARG 103 NH2 
30 1 Y 1 A LYS 164 ? CG  ? A LYS 170 CG  
31 1 Y 1 A LYS 164 ? CD  ? A LYS 170 CD  
32 1 Y 1 A LYS 164 ? CE  ? A LYS 170 CE  
33 1 Y 1 A LYS 164 ? NZ  ? A LYS 170 NZ  
34 1 Y 1 A TYR 165 ? CG  ? A TYR 171 CG  
35 1 Y 1 A TYR 165 ? CD1 ? A TYR 171 CD1 
36 1 Y 1 A TYR 165 ? CD2 ? A TYR 171 CD2 
37 1 Y 1 A TYR 165 ? CE1 ? A TYR 171 CE1 
38 1 Y 1 A TYR 165 ? CE2 ? A TYR 171 CE2 
39 1 Y 1 A TYR 165 ? CZ  ? A TYR 171 CZ  
40 1 Y 1 A TYR 165 ? OH  ? A TYR 171 OH  
41 1 N 1 A BOG 202 ? C1  ? C BOG 1   C1  
42 1 N 1 A BOG 202 ? C2  ? C BOG 1   C2  
43 1 N 1 A BOG 202 ? O2  ? C BOG 1   O2  
44 1 N 1 A BOG 202 ? C3  ? C BOG 1   C3  
45 1 N 1 A BOG 202 ? O3  ? C BOG 1   O3  
46 1 N 1 A BOG 202 ? C4  ? C BOG 1   C4  
47 1 N 1 A BOG 202 ? O4  ? C BOG 1   O4  
48 1 N 1 A BOG 202 ? C5  ? C BOG 1   C5  
49 1 N 1 A BOG 202 ? O5  ? C BOG 1   O5  
50 1 N 1 A BOG 202 ? C6  ? C BOG 1   C6  
51 1 N 1 A BOG 202 ? O6  ? C BOG 1   O6  
52 1 N 1 A BOG 203 ? C1  ? D BOG 1   C1  
53 1 N 1 A BOG 203 ? C2  ? D BOG 1   C2  
54 1 N 1 A BOG 203 ? O2  ? D BOG 1   O2  
55 1 N 1 A BOG 203 ? C3  ? D BOG 1   C3  
56 1 N 1 A BOG 203 ? O3  ? D BOG 1   O3  
57 1 N 1 A BOG 203 ? C4  ? D BOG 1   C4  
58 1 N 1 A BOG 203 ? O4  ? D BOG 1   O4  
59 1 N 1 A BOG 203 ? C5  ? D BOG 1   C5  
60 1 N 1 A BOG 203 ? O5  ? D BOG 1   O5  
61 1 N 1 A BOG 203 ? C6  ? D BOG 1   C6  
62 1 N 1 A BOG 203 ? O6  ? D BOG 1   O6  
63 1 N 1 A BOG 204 ? C1  ? E BOG 1   C1  
64 1 N 1 A BOG 204 ? C2  ? E BOG 1   C2  
65 1 N 1 A BOG 204 ? O2  ? E BOG 1   O2  
66 1 N 1 A BOG 204 ? C3  ? E BOG 1   C3  
67 1 N 1 A BOG 204 ? O3  ? E BOG 1   O3  
68 1 N 1 A BOG 204 ? C4  ? E BOG 1   C4  
69 1 N 1 A BOG 204 ? O4  ? E BOG 1   O4  
70 1 N 1 A BOG 204 ? C5  ? E BOG 1   C5  
71 1 N 1 A BOG 204 ? O5  ? E BOG 1   O5  
72 1 N 1 A BOG 204 ? C6  ? E BOG 1   C6  
73 1 N 1 A BOG 204 ? O6  ? E BOG 1   O6  
74 1 N 1 A BOG 205 ? C1  ? F BOG 1   C1  
75 1 N 1 A BOG 205 ? C2  ? F BOG 1   C2  
76 1 N 1 A BOG 205 ? O2  ? F BOG 1   O2  
77 1 N 1 A BOG 205 ? C3  ? F BOG 1   C3  
78 1 N 1 A BOG 205 ? O3  ? F BOG 1   O3  
79 1 N 1 A BOG 205 ? C4  ? F BOG 1   C4  
80 1 N 1 A BOG 205 ? O4  ? F BOG 1   O4  
81 1 N 1 A BOG 205 ? C5  ? F BOG 1   C5  
82 1 N 1 A BOG 205 ? O5  ? F BOG 1   O5  
83 1 N 1 A BOG 205 ? C6  ? F BOG 1   C6  
84 1 N 1 A BOG 205 ? O6  ? F BOG 1   O6  
85 1 N 1 A BOG 206 ? C1  ? G BOG 1   C1  
86 1 N 1 A BOG 206 ? C2  ? G BOG 1   C2  
87 1 N 1 A BOG 206 ? O2  ? G BOG 1   O2  
88 1 N 1 A BOG 206 ? C3  ? G BOG 1   C3  
89 1 N 1 A BOG 206 ? O3  ? G BOG 1   O3  
90 1 N 1 A BOG 206 ? C4  ? G BOG 1   C4  
91 1 N 1 A BOG 206 ? O4  ? G BOG 1   O4  
92 1 N 1 A BOG 206 ? C5  ? G BOG 1   C5  
93 1 N 1 A BOG 206 ? O5  ? G BOG 1   O5  
94 1 N 1 A BOG 206 ? C6  ? G BOG 1   C6  
95 1 N 1 A BOG 206 ? O6  ? G BOG 1   O6  
# 
loop_
_software.citation_id 
_software.classification 
_software.compiler_name 
_software.compiler_version 
_software.contact_author 
_software.contact_author_email 
_software.date 
_software.description 
_software.dependencies 
_software.hardware 
_software.language 
_software.location 
_software.mods 
_software.name 
_software.os 
_software.os_version 
_software.type 
_software.version 
_software.pdbx_ordinal 
? refinement       ? ? ? ? ? ? ? ? ? ? ? PHENIX  ? ? ? '(1.13_2998: ???)' 1 
? 'data reduction' ? ? ? ? ? ? ? ? ? ? ? XDS     ? ? ? .                  2 
? 'data scaling'   ? ? ? ? ? ? ? ? ? ? ? Aimless ? ? ? .                  3 
? phasing          ? ? ? ? ? ? ? ? ? ? ? AutoSol ? ? ? .                  4 
# 
_cell.angle_alpha                  90.00 
_cell.angle_alpha_esd              ? 
_cell.angle_beta                   90.00 
_cell.angle_beta_esd               ? 
_cell.angle_gamma                  90.00 
_cell.angle_gamma_esd              ? 
_cell.entry_id                     6EBU 
_cell.details                      ? 
_cell.formula_units_Z              ? 
_cell.length_a                     80.030 
_cell.length_a_esd                 ? 
_cell.length_b                     80.196 
_cell.length_b_esd                 ? 
_cell.length_c                     80.440 
_cell.length_c_esd                 ? 
_cell.volume                       ? 
_cell.volume_esd                   ? 
_cell.Z_PDB                        8 
_cell.reciprocal_angle_alpha       ? 
_cell.reciprocal_angle_beta        ? 
_cell.reciprocal_angle_gamma       ? 
_cell.reciprocal_angle_alpha_esd   ? 
_cell.reciprocal_angle_beta_esd    ? 
_cell.reciprocal_angle_gamma_esd   ? 
_cell.reciprocal_length_a          ? 
_cell.reciprocal_length_b          ? 
_cell.reciprocal_length_c          ? 
_cell.reciprocal_length_a_esd      ? 
_cell.reciprocal_length_b_esd      ? 
_cell.reciprocal_length_c_esd      ? 
_cell.pdbx_unique_axis             ? 
# 
_symmetry.entry_id                         6EBU 
_symmetry.cell_setting                     ? 
_symmetry.Int_Tables_number                20 
_symmetry.space_group_name_Hall            ? 
_symmetry.space_group_name_H-M             'C 2 2 21' 
_symmetry.pdbx_full_space_group_name_H-M   ? 
# 
_exptl.absorpt_coefficient_mu     ? 
_exptl.absorpt_correction_T_max   ? 
_exptl.absorpt_correction_T_min   ? 
_exptl.absorpt_correction_type    ? 
_exptl.absorpt_process_details    ? 
_exptl.entry_id                   6EBU 
_exptl.crystals_number            1 
_exptl.details                    ? 
_exptl.method                     'X-RAY DIFFRACTION' 
_exptl.method_details             ? 
# 
_exptl_crystal.colour                      ? 
_exptl_crystal.density_diffrn              ? 
_exptl_crystal.density_Matthews            3.16 
_exptl_crystal.density_method              ? 
_exptl_crystal.density_percent_sol         61.05 
_exptl_crystal.description                 ? 
_exptl_crystal.F_000                       ? 
_exptl_crystal.id                          1 
_exptl_crystal.preparation                 ? 
_exptl_crystal.size_max                    ? 
_exptl_crystal.size_mid                    ? 
_exptl_crystal.size_min                    ? 
_exptl_crystal.size_rad                    ? 
_exptl_crystal.colour_lustre               ? 
_exptl_crystal.colour_modifier             ? 
_exptl_crystal.colour_primary              ? 
_exptl_crystal.density_meas                ? 
_exptl_crystal.density_meas_esd            ? 
_exptl_crystal.density_meas_gt             ? 
_exptl_crystal.density_meas_lt             ? 
_exptl_crystal.density_meas_temp           ? 
_exptl_crystal.density_meas_temp_esd       ? 
_exptl_crystal.density_meas_temp_gt        ? 
_exptl_crystal.density_meas_temp_lt        ? 
_exptl_crystal.pdbx_crystal_image_url      ? 
_exptl_crystal.pdbx_crystal_image_format   ? 
_exptl_crystal.pdbx_mosaicity              ? 
_exptl_crystal.pdbx_mosaicity_esd          ? 
# 
_exptl_crystal_grow.apparatus       ? 
_exptl_crystal_grow.atmosphere      ? 
_exptl_crystal_grow.crystal_id      1 
_exptl_crystal_grow.details         ? 
_exptl_crystal_grow.method          'VAPOR DIFFUSION, SITTING DROP' 
_exptl_crystal_grow.method_ref      ? 
_exptl_crystal_grow.pH              ? 
_exptl_crystal_grow.pressure        ? 
_exptl_crystal_grow.pressure_esd    ? 
_exptl_crystal_grow.seeding         ? 
_exptl_crystal_grow.seeding_ref     ? 
_exptl_crystal_grow.temp            288 
_exptl_crystal_grow.temp_details    ? 
_exptl_crystal_grow.temp_esd        ? 
_exptl_crystal_grow.time            ? 
_exptl_crystal_grow.pdbx_details    
;12.5 mM Tris, 
75 mM NaCl, 
1 mM tris(2-carboxyethyl)phosphine (TCEP), 
0.4% beta-OG, 
45 mM HEPES, 
22.5 mM Li2SO4, 
4.5% glycerol, 
17.1% PEG600, 
0.095 mM CYMAL-7.
;
_exptl_crystal_grow.pdbx_pH_range   ? 
# 
_diffrn.ambient_environment              ? 
_diffrn.ambient_temp                     100 
_diffrn.ambient_temp_details             ? 
_diffrn.ambient_temp_esd                 ? 
_diffrn.crystal_id                       1 
_diffrn.crystal_support                  ? 
_diffrn.crystal_treatment                ? 
_diffrn.details                          ? 
_diffrn.id                               1 
_diffrn.ambient_pressure                 ? 
_diffrn.ambient_pressure_esd             ? 
_diffrn.ambient_pressure_gt              ? 
_diffrn.ambient_pressure_lt              ? 
_diffrn.ambient_temp_gt                  ? 
_diffrn.ambient_temp_lt                  ? 
_diffrn.pdbx_serial_crystal_experiment   ? 
# 
_diffrn_detector.details                      ? 
_diffrn_detector.detector                     PIXEL 
_diffrn_detector.diffrn_id                    1 
_diffrn_detector.type                         'DECTRIS PILATUS 6M-F' 
_diffrn_detector.area_resol_mean              ? 
_diffrn_detector.dtime                        ? 
_diffrn_detector.pdbx_frames_total            ? 
_diffrn_detector.pdbx_collection_time_total   ? 
_diffrn_detector.pdbx_collection_date         2016-03-14 
_diffrn_detector.pdbx_frequency               ? 
# 
_diffrn_radiation.collimation                      ? 
_diffrn_radiation.diffrn_id                        1 
_diffrn_radiation.filter_edge                      ? 
_diffrn_radiation.inhomogeneity                    ? 
_diffrn_radiation.monochromator                    ? 
_diffrn_radiation.polarisn_norm                    ? 
_diffrn_radiation.polarisn_ratio                   ? 
_diffrn_radiation.probe                            ? 
_diffrn_radiation.type                             ? 
_diffrn_radiation.xray_symbol                      ? 
_diffrn_radiation.wavelength_id                    1 
_diffrn_radiation.pdbx_monochromatic_or_laue_m_l   M 
_diffrn_radiation.pdbx_wavelength_list             ? 
_diffrn_radiation.pdbx_wavelength                  ? 
_diffrn_radiation.pdbx_diffrn_protocol             'SINGLE WAVELENGTH' 
_diffrn_radiation.pdbx_analyzer                    ? 
_diffrn_radiation.pdbx_scattering_type             x-ray 
# 
_diffrn_radiation_wavelength.id           1 
_diffrn_radiation_wavelength.wavelength   0.9792 
_diffrn_radiation_wavelength.wt           1.0 
# 
_diffrn_source.current                     ? 
_diffrn_source.details                     ? 
_diffrn_source.diffrn_id                   1 
_diffrn_source.power                       ? 
_diffrn_source.size                        ? 
_diffrn_source.source                      SYNCHROTRON 
_diffrn_source.target                      ? 
_diffrn_source.type                        'APS BEAMLINE 24-ID-C' 
_diffrn_source.voltage                     ? 
_diffrn_source.take-off_angle              ? 
_diffrn_source.pdbx_wavelength_list        0.9792 
_diffrn_source.pdbx_wavelength             ? 
_diffrn_source.pdbx_synchrotron_beamline   24-ID-C 
_diffrn_source.pdbx_synchrotron_site       APS 
# 
_reflns.B_iso_Wilson_estimate            ? 
_reflns.entry_id                         6EBU 
_reflns.data_reduction_details           ? 
_reflns.data_reduction_method            ? 
_reflns.d_resolution_high                2.372 
_reflns.d_resolution_low                 46.32 
_reflns.details                          ? 
_reflns.limit_h_max                      ? 
_reflns.limit_h_min                      ? 
_reflns.limit_k_max                      ? 
_reflns.limit_k_min                      ? 
_reflns.limit_l_max                      ? 
_reflns.limit_l_min                      ? 
_reflns.number_all                       ? 
_reflns.number_obs                       10720 
_reflns.observed_criterion               ? 
_reflns.observed_criterion_F_max         ? 
_reflns.observed_criterion_F_min         ? 
_reflns.observed_criterion_I_max         ? 
_reflns.observed_criterion_I_min         ? 
_reflns.observed_criterion_sigma_F       ? 
_reflns.observed_criterion_sigma_I       ? 
_reflns.percent_possible_obs             99.19 
_reflns.R_free_details                   ? 
_reflns.Rmerge_F_all                     ? 
_reflns.Rmerge_F_obs                     ? 
_reflns.Friedel_coverage                 ? 
_reflns.number_gt                        ? 
_reflns.threshold_expression             ? 
_reflns.pdbx_redundancy                  6.3 
_reflns.pdbx_Rmerge_I_obs                ? 
_reflns.pdbx_Rmerge_I_all                ? 
_reflns.pdbx_Rsym_value                  ? 
_reflns.pdbx_netI_over_av_sigmaI         ? 
_reflns.pdbx_netI_over_sigmaI            14.03 
_reflns.pdbx_res_netI_over_av_sigmaI_2   ? 
_reflns.pdbx_res_netI_over_sigmaI_2      ? 
_reflns.pdbx_chi_squared                 ? 
_reflns.pdbx_scaling_rejects             ? 
_reflns.pdbx_d_res_high_opt              ? 
_reflns.pdbx_d_res_low_opt               ? 
_reflns.pdbx_d_res_opt_method            ? 
_reflns.phase_calculation_details        ? 
_reflns.pdbx_Rrim_I_all                  0.09544 
_reflns.pdbx_Rpim_I_all                  ? 
_reflns.pdbx_d_opt                       ? 
_reflns.pdbx_number_measured_all         ? 
_reflns.pdbx_diffrn_id                   1 
_reflns.pdbx_ordinal                     1 
_reflns.pdbx_CC_half                     ? 
_reflns.pdbx_R_split                     ? 
# 
_reflns_shell.d_res_high                  2.372 
_reflns_shell.d_res_low                   2.457 
_reflns_shell.meanI_over_sigI_all         ? 
_reflns_shell.meanI_over_sigI_obs         ? 
_reflns_shell.number_measured_all         ? 
_reflns_shell.number_measured_obs         ? 
_reflns_shell.number_possible             ? 
_reflns_shell.number_unique_all           ? 
_reflns_shell.number_unique_obs           ? 
_reflns_shell.percent_possible_all        ? 
_reflns_shell.percent_possible_obs        ? 
_reflns_shell.Rmerge_F_all                ? 
_reflns_shell.Rmerge_F_obs                ? 
_reflns_shell.Rmerge_I_all                ? 
_reflns_shell.Rmerge_I_obs                ? 
_reflns_shell.meanI_over_sigI_gt          ? 
_reflns_shell.meanI_over_uI_all           ? 
_reflns_shell.meanI_over_uI_gt            ? 
_reflns_shell.number_measured_gt          ? 
_reflns_shell.number_unique_gt            ? 
_reflns_shell.percent_possible_gt         ? 
_reflns_shell.Rmerge_F_gt                 ? 
_reflns_shell.Rmerge_I_gt                 ? 
_reflns_shell.pdbx_redundancy             ? 
_reflns_shell.pdbx_Rsym_value             ? 
_reflns_shell.pdbx_chi_squared            ? 
_reflns_shell.pdbx_netI_over_sigmaI_all   ? 
_reflns_shell.pdbx_netI_over_sigmaI_obs   ? 
_reflns_shell.pdbx_Rrim_I_all             1.142 
_reflns_shell.pdbx_Rpim_I_all             ? 
_reflns_shell.pdbx_rejects                ? 
_reflns_shell.pdbx_ordinal                1 
_reflns_shell.pdbx_diffrn_id              1 
_reflns_shell.pdbx_CC_half                ? 
_reflns_shell.pdbx_R_split                ? 
# 
_refine.aniso_B[1][1]                            ? 
_refine.aniso_B[1][2]                            ? 
_refine.aniso_B[1][3]                            ? 
_refine.aniso_B[2][2]                            ? 
_refine.aniso_B[2][3]                            ? 
_refine.aniso_B[3][3]                            ? 
_refine.B_iso_max                                ? 
_refine.B_iso_mean                               ? 
_refine.B_iso_min                                ? 
_refine.correlation_coeff_Fo_to_Fc               ? 
_refine.correlation_coeff_Fo_to_Fc_free          ? 
_refine.details                                  ? 
_refine.diff_density_max                         ? 
_refine.diff_density_max_esd                     ? 
_refine.diff_density_min                         ? 
_refine.diff_density_min_esd                     ? 
_refine.diff_density_rms                         ? 
_refine.diff_density_rms_esd                     ? 
_refine.entry_id                                 6EBU 
_refine.pdbx_refine_id                           'X-RAY DIFFRACTION' 
_refine.ls_abs_structure_details                 ? 
_refine.ls_abs_structure_Flack                   ? 
_refine.ls_abs_structure_Flack_esd               ? 
_refine.ls_abs_structure_Rogers                  ? 
_refine.ls_abs_structure_Rogers_esd              ? 
_refine.ls_d_res_high                            2.372 
_refine.ls_d_res_low                             46.32 
_refine.ls_extinction_coef                       ? 
_refine.ls_extinction_coef_esd                   ? 
_refine.ls_extinction_expression                 ? 
_refine.ls_extinction_method                     ? 
_refine.ls_goodness_of_fit_all                   ? 
_refine.ls_goodness_of_fit_all_esd               ? 
_refine.ls_goodness_of_fit_obs                   ? 
_refine.ls_goodness_of_fit_obs_esd               ? 
_refine.ls_hydrogen_treatment                    ? 
_refine.ls_matrix_type                           ? 
_refine.ls_number_constraints                    ? 
_refine.ls_number_parameters                     ? 
_refine.ls_number_reflns_all                     ? 
_refine.ls_number_reflns_obs                     10718 
_refine.ls_number_reflns_R_free                  547 
_refine.ls_number_reflns_R_work                  ? 
_refine.ls_number_restraints                     ? 
_refine.ls_percent_reflns_obs                    99.19 
_refine.ls_percent_reflns_R_free                 5.10 
_refine.ls_R_factor_all                          ? 
_refine.ls_R_factor_obs                          0.2095 
_refine.ls_R_factor_R_free                       0.2305 
_refine.ls_R_factor_R_free_error                 ? 
_refine.ls_R_factor_R_free_error_details         ? 
_refine.ls_R_factor_R_work                       0.2083 
_refine.ls_R_Fsqd_factor_obs                     ? 
_refine.ls_R_I_factor_obs                        ? 
_refine.ls_redundancy_reflns_all                 ? 
_refine.ls_redundancy_reflns_obs                 ? 
_refine.ls_restrained_S_all                      ? 
_refine.ls_restrained_S_obs                      ? 
_refine.ls_shift_over_esd_max                    ? 
_refine.ls_shift_over_esd_mean                   ? 
_refine.ls_structure_factor_coef                 ? 
_refine.ls_weighting_details                     ? 
_refine.ls_weighting_scheme                      ? 
_refine.ls_wR_factor_all                         ? 
_refine.ls_wR_factor_obs                         ? 
_refine.ls_wR_factor_R_free                      ? 
_refine.ls_wR_factor_R_work                      ? 
_refine.occupancy_max                            ? 
_refine.occupancy_min                            ? 
_refine.solvent_model_details                    ? 
_refine.solvent_model_param_bsol                 ? 
_refine.solvent_model_param_ksol                 ? 
_refine.ls_R_factor_gt                           ? 
_refine.ls_goodness_of_fit_gt                    ? 
_refine.ls_goodness_of_fit_ref                   ? 
_refine.ls_shift_over_su_max                     ? 
_refine.ls_shift_over_su_max_lt                  ? 
_refine.ls_shift_over_su_mean                    ? 
_refine.ls_shift_over_su_mean_lt                 ? 
_refine.pdbx_ls_sigma_I                          ? 
_refine.pdbx_ls_sigma_F                          1.37 
_refine.pdbx_ls_sigma_Fsqd                       ? 
_refine.pdbx_data_cutoff_high_absF               ? 
_refine.pdbx_data_cutoff_high_rms_absF           ? 
_refine.pdbx_data_cutoff_low_absF                ? 
_refine.pdbx_isotropic_thermal_model             ? 
_refine.pdbx_ls_cross_valid_method               'FREE R-VALUE' 
_refine.pdbx_method_to_determine_struct          SAD 
_refine.pdbx_starting_model                      ? 
_refine.pdbx_stereochemistry_target_values       ? 
_refine.pdbx_R_Free_selection_details            ? 
_refine.pdbx_stereochem_target_val_spec_case     ? 
_refine.pdbx_overall_ESU_R                       ? 
_refine.pdbx_overall_ESU_R_Free                  ? 
_refine.pdbx_solvent_vdw_probe_radii             1.11 
_refine.pdbx_solvent_ion_probe_radii             ? 
_refine.pdbx_solvent_shrinkage_radii             0.90 
_refine.pdbx_real_space_R                        ? 
_refine.pdbx_density_correlation                 ? 
_refine.pdbx_pd_number_of_powder_patterns        ? 
_refine.pdbx_pd_number_of_points                 ? 
_refine.pdbx_pd_meas_number_of_points            ? 
_refine.pdbx_pd_proc_ls_prof_R_factor            ? 
_refine.pdbx_pd_proc_ls_prof_wR_factor           ? 
_refine.pdbx_pd_Marquardt_correlation_coeff      ? 
_refine.pdbx_pd_Fsqrd_R_factor                   ? 
_refine.pdbx_pd_ls_matrix_band_width             ? 
_refine.pdbx_overall_phase_error                 24.50 
_refine.pdbx_overall_SU_R_free_Cruickshank_DPI   ? 
_refine.pdbx_overall_SU_R_free_Blow_DPI          ? 
_refine.pdbx_overall_SU_R_Blow_DPI               ? 
_refine.pdbx_TLS_residual_ADP_flag               ? 
_refine.pdbx_diffrn_id                           1 
_refine.overall_SU_B                             ? 
_refine.overall_SU_ML                            0.30 
_refine.overall_SU_R_Cruickshank_DPI             ? 
_refine.overall_SU_R_free                        ? 
_refine.overall_FOM_free_R_set                   ? 
_refine.overall_FOM_work_R_set                   ? 
_refine.pdbx_average_fsc_overall                 ? 
_refine.pdbx_average_fsc_work                    ? 
_refine.pdbx_average_fsc_free                    ? 
# 
_refine_hist.pdbx_refine_id                   'X-RAY DIFFRACTION' 
_refine_hist.cycle_id                         LAST 
_refine_hist.pdbx_number_atoms_protein        1298 
_refine_hist.pdbx_number_atoms_nucleic_acid   0 
_refine_hist.pdbx_number_atoms_ligand         50 
_refine_hist.number_atoms_solvent             55 
_refine_hist.number_atoms_total               1403 
_refine_hist.d_res_high                       2.372 
_refine_hist.d_res_low                        46.32 
# 
loop_
_refine_ls_restr.pdbx_refine_id 
_refine_ls_restr.criterion 
_refine_ls_restr.dev_ideal 
_refine_ls_restr.dev_ideal_target 
_refine_ls_restr.number 
_refine_ls_restr.rejects 
_refine_ls_restr.type 
_refine_ls_restr.weight 
_refine_ls_restr.pdbx_restraint_function 
'X-RAY DIFFRACTION' ? 0.002 ? 1410 ? f_bond_d           ? ? 
'X-RAY DIFFRACTION' ? 0.478 ? 1893 ? f_angle_d          ? ? 
'X-RAY DIFFRACTION' ? 5.499 ? 1102 ? f_dihedral_angle_d ? ? 
'X-RAY DIFFRACTION' ? 0.036 ? 219  ? f_chiral_restr     ? ? 
'X-RAY DIFFRACTION' ? 0.005 ? 225  ? f_plane_restr      ? ? 
# 
loop_
_refine_ls_shell.pdbx_refine_id 
_refine_ls_shell.d_res_high 
_refine_ls_shell.d_res_low 
_refine_ls_shell.number_reflns_all 
_refine_ls_shell.number_reflns_obs 
_refine_ls_shell.number_reflns_R_free 
_refine_ls_shell.number_reflns_R_work 
_refine_ls_shell.percent_reflns_obs 
_refine_ls_shell.percent_reflns_R_free 
_refine_ls_shell.R_factor_all 
_refine_ls_shell.R_factor_obs 
_refine_ls_shell.R_factor_R_free 
_refine_ls_shell.R_factor_R_free_error 
_refine_ls_shell.R_factor_R_work 
_refine_ls_shell.redundancy_reflns_all 
_refine_ls_shell.redundancy_reflns_obs 
_refine_ls_shell.wR_factor_all 
_refine_ls_shell.wR_factor_obs 
_refine_ls_shell.wR_factor_R_free 
_refine_ls_shell.wR_factor_R_work 
_refine_ls_shell.pdbx_total_number_of_bins_used 
_refine_ls_shell.pdbx_phase_error 
_refine_ls_shell.pdbx_fsc_work 
_refine_ls_shell.pdbx_fsc_free 
'X-RAY DIFFRACTION' 2.3721 2.6109  . . 128 2448 97.00  . . . 0.2676 . 0.2328 . . . . . . . . . . 
'X-RAY DIFFRACTION' 2.6109 2.9886  . . 137 2548 100.00 . . . 0.2484 . 0.2032 . . . . . . . . . . 
'X-RAY DIFFRACTION' 2.9886 3.7653  . . 137 2533 100.00 . . . 0.2352 . 0.1859 . . . . . . . . . . 
'X-RAY DIFFRACTION' 3.7653 56.6645 . . 145 2642 100.00 . . . 0.2168 . 0.2174 . . . . . . . . . . 
# 
_struct.entry_id                     6EBU 
_struct.title                        'Crystal structure of Aquifex aeolicus LpxE' 
_struct.pdbx_model_details           ? 
_struct.pdbx_formula_weight          ? 
_struct.pdbx_formula_weight_method   ? 
_struct.pdbx_model_type_details      ? 
_struct.pdbx_CASP_flag               N 
# 
_struct_keywords.entry_id        6EBU 
_struct_keywords.text            'LpxE, lipid A 1-phosphatase, UppP, HYDROLASE' 
_struct_keywords.pdbx_keywords   HYDROLASE 
# 
loop_
_struct_asym.id 
_struct_asym.pdbx_blank_PDB_chainid_flag 
_struct_asym.pdbx_modified 
_struct_asym.entity_id 
_struct_asym.details 
A N N 1 ? 
B N N 2 ? 
C N N 3 ? 
D N N 3 ? 
E N N 3 ? 
F N N 3 ? 
G N N 3 ? 
H N N 4 ? 
# 
_struct_ref.id                         1 
_struct_ref.db_name                    UNP 
_struct_ref.db_code                    O67603_AQUAE 
_struct_ref.pdbx_db_accession          O67603 
_struct_ref.pdbx_db_isoform            ? 
_struct_ref.entity_id                  1 
_struct_ref.pdbx_seq_one_letter_code   
;MVIEDFALNLELFRLINNARHPLLDVFFTHFAYLGSGYVLFPLLIFLFIFRKEKVKPLILAIILETVLVISLKTFFNQPR
PAILLEDVNLLFPLHWRSFPSGDTAMAFTIATVLSHGEKLHIKAILFLYAFLIGYERIYAGVHFPLDVFVGALIGIICGI
ISLKYSKGGVYERN
;
_struct_ref.pdbx_align_begin           1 
# 
_struct_ref_seq.align_id                      1 
_struct_ref_seq.ref_id                        1 
_struct_ref_seq.pdbx_PDB_id_code              6EBU 
_struct_ref_seq.pdbx_strand_id                A 
_struct_ref_seq.seq_align_beg                 7 
_struct_ref_seq.pdbx_seq_align_beg_ins_code   ? 
_struct_ref_seq.seq_align_end                 180 
_struct_ref_seq.pdbx_seq_align_end_ins_code   ? 
_struct_ref_seq.pdbx_db_accession             O67603 
_struct_ref_seq.db_align_beg                  1 
_struct_ref_seq.pdbx_db_align_beg_ins_code    ? 
_struct_ref_seq.db_align_end                  174 
_struct_ref_seq.pdbx_db_align_end_ins_code    ? 
_struct_ref_seq.pdbx_auth_seq_align_beg       1 
_struct_ref_seq.pdbx_auth_seq_align_end       174 
# 
loop_
_struct_ref_seq_dif.align_id 
_struct_ref_seq_dif.pdbx_pdb_id_code 
_struct_ref_seq_dif.mon_id 
_struct_ref_seq_dif.pdbx_pdb_strand_id 
_struct_ref_seq_dif.seq_num 
_struct_ref_seq_dif.pdbx_pdb_ins_code 
_struct_ref_seq_dif.pdbx_seq_db_name 
_struct_ref_seq_dif.pdbx_seq_db_accession_code 
_struct_ref_seq_dif.db_mon_id 
_struct_ref_seq_dif.pdbx_seq_db_seq_num 
_struct_ref_seq_dif.details 
_struct_ref_seq_dif.pdbx_auth_seq_num 
_struct_ref_seq_dif.pdbx_ordinal 
1 6EBU GLY A 1  ? UNP O67603 ?   ?  'expression tag'      -5 1 
1 6EBU PRO A 2  ? UNP O67603 ?   ?  'expression tag'      -4 2 
1 6EBU ALA A 3  ? UNP O67603 ?   ?  'expression tag'      -3 3 
1 6EBU VAL A 4  ? UNP O67603 ?   ?  'expression tag'      -2 4 
1 6EBU PRO A 5  ? UNP O67603 ?   ?  'expression tag'      -1 5 
1 6EBU ARG A 6  ? UNP O67603 ?   ?  'expression tag'      0  6 
1 6EBU MET A 69 ? UNP O67603 ILE 63 'engineered mutation' 63 7 
# 
_pdbx_struct_assembly.id                   1 
_pdbx_struct_assembly.details              author_and_software_defined_assembly 
_pdbx_struct_assembly.method_details       PISA 
_pdbx_struct_assembly.oligomeric_details   monomeric 
_pdbx_struct_assembly.oligomeric_count     1 
# 
_pdbx_struct_assembly_gen.assembly_id       1 
_pdbx_struct_assembly_gen.oper_expression   1 
_pdbx_struct_assembly_gen.asym_id_list      A,B,C,D,E,F,G,H 
# 
_pdbx_struct_assembly_auth_evidence.id                     1 
_pdbx_struct_assembly_auth_evidence.assembly_id            1 
_pdbx_struct_assembly_auth_evidence.experimental_support   'gel filtration' 
_pdbx_struct_assembly_auth_evidence.details                ? 
# 
_pdbx_struct_oper_list.id                   1 
_pdbx_struct_oper_list.type                 'identity operation' 
_pdbx_struct_oper_list.name                 1_555 
_pdbx_struct_oper_list.symmetry_operation   x,y,z 
_pdbx_struct_oper_list.matrix[1][1]         1.0000000000 
_pdbx_struct_oper_list.matrix[1][2]         0.0000000000 
_pdbx_struct_oper_list.matrix[1][3]         0.0000000000 
_pdbx_struct_oper_list.vector[1]            0.0000000000 
_pdbx_struct_oper_list.matrix[2][1]         0.0000000000 
_pdbx_struct_oper_list.matrix[2][2]         1.0000000000 
_pdbx_struct_oper_list.matrix[2][3]         0.0000000000 
_pdbx_struct_oper_list.vector[2]            0.0000000000 
_pdbx_struct_oper_list.matrix[3][1]         0.0000000000 
_pdbx_struct_oper_list.matrix[3][2]         0.0000000000 
_pdbx_struct_oper_list.matrix[3][3]         1.0000000000 
_pdbx_struct_oper_list.vector[3]            0.0000000000 
# 
loop_
_struct_conf.conf_type_id 
_struct_conf.id 
_struct_conf.pdbx_PDB_helix_id 
_struct_conf.beg_label_comp_id 
_struct_conf.beg_label_asym_id 
_struct_conf.beg_label_seq_id 
_struct_conf.pdbx_beg_PDB_ins_code 
_struct_conf.end_label_comp_id 
_struct_conf.end_label_asym_id 
_struct_conf.end_label_seq_id 
_struct_conf.pdbx_end_PDB_ins_code 
_struct_conf.beg_auth_comp_id 
_struct_conf.beg_auth_asym_id 
_struct_conf.beg_auth_seq_id 
_struct_conf.end_auth_comp_id 
_struct_conf.end_auth_asym_id 
_struct_conf.end_auth_seq_id 
_struct_conf.pdbx_PDB_helix_class 
_struct_conf.details 
_struct_conf.pdbx_PDB_helix_length 
HELX_P HELX_P1 AA1 PHE A 12  ? ALA A 25  ? PHE A 6   ALA A 19  1 ? 14 
HELX_P HELX_P2 AA2 HIS A 27  ? ALA A 38  ? HIS A 21  ALA A 32  1 ? 12 
HELX_P HELX_P3 AA3 TYR A 39  ? TYR A 44  ? TYR A 33  TYR A 38  5 ? 6  
HELX_P HELX_P4 AA4 VAL A 45  ? ARG A 57  ? VAL A 39  ARG A 51  1 ? 13 
HELX_P HELX_P5 AA5 LYS A 60  ? ASN A 83  ? LYS A 54  ASN A 77  1 ? 24 
HELX_P HELX_P6 AA6 ARG A 86  ? LEU A 91  ? ARG A 80  LEU A 85  1 ? 6  
HELX_P HELX_P7 AA7 SER A 107 ? HIS A 122 ? SER A 101 HIS A 116 1 ? 16 
HELX_P HELX_P8 AA8 LYS A 125 ? ALA A 146 ? LYS A 119 ALA A 140 1 ? 22 
HELX_P HELX_P9 AA9 PHE A 150 ? TYR A 171 ? PHE A 144 TYR A 165 1 ? 22 
# 
_struct_conf_type.id          HELX_P 
_struct_conf_type.criteria    ? 
_struct_conf_type.reference   ? 
# 
_struct_mon_prot_cis.pdbx_id                1 
_struct_mon_prot_cis.label_comp_id          PHE 
_struct_mon_prot_cis.label_seq_id           105 
_struct_mon_prot_cis.label_asym_id          A 
_struct_mon_prot_cis.label_alt_id           . 
_struct_mon_prot_cis.pdbx_PDB_ins_code      ? 
_struct_mon_prot_cis.auth_comp_id           PHE 
_struct_mon_prot_cis.auth_seq_id            99 
_struct_mon_prot_cis.auth_asym_id           A 
_struct_mon_prot_cis.pdbx_label_comp_id_2   PRO 
_struct_mon_prot_cis.pdbx_label_seq_id_2    106 
_struct_mon_prot_cis.pdbx_label_asym_id_2   A 
_struct_mon_prot_cis.pdbx_PDB_ins_code_2    ? 
_struct_mon_prot_cis.pdbx_auth_comp_id_2    PRO 
_struct_mon_prot_cis.pdbx_auth_seq_id_2     100 
_struct_mon_prot_cis.pdbx_auth_asym_id_2    A 
_struct_mon_prot_cis.pdbx_PDB_model_num     1 
_struct_mon_prot_cis.pdbx_omega_angle       -7.95 
# 
loop_
_pdbx_validate_torsion.id 
_pdbx_validate_torsion.PDB_model_num 
_pdbx_validate_torsion.auth_comp_id 
_pdbx_validate_torsion.auth_asym_id 
_pdbx_validate_torsion.auth_seq_id 
_pdbx_validate_torsion.PDB_ins_code 
_pdbx_validate_torsion.label_alt_id 
_pdbx_validate_torsion.phi 
_pdbx_validate_torsion.psi 
1 1 ASP A 5  ? ? -100.18 74.22 
2 1 ARG A 51 ? ? -149.66 59.11 
# 
loop_
_pdbx_unobs_or_zero_occ_residues.id 
_pdbx_unobs_or_zero_occ_residues.PDB_model_num 
_pdbx_unobs_or_zero_occ_residues.polymer_flag 
_pdbx_unobs_or_zero_occ_residues.occupancy_flag 
_pdbx_unobs_or_zero_occ_residues.auth_asym_id 
_pdbx_unobs_or_zero_occ_residues.auth_comp_id 
_pdbx_unobs_or_zero_occ_residues.auth_seq_id 
_pdbx_unobs_or_zero_occ_residues.PDB_ins_code 
_pdbx_unobs_or_zero_occ_residues.label_asym_id 
_pdbx_unobs_or_zero_occ_residues.label_comp_id 
_pdbx_unobs_or_zero_occ_residues.label_seq_id 
1  1 Y 1 A GLY -5  ? A GLY 1   
2  1 Y 1 A PRO -4  ? A PRO 2   
3  1 Y 1 A ALA -3  ? A ALA 3   
4  1 Y 1 A VAL -2  ? A VAL 4   
5  1 Y 1 A PRO -1  ? A PRO 5   
6  1 Y 1 A ARG 0   ? A ARG 6   
7  1 Y 1 A SER 166 ? A SER 172 
8  1 Y 1 A LYS 167 ? A LYS 173 
9  1 Y 1 A GLY 168 ? A GLY 174 
10 1 Y 1 A GLY 169 ? A GLY 175 
11 1 Y 1 A VAL 170 ? A VAL 176 
12 1 Y 1 A TYR 171 ? A TYR 177 
13 1 Y 1 A GLU 172 ? A GLU 178 
14 1 Y 1 A ARG 173 ? A ARG 179 
15 1 Y 1 A ASN 174 ? A ASN 180 
# 
loop_
_chem_comp_atom.comp_id 
_chem_comp_atom.atom_id 
_chem_comp_atom.type_symbol 
_chem_comp_atom.pdbx_aromatic_flag 
_chem_comp_atom.pdbx_stereo_config 
_chem_comp_atom.pdbx_ordinal 
ALA N      N N N 1   
ALA CA     C N S 2   
ALA C      C N N 3   
ALA O      O N N 4   
ALA CB     C N N 5   
ALA OXT    O N N 6   
ALA H      H N N 7   
ALA H2     H N N 8   
ALA HA     H N N 9   
ALA HB1    H N N 10  
ALA HB2    H N N 11  
ALA HB3    H N N 12  
ALA HXT    H N N 13  
ARG N      N N N 14  
ARG CA     C N S 15  
ARG C      C N N 16  
ARG O      O N N 17  
ARG CB     C N N 18  
ARG CG     C N N 19  
ARG CD     C N N 20  
ARG NE     N N N 21  
ARG CZ     C N N 22  
ARG NH1    N N N 23  
ARG NH2    N N N 24  
ARG OXT    O N N 25  
ARG H      H N N 26  
ARG H2     H N N 27  
ARG HA     H N N 28  
ARG HB2    H N N 29  
ARG HB3    H N N 30  
ARG HG2    H N N 31  
ARG HG3    H N N 32  
ARG HD2    H N N 33  
ARG HD3    H N N 34  
ARG HE     H N N 35  
ARG HH11   H N N 36  
ARG HH12   H N N 37  
ARG HH21   H N N 38  
ARG HH22   H N N 39  
ARG HXT    H N N 40  
ASN N      N N N 41  
ASN CA     C N S 42  
ASN C      C N N 43  
ASN O      O N N 44  
ASN CB     C N N 45  
ASN CG     C N N 46  
ASN OD1    O N N 47  
ASN ND2    N N N 48  
ASN OXT    O N N 49  
ASN H      H N N 50  
ASN H2     H N N 51  
ASN HA     H N N 52  
ASN HB2    H N N 53  
ASN HB3    H N N 54  
ASN HD21   H N N 55  
ASN HD22   H N N 56  
ASN HXT    H N N 57  
ASP N      N N N 58  
ASP CA     C N S 59  
ASP C      C N N 60  
ASP O      O N N 61  
ASP CB     C N N 62  
ASP CG     C N N 63  
ASP OD1    O N N 64  
ASP OD2    O N N 65  
ASP OXT    O N N 66  
ASP H      H N N 67  
ASP H2     H N N 68  
ASP HA     H N N 69  
ASP HB2    H N N 70  
ASP HB3    H N N 71  
ASP HD2    H N N 72  
ASP HXT    H N N 73  
BOG C1     C N R 74  
BOG O1     O N N 75  
BOG C2     C N R 76  
BOG O2     O N N 77  
BOG C3     C N S 78  
BOG O3     O N N 79  
BOG C4     C N S 80  
BOG O4     O N N 81  
BOG C5     C N R 82  
BOG O5     O N N 83  
BOG C6     C N N 84  
BOG O6     O N N 85  
BOG "C1'"  C N N 86  
BOG "C2'"  C N N 87  
BOG "C3'"  C N N 88  
BOG "C4'"  C N N 89  
BOG "C5'"  C N N 90  
BOG "C6'"  C N N 91  
BOG "C7'"  C N N 92  
BOG "C8'"  C N N 93  
BOG H1     H N N 94  
BOG H2     H N N 95  
BOG HO2    H N N 96  
BOG H3     H N N 97  
BOG HO3    H N N 98  
BOG H4     H N N 99  
BOG HO4    H N N 100 
BOG H5     H N N 101 
BOG H61    H N N 102 
BOG H62    H N N 103 
BOG HO6    H N N 104 
BOG "H1'1" H N N 105 
BOG "H1'2" H N N 106 
BOG "H2'1" H N N 107 
BOG "H2'2" H N N 108 
BOG "H3'1" H N N 109 
BOG "H3'2" H N N 110 
BOG "H4'1" H N N 111 
BOG "H4'2" H N N 112 
BOG "H5'1" H N N 113 
BOG "H5'2" H N N 114 
BOG "H6'1" H N N 115 
BOG "H6'2" H N N 116 
BOG "H7'1" H N N 117 
BOG "H7'2" H N N 118 
BOG "H8'1" H N N 119 
BOG "H8'2" H N N 120 
BOG "H8'3" H N N 121 
CYS N      N N N 122 
CYS CA     C N R 123 
CYS C      C N N 124 
CYS O      O N N 125 
CYS CB     C N N 126 
CYS SG     S N N 127 
CYS OXT    O N N 128 
CYS H      H N N 129 
CYS H2     H N N 130 
CYS HA     H N N 131 
CYS HB2    H N N 132 
CYS HB3    H N N 133 
CYS HG     H N N 134 
CYS HXT    H N N 135 
GLN N      N N N 136 
GLN CA     C N S 137 
GLN C      C N N 138 
GLN O      O N N 139 
GLN CB     C N N 140 
GLN CG     C N N 141 
GLN CD     C N N 142 
GLN OE1    O N N 143 
GLN NE2    N N N 144 
GLN OXT    O N N 145 
GLN H      H N N 146 
GLN H2     H N N 147 
GLN HA     H N N 148 
GLN HB2    H N N 149 
GLN HB3    H N N 150 
GLN HG2    H N N 151 
GLN HG3    H N N 152 
GLN HE21   H N N 153 
GLN HE22   H N N 154 
GLN HXT    H N N 155 
GLU N      N N N 156 
GLU CA     C N S 157 
GLU C      C N N 158 
GLU O      O N N 159 
GLU CB     C N N 160 
GLU CG     C N N 161 
GLU CD     C N N 162 
GLU OE1    O N N 163 
GLU OE2    O N N 164 
GLU OXT    O N N 165 
GLU H      H N N 166 
GLU H2     H N N 167 
GLU HA     H N N 168 
GLU HB2    H N N 169 
GLU HB3    H N N 170 
GLU HG2    H N N 171 
GLU HG3    H N N 172 
GLU HE2    H N N 173 
GLU HXT    H N N 174 
GLY N      N N N 175 
GLY CA     C N N 176 
GLY C      C N N 177 
GLY O      O N N 178 
GLY OXT    O N N 179 
GLY H      H N N 180 
GLY H2     H N N 181 
GLY HA2    H N N 182 
GLY HA3    H N N 183 
GLY HXT    H N N 184 
HIS N      N N N 185 
HIS CA     C N S 186 
HIS C      C N N 187 
HIS O      O N N 188 
HIS CB     C N N 189 
HIS CG     C Y N 190 
HIS ND1    N Y N 191 
HIS CD2    C Y N 192 
HIS CE1    C Y N 193 
HIS NE2    N Y N 194 
HIS OXT    O N N 195 
HIS H      H N N 196 
HIS H2     H N N 197 
HIS HA     H N N 198 
HIS HB2    H N N 199 
HIS HB3    H N N 200 
HIS HD1    H N N 201 
HIS HD2    H N N 202 
HIS HE1    H N N 203 
HIS HE2    H N N 204 
HIS HXT    H N N 205 
HOH O      O N N 206 
HOH H1     H N N 207 
HOH H2     H N N 208 
ILE N      N N N 209 
ILE CA     C N S 210 
ILE C      C N N 211 
ILE O      O N N 212 
ILE CB     C N S 213 
ILE CG1    C N N 214 
ILE CG2    C N N 215 
ILE CD1    C N N 216 
ILE OXT    O N N 217 
ILE H      H N N 218 
ILE H2     H N N 219 
ILE HA     H N N 220 
ILE HB     H N N 221 
ILE HG12   H N N 222 
ILE HG13   H N N 223 
ILE HG21   H N N 224 
ILE HG22   H N N 225 
ILE HG23   H N N 226 
ILE HD11   H N N 227 
ILE HD12   H N N 228 
ILE HD13   H N N 229 
ILE HXT    H N N 230 
LEU N      N N N 231 
LEU CA     C N S 232 
LEU C      C N N 233 
LEU O      O N N 234 
LEU CB     C N N 235 
LEU CG     C N N 236 
LEU CD1    C N N 237 
LEU CD2    C N N 238 
LEU OXT    O N N 239 
LEU H      H N N 240 
LEU H2     H N N 241 
LEU HA     H N N 242 
LEU HB2    H N N 243 
LEU HB3    H N N 244 
LEU HG     H N N 245 
LEU HD11   H N N 246 
LEU HD12   H N N 247 
LEU HD13   H N N 248 
LEU HD21   H N N 249 
LEU HD22   H N N 250 
LEU HD23   H N N 251 
LEU HXT    H N N 252 
LYS N      N N N 253 
LYS CA     C N S 254 
LYS C      C N N 255 
LYS O      O N N 256 
LYS CB     C N N 257 
LYS CG     C N N 258 
LYS CD     C N N 259 
LYS CE     C N N 260 
LYS NZ     N N N 261 
LYS OXT    O N N 262 
LYS H      H N N 263 
LYS H2     H N N 264 
LYS HA     H N N 265 
LYS HB2    H N N 266 
LYS HB3    H N N 267 
LYS HG2    H N N 268 
LYS HG3    H N N 269 
LYS HD2    H N N 270 
LYS HD3    H N N 271 
LYS HE2    H N N 272 
LYS HE3    H N N 273 
LYS HZ1    H N N 274 
LYS HZ2    H N N 275 
LYS HZ3    H N N 276 
LYS HXT    H N N 277 
MET N      N N N 278 
MET CA     C N S 279 
MET C      C N N 280 
MET O      O N N 281 
MET CB     C N N 282 
MET CG     C N N 283 
MET SD     S N N 284 
MET CE     C N N 285 
MET OXT    O N N 286 
MET H      H N N 287 
MET H2     H N N 288 
MET HA     H N N 289 
MET HB2    H N N 290 
MET HB3    H N N 291 
MET HG2    H N N 292 
MET HG3    H N N 293 
MET HE1    H N N 294 
MET HE2    H N N 295 
MET HE3    H N N 296 
MET HXT    H N N 297 
PHE N      N N N 298 
PHE CA     C N S 299 
PHE C      C N N 300 
PHE O      O N N 301 
PHE CB     C N N 302 
PHE CG     C Y N 303 
PHE CD1    C Y N 304 
PHE CD2    C Y N 305 
PHE CE1    C Y N 306 
PHE CE2    C Y N 307 
PHE CZ     C Y N 308 
PHE OXT    O N N 309 
PHE H      H N N 310 
PHE H2     H N N 311 
PHE HA     H N N 312 
PHE HB2    H N N 313 
PHE HB3    H N N 314 
PHE HD1    H N N 315 
PHE HD2    H N N 316 
PHE HE1    H N N 317 
PHE HE2    H N N 318 
PHE HZ     H N N 319 
PHE HXT    H N N 320 
PRO N      N N N 321 
PRO CA     C N S 322 
PRO C      C N N 323 
PRO O      O N N 324 
PRO CB     C N N 325 
PRO CG     C N N 326 
PRO CD     C N N 327 
PRO OXT    O N N 328 
PRO H      H N N 329 
PRO HA     H N N 330 
PRO HB2    H N N 331 
PRO HB3    H N N 332 
PRO HG2    H N N 333 
PRO HG3    H N N 334 
PRO HD2    H N N 335 
PRO HD3    H N N 336 
PRO HXT    H N N 337 
SER N      N N N 338 
SER CA     C N S 339 
SER C      C N N 340 
SER O      O N N 341 
SER CB     C N N 342 
SER OG     O N N 343 
SER OXT    O N N 344 
SER H      H N N 345 
SER H2     H N N 346 
SER HA     H N N 347 
SER HB2    H N N 348 
SER HB3    H N N 349 
SER HG     H N N 350 
SER HXT    H N N 351 
SO4 S      S N N 352 
SO4 O1     O N N 353 
SO4 O2     O N N 354 
SO4 O3     O N N 355 
SO4 O4     O N N 356 
THR N      N N N 357 
THR CA     C N S 358 
THR C      C N N 359 
THR O      O N N 360 
THR CB     C N R 361 
THR OG1    O N N 362 
THR CG2    C N N 363 
THR OXT    O N N 364 
THR H      H N N 365 
THR H2     H N N 366 
THR HA     H N N 367 
THR HB     H N N 368 
THR HG1    H N N 369 
THR HG21   H N N 370 
THR HG22   H N N 371 
THR HG23   H N N 372 
THR HXT    H N N 373 
TRP N      N N N 374 
TRP CA     C N S 375 
TRP C      C N N 376 
TRP O      O N N 377 
TRP CB     C N N 378 
TRP CG     C Y N 379 
TRP CD1    C Y N 380 
TRP CD2    C Y N 381 
TRP NE1    N Y N 382 
TRP CE2    C Y N 383 
TRP CE3    C Y N 384 
TRP CZ2    C Y N 385 
TRP CZ3    C Y N 386 
TRP CH2    C Y N 387 
TRP OXT    O N N 388 
TRP H      H N N 389 
TRP H2     H N N 390 
TRP HA     H N N 391 
TRP HB2    H N N 392 
TRP HB3    H N N 393 
TRP HD1    H N N 394 
TRP HE1    H N N 395 
TRP HE3    H N N 396 
TRP HZ2    H N N 397 
TRP HZ3    H N N 398 
TRP HH2    H N N 399 
TRP HXT    H N N 400 
TYR N      N N N 401 
TYR CA     C N S 402 
TYR C      C N N 403 
TYR O      O N N 404 
TYR CB     C N N 405 
TYR CG     C Y N 406 
TYR CD1    C Y N 407 
TYR CD2    C Y N 408 
TYR CE1    C Y N 409 
TYR CE2    C Y N 410 
TYR CZ     C Y N 411 
TYR OH     O N N 412 
TYR OXT    O N N 413 
TYR H      H N N 414 
TYR H2     H N N 415 
TYR HA     H N N 416 
TYR HB2    H N N 417 
TYR HB3    H N N 418 
TYR HD1    H N N 419 
TYR HD2    H N N 420 
TYR HE1    H N N 421 
TYR HE2    H N N 422 
TYR HH     H N N 423 
TYR HXT    H N N 424 
VAL N      N N N 425 
VAL CA     C N S 426 
VAL C      C N N 427 
VAL O      O N N 428 
VAL CB     C N N 429 
VAL CG1    C N N 430 
VAL CG2    C N N 431 
VAL OXT    O N N 432 
VAL H      H N N 433 
VAL H2     H N N 434 
VAL HA     H N N 435 
VAL HB     H N N 436 
VAL HG11   H N N 437 
VAL HG12   H N N 438 
VAL HG13   H N N 439 
VAL HG21   H N N 440 
VAL HG22   H N N 441 
VAL HG23   H N N 442 
VAL HXT    H N N 443 
# 
loop_
_chem_comp_bond.comp_id 
_chem_comp_bond.atom_id_1 
_chem_comp_bond.atom_id_2 
_chem_comp_bond.value_order 
_chem_comp_bond.pdbx_aromatic_flag 
_chem_comp_bond.pdbx_stereo_config 
_chem_comp_bond.pdbx_ordinal 
ALA N     CA     sing N N 1   
ALA N     H      sing N N 2   
ALA N     H2     sing N N 3   
ALA CA    C      sing N N 4   
ALA CA    CB     sing N N 5   
ALA CA    HA     sing N N 6   
ALA C     O      doub N N 7   
ALA C     OXT    sing N N 8   
ALA CB    HB1    sing N N 9   
ALA CB    HB2    sing N N 10  
ALA CB    HB3    sing N N 11  
ALA OXT   HXT    sing N N 12  
ARG N     CA     sing N N 13  
ARG N     H      sing N N 14  
ARG N     H2     sing N N 15  
ARG CA    C      sing N N 16  
ARG CA    CB     sing N N 17  
ARG CA    HA     sing N N 18  
ARG C     O      doub N N 19  
ARG C     OXT    sing N N 20  
ARG CB    CG     sing N N 21  
ARG CB    HB2    sing N N 22  
ARG CB    HB3    sing N N 23  
ARG CG    CD     sing N N 24  
ARG CG    HG2    sing N N 25  
ARG CG    HG3    sing N N 26  
ARG CD    NE     sing N N 27  
ARG CD    HD2    sing N N 28  
ARG CD    HD3    sing N N 29  
ARG NE    CZ     sing N N 30  
ARG NE    HE     sing N N 31  
ARG CZ    NH1    sing N N 32  
ARG CZ    NH2    doub N N 33  
ARG NH1   HH11   sing N N 34  
ARG NH1   HH12   sing N N 35  
ARG NH2   HH21   sing N N 36  
ARG NH2   HH22   sing N N 37  
ARG OXT   HXT    sing N N 38  
ASN N     CA     sing N N 39  
ASN N     H      sing N N 40  
ASN N     H2     sing N N 41  
ASN CA    C      sing N N 42  
ASN CA    CB     sing N N 43  
ASN CA    HA     sing N N 44  
ASN C     O      doub N N 45  
ASN C     OXT    sing N N 46  
ASN CB    CG     sing N N 47  
ASN CB    HB2    sing N N 48  
ASN CB    HB3    sing N N 49  
ASN CG    OD1    doub N N 50  
ASN CG    ND2    sing N N 51  
ASN ND2   HD21   sing N N 52  
ASN ND2   HD22   sing N N 53  
ASN OXT   HXT    sing N N 54  
ASP N     CA     sing N N 55  
ASP N     H      sing N N 56  
ASP N     H2     sing N N 57  
ASP CA    C      sing N N 58  
ASP CA    CB     sing N N 59  
ASP CA    HA     sing N N 60  
ASP C     O      doub N N 61  
ASP C     OXT    sing N N 62  
ASP CB    CG     sing N N 63  
ASP CB    HB2    sing N N 64  
ASP CB    HB3    sing N N 65  
ASP CG    OD1    doub N N 66  
ASP CG    OD2    sing N N 67  
ASP OD2   HD2    sing N N 68  
ASP OXT   HXT    sing N N 69  
BOG C1    O1     sing N N 70  
BOG C1    C2     sing N N 71  
BOG C1    O5     sing N N 72  
BOG C1    H1     sing N N 73  
BOG O1    "C1'"  sing N N 74  
BOG C2    O2     sing N N 75  
BOG C2    C3     sing N N 76  
BOG C2    H2     sing N N 77  
BOG O2    HO2    sing N N 78  
BOG C3    O3     sing N N 79  
BOG C3    C4     sing N N 80  
BOG C3    H3     sing N N 81  
BOG O3    HO3    sing N N 82  
BOG C4    O4     sing N N 83  
BOG C4    C5     sing N N 84  
BOG C4    H4     sing N N 85  
BOG O4    HO4    sing N N 86  
BOG C5    O5     sing N N 87  
BOG C5    C6     sing N N 88  
BOG C5    H5     sing N N 89  
BOG C6    O6     sing N N 90  
BOG C6    H61    sing N N 91  
BOG C6    H62    sing N N 92  
BOG O6    HO6    sing N N 93  
BOG "C1'" "C2'"  sing N N 94  
BOG "C1'" "H1'1" sing N N 95  
BOG "C1'" "H1'2" sing N N 96  
BOG "C2'" "C3'"  sing N N 97  
BOG "C2'" "H2'1" sing N N 98  
BOG "C2'" "H2'2" sing N N 99  
BOG "C3'" "C4'"  sing N N 100 
BOG "C3'" "H3'1" sing N N 101 
BOG "C3'" "H3'2" sing N N 102 
BOG "C4'" "C5'"  sing N N 103 
BOG "C4'" "H4'1" sing N N 104 
BOG "C4'" "H4'2" sing N N 105 
BOG "C5'" "C6'"  sing N N 106 
BOG "C5'" "H5'1" sing N N 107 
BOG "C5'" "H5'2" sing N N 108 
BOG "C6'" "C7'"  sing N N 109 
BOG "C6'" "H6'1" sing N N 110 
BOG "C6'" "H6'2" sing N N 111 
BOG "C7'" "C8'"  sing N N 112 
BOG "C7'" "H7'1" sing N N 113 
BOG "C7'" "H7'2" sing N N 114 
BOG "C8'" "H8'1" sing N N 115 
BOG "C8'" "H8'2" sing N N 116 
BOG "C8'" "H8'3" sing N N 117 
CYS N     CA     sing N N 118 
CYS N     H      sing N N 119 
CYS N     H2     sing N N 120 
CYS CA    C      sing N N 121 
CYS CA    CB     sing N N 122 
CYS CA    HA     sing N N 123 
CYS C     O      doub N N 124 
CYS C     OXT    sing N N 125 
CYS CB    SG     sing N N 126 
CYS CB    HB2    sing N N 127 
CYS CB    HB3    sing N N 128 
CYS SG    HG     sing N N 129 
CYS OXT   HXT    sing N N 130 
GLN N     CA     sing N N 131 
GLN N     H      sing N N 132 
GLN N     H2     sing N N 133 
GLN CA    C      sing N N 134 
GLN CA    CB     sing N N 135 
GLN CA    HA     sing N N 136 
GLN C     O      doub N N 137 
GLN C     OXT    sing N N 138 
GLN CB    CG     sing N N 139 
GLN CB    HB2    sing N N 140 
GLN CB    HB3    sing N N 141 
GLN CG    CD     sing N N 142 
GLN CG    HG2    sing N N 143 
GLN CG    HG3    sing N N 144 
GLN CD    OE1    doub N N 145 
GLN CD    NE2    sing N N 146 
GLN NE2   HE21   sing N N 147 
GLN NE2   HE22   sing N N 148 
GLN OXT   HXT    sing N N 149 
GLU N     CA     sing N N 150 
GLU N     H      sing N N 151 
GLU N     H2     sing N N 152 
GLU CA    C      sing N N 153 
GLU CA    CB     sing N N 154 
GLU CA    HA     sing N N 155 
GLU C     O      doub N N 156 
GLU C     OXT    sing N N 157 
GLU CB    CG     sing N N 158 
GLU CB    HB2    sing N N 159 
GLU CB    HB3    sing N N 160 
GLU CG    CD     sing N N 161 
GLU CG    HG2    sing N N 162 
GLU CG    HG3    sing N N 163 
GLU CD    OE1    doub N N 164 
GLU CD    OE2    sing N N 165 
GLU OE2   HE2    sing N N 166 
GLU OXT   HXT    sing N N 167 
GLY N     CA     sing N N 168 
GLY N     H      sing N N 169 
GLY N     H2     sing N N 170 
GLY CA    C      sing N N 171 
GLY CA    HA2    sing N N 172 
GLY CA    HA3    sing N N 173 
GLY C     O      doub N N 174 
GLY C     OXT    sing N N 175 
GLY OXT   HXT    sing N N 176 
HIS N     CA     sing N N 177 
HIS N     H      sing N N 178 
HIS N     H2     sing N N 179 
HIS CA    C      sing N N 180 
HIS CA    CB     sing N N 181 
HIS CA    HA     sing N N 182 
HIS C     O      doub N N 183 
HIS C     OXT    sing N N 184 
HIS CB    CG     sing N N 185 
HIS CB    HB2    sing N N 186 
HIS CB    HB3    sing N N 187 
HIS CG    ND1    sing Y N 188 
HIS CG    CD2    doub Y N 189 
HIS ND1   CE1    doub Y N 190 
HIS ND1   HD1    sing N N 191 
HIS CD2   NE2    sing Y N 192 
HIS CD2   HD2    sing N N 193 
HIS CE1   NE2    sing Y N 194 
HIS CE1   HE1    sing N N 195 
HIS NE2   HE2    sing N N 196 
HIS OXT   HXT    sing N N 197 
HOH O     H1     sing N N 198 
HOH O     H2     sing N N 199 
ILE N     CA     sing N N 200 
ILE N     H      sing N N 201 
ILE N     H2     sing N N 202 
ILE CA    C      sing N N 203 
ILE CA    CB     sing N N 204 
ILE CA    HA     sing N N 205 
ILE C     O      doub N N 206 
ILE C     OXT    sing N N 207 
ILE CB    CG1    sing N N 208 
ILE CB    CG2    sing N N 209 
ILE CB    HB     sing N N 210 
ILE CG1   CD1    sing N N 211 
ILE CG1   HG12   sing N N 212 
ILE CG1   HG13   sing N N 213 
ILE CG2   HG21   sing N N 214 
ILE CG2   HG22   sing N N 215 
ILE CG2   HG23   sing N N 216 
ILE CD1   HD11   sing N N 217 
ILE CD1   HD12   sing N N 218 
ILE CD1   HD13   sing N N 219 
ILE OXT   HXT    sing N N 220 
LEU N     CA     sing N N 221 
LEU N     H      sing N N 222 
LEU N     H2     sing N N 223 
LEU CA    C      sing N N 224 
LEU CA    CB     sing N N 225 
LEU CA    HA     sing N N 226 
LEU C     O      doub N N 227 
LEU C     OXT    sing N N 228 
LEU CB    CG     sing N N 229 
LEU CB    HB2    sing N N 230 
LEU CB    HB3    sing N N 231 
LEU CG    CD1    sing N N 232 
LEU CG    CD2    sing N N 233 
LEU CG    HG     sing N N 234 
LEU CD1   HD11   sing N N 235 
LEU CD1   HD12   sing N N 236 
LEU CD1   HD13   sing N N 237 
LEU CD2   HD21   sing N N 238 
LEU CD2   HD22   sing N N 239 
LEU CD2   HD23   sing N N 240 
LEU OXT   HXT    sing N N 241 
LYS N     CA     sing N N 242 
LYS N     H      sing N N 243 
LYS N     H2     sing N N 244 
LYS CA    C      sing N N 245 
LYS CA    CB     sing N N 246 
LYS CA    HA     sing N N 247 
LYS C     O      doub N N 248 
LYS C     OXT    sing N N 249 
LYS CB    CG     sing N N 250 
LYS CB    HB2    sing N N 251 
LYS CB    HB3    sing N N 252 
LYS CG    CD     sing N N 253 
LYS CG    HG2    sing N N 254 
LYS CG    HG3    sing N N 255 
LYS CD    CE     sing N N 256 
LYS CD    HD2    sing N N 257 
LYS CD    HD3    sing N N 258 
LYS CE    NZ     sing N N 259 
LYS CE    HE2    sing N N 260 
LYS CE    HE3    sing N N 261 
LYS NZ    HZ1    sing N N 262 
LYS NZ    HZ2    sing N N 263 
LYS NZ    HZ3    sing N N 264 
LYS OXT   HXT    sing N N 265 
MET N     CA     sing N N 266 
MET N     H      sing N N 267 
MET N     H2     sing N N 268 
MET CA    C      sing N N 269 
MET CA    CB     sing N N 270 
MET CA    HA     sing N N 271 
MET C     O      doub N N 272 
MET C     OXT    sing N N 273 
MET CB    CG     sing N N 274 
MET CB    HB2    sing N N 275 
MET CB    HB3    sing N N 276 
MET CG    SD     sing N N 277 
MET CG    HG2    sing N N 278 
MET CG    HG3    sing N N 279 
MET SD    CE     sing N N 280 
MET CE    HE1    sing N N 281 
MET CE    HE2    sing N N 282 
MET CE    HE3    sing N N 283 
MET OXT   HXT    sing N N 284 
PHE N     CA     sing N N 285 
PHE N     H      sing N N 286 
PHE N     H2     sing N N 287 
PHE CA    C      sing N N 288 
PHE CA    CB     sing N N 289 
PHE CA    HA     sing N N 290 
PHE C     O      doub N N 291 
PHE C     OXT    sing N N 292 
PHE CB    CG     sing N N 293 
PHE CB    HB2    sing N N 294 
PHE CB    HB3    sing N N 295 
PHE CG    CD1    doub Y N 296 
PHE CG    CD2    sing Y N 297 
PHE CD1   CE1    sing Y N 298 
PHE CD1   HD1    sing N N 299 
PHE CD2   CE2    doub Y N 300 
PHE CD2   HD2    sing N N 301 
PHE CE1   CZ     doub Y N 302 
PHE CE1   HE1    sing N N 303 
PHE CE2   CZ     sing Y N 304 
PHE CE2   HE2    sing N N 305 
PHE CZ    HZ     sing N N 306 
PHE OXT   HXT    sing N N 307 
PRO N     CA     sing N N 308 
PRO N     CD     sing N N 309 
PRO N     H      sing N N 310 
PRO CA    C      sing N N 311 
PRO CA    CB     sing N N 312 
PRO CA    HA     sing N N 313 
PRO C     O      doub N N 314 
PRO C     OXT    sing N N 315 
PRO CB    CG     sing N N 316 
PRO CB    HB2    sing N N 317 
PRO CB    HB3    sing N N 318 
PRO CG    CD     sing N N 319 
PRO CG    HG2    sing N N 320 
PRO CG    HG3    sing N N 321 
PRO CD    HD2    sing N N 322 
PRO CD    HD3    sing N N 323 
PRO OXT   HXT    sing N N 324 
SER N     CA     sing N N 325 
SER N     H      sing N N 326 
SER N     H2     sing N N 327 
SER CA    C      sing N N 328 
SER CA    CB     sing N N 329 
SER CA    HA     sing N N 330 
SER C     O      doub N N 331 
SER C     OXT    sing N N 332 
SER CB    OG     sing N N 333 
SER CB    HB2    sing N N 334 
SER CB    HB3    sing N N 335 
SER OG    HG     sing N N 336 
SER OXT   HXT    sing N N 337 
SO4 S     O1     doub N N 338 
SO4 S     O2     doub N N 339 
SO4 S     O3     sing N N 340 
SO4 S     O4     sing N N 341 
THR N     CA     sing N N 342 
THR N     H      sing N N 343 
THR N     H2     sing N N 344 
THR CA    C      sing N N 345 
THR CA    CB     sing N N 346 
THR CA    HA     sing N N 347 
THR C     O      doub N N 348 
THR C     OXT    sing N N 349 
THR CB    OG1    sing N N 350 
THR CB    CG2    sing N N 351 
THR CB    HB     sing N N 352 
THR OG1   HG1    sing N N 353 
THR CG2   HG21   sing N N 354 
THR CG2   HG22   sing N N 355 
THR CG2   HG23   sing N N 356 
THR OXT   HXT    sing N N 357 
TRP N     CA     sing N N 358 
TRP N     H      sing N N 359 
TRP N     H2     sing N N 360 
TRP CA    C      sing N N 361 
TRP CA    CB     sing N N 362 
TRP CA    HA     sing N N 363 
TRP C     O      doub N N 364 
TRP C     OXT    sing N N 365 
TRP CB    CG     sing N N 366 
TRP CB    HB2    sing N N 367 
TRP CB    HB3    sing N N 368 
TRP CG    CD1    doub Y N 369 
TRP CG    CD2    sing Y N 370 
TRP CD1   NE1    sing Y N 371 
TRP CD1   HD1    sing N N 372 
TRP CD2   CE2    doub Y N 373 
TRP CD2   CE3    sing Y N 374 
TRP NE1   CE2    sing Y N 375 
TRP NE1   HE1    sing N N 376 
TRP CE2   CZ2    sing Y N 377 
TRP CE3   CZ3    doub Y N 378 
TRP CE3   HE3    sing N N 379 
TRP CZ2   CH2    doub Y N 380 
TRP CZ2   HZ2    sing N N 381 
TRP CZ3   CH2    sing Y N 382 
TRP CZ3   HZ3    sing N N 383 
TRP CH2   HH2    sing N N 384 
TRP OXT   HXT    sing N N 385 
TYR N     CA     sing N N 386 
TYR N     H      sing N N 387 
TYR N     H2     sing N N 388 
TYR CA    C      sing N N 389 
TYR CA    CB     sing N N 390 
TYR CA    HA     sing N N 391 
TYR C     O      doub N N 392 
TYR C     OXT    sing N N 393 
TYR CB    CG     sing N N 394 
TYR CB    HB2    sing N N 395 
TYR CB    HB3    sing N N 396 
TYR CG    CD1    doub Y N 397 
TYR CG    CD2    sing Y N 398 
TYR CD1   CE1    sing Y N 399 
TYR CD1   HD1    sing N N 400 
TYR CD2   CE2    doub Y N 401 
TYR CD2   HD2    sing N N 402 
TYR CE1   CZ     doub Y N 403 
TYR CE1   HE1    sing N N 404 
TYR CE2   CZ     sing Y N 405 
TYR CE2   HE2    sing N N 406 
TYR CZ    OH     sing N N 407 
TYR OH    HH     sing N N 408 
TYR OXT   HXT    sing N N 409 
VAL N     CA     sing N N 410 
VAL N     H      sing N N 411 
VAL N     H2     sing N N 412 
VAL CA    C      sing N N 413 
VAL CA    CB     sing N N 414 
VAL CA    HA     sing N N 415 
VAL C     O      doub N N 416 
VAL C     OXT    sing N N 417 
VAL CB    CG1    sing N N 418 
VAL CB    CG2    sing N N 419 
VAL CB    HB     sing N N 420 
VAL CG1   HG11   sing N N 421 
VAL CG1   HG12   sing N N 422 
VAL CG1   HG13   sing N N 423 
VAL CG2   HG21   sing N N 424 
VAL CG2   HG22   sing N N 425 
VAL CG2   HG23   sing N N 426 
VAL OXT   HXT    sing N N 427 
# 
_pdbx_audit_support.funding_organization   
'National Institutes of Health/National Institute of General Medical Sciences (NIH/NIGMS)' 
_pdbx_audit_support.country                'United States' 
_pdbx_audit_support.grant_number           GM115355 
_pdbx_audit_support.ordinal                1 
# 
_atom_sites.entry_id                    6EBU 
_atom_sites.fract_transf_matrix[1][1]   -0.00934704 
_atom_sites.fract_transf_matrix[1][2]   -0.00622489 
_atom_sites.fract_transf_matrix[1][3]   -0.00547801 
_atom_sites.fract_transf_matrix[2][1]   -0.00791332 
_atom_sites.fract_transf_matrix[2][2]   0.00910446 
_atom_sites.fract_transf_matrix[2][3]   0.00315659 
_atom_sites.fract_transf_matrix[3][1]   0.00241179 
_atom_sites.fract_transf_matrix[3][2]   0.00581335 
_atom_sites.fract_transf_matrix[3][3]   -0.01072114 
_atom_sites.fract_transf_vector[1]      0.819271 
_atom_sites.fract_transf_vector[2]      0.504818 
_atom_sites.fract_transf_vector[3]      0.288332 
# 
loop_
_atom_type.symbol 
C 
N 
O 
S 
# 
loop_
_atom_site.group_PDB 
_atom_site.id 
_atom_site.type_symbol 
_atom_site.label_atom_id 
_atom_site.label_alt_id 
_atom_site.label_comp_id 
_atom_site.label_asym_id 
_atom_site.label_entity_id 
_atom_site.label_seq_id 
_atom_site.pdbx_PDB_ins_code 
_atom_site.Cartn_x 
_atom_site.Cartn_y 
_atom_site.Cartn_z 
_atom_site.occupancy 
_atom_site.B_iso_or_equiv 
_atom_site.pdbx_formal_charge 
_atom_site.auth_seq_id 
_atom_site.auth_comp_id 
_atom_site.auth_asym_id 
_atom_site.auth_atom_id 
_atom_site.pdbx_PDB_model_num 
ATOM   1    N N     . MET A 1 7   ? 24.074  1.360   -0.153  1.00 70.41 ? 1   MET A N     1 
ATOM   2    C CA    . MET A 1 7   ? 23.220  2.169   0.710   1.00 77.16 ? 1   MET A CA    1 
ATOM   3    C C     . MET A 1 7   ? 21.913  1.448   1.033   1.00 74.24 ? 1   MET A C     1 
ATOM   4    O O     . MET A 1 7   ? 21.084  1.220   0.153   1.00 66.97 ? 1   MET A O     1 
ATOM   5    N N     . VAL A 1 8   ? 21.738  1.093   2.303   1.00 64.77 ? 2   VAL A N     1 
ATOM   6    C CA    . VAL A 1 8   ? 20.534  0.426   2.783   1.00 54.30 ? 2   VAL A CA    1 
ATOM   7    C C     . VAL A 1 8   ? 19.800  1.422   3.673   1.00 61.17 ? 2   VAL A C     1 
ATOM   8    O O     . VAL A 1 8   ? 20.155  1.611   4.843   1.00 63.63 ? 2   VAL A O     1 
ATOM   9    C CB    . VAL A 1 8   ? 20.854  -0.873  3.533   1.00 59.05 ? 2   VAL A CB    1 
ATOM   10   C CG1   . VAL A 1 8   ? 19.584  -1.483  4.110   1.00 59.36 ? 2   VAL A CG1   1 
ATOM   11   C CG2   . VAL A 1 8   ? 21.544  -1.863  2.608   1.00 46.52 ? 2   VAL A CG2   1 
ATOM   12   N N     . ILE A 1 9   ? 18.767  2.067   3.121   1.00 56.84 ? 3   ILE A N     1 
ATOM   13   C CA    . ILE A 1 9   ? 18.014  3.068   3.875   1.00 54.27 ? 3   ILE A CA    1 
ATOM   14   C C     . ILE A 1 9   ? 17.065  2.462   4.897   1.00 54.03 ? 3   ILE A C     1 
ATOM   15   O O     . ILE A 1 9   ? 16.477  3.204   5.694   1.00 62.03 ? 3   ILE A O     1 
ATOM   16   C CB    . ILE A 1 9   ? 17.213  3.981   2.927   1.00 51.00 ? 3   ILE A CB    1 
ATOM   17   C CG1   . ILE A 1 9   ? 16.258  3.153   2.064   1.00 53.00 ? 3   ILE A CG1   1 
ATOM   18   C CG2   . ILE A 1 9   ? 18.149  4.806   2.051   1.00 46.72 ? 3   ILE A CG2   1 
ATOM   19   C CD1   . ILE A 1 9   ? 15.369  3.985   1.167   1.00 44.19 ? 3   ILE A CD1   1 
ATOM   20   N N     . GLU A 1 10  ? 16.897  1.140   4.904   1.00 50.64 ? 4   GLU A N     1 
ATOM   21   C CA    . GLU A 1 10  ? 15.973  0.479   5.816   1.00 52.41 ? 4   GLU A CA    1 
ATOM   22   C C     . GLU A 1 10  ? 16.593  0.150   7.168   1.00 56.40 ? 4   GLU A C     1 
ATOM   23   O O     . GLU A 1 10  ? 15.870  -0.287  8.071   1.00 66.96 ? 4   GLU A O     1 
ATOM   24   C CB    . GLU A 1 10  ? 15.437  -0.813  5.180   1.00 42.99 ? 4   GLU A CB    1 
ATOM   25   C CG    . GLU A 1 10  ? 15.113  -0.701  3.697   1.00 50.92 ? 4   GLU A CG    1 
ATOM   26   C CD    . GLU A 1 10  ? 13.629  -0.505  3.433   1.00 51.41 ? 4   GLU A CD    1 
ATOM   27   O OE1   . GLU A 1 10  ? 13.117  -1.068  2.442   1.00 58.59 ? 4   GLU A OE1   1 
ATOM   28   O OE2   . GLU A 1 10  ? 12.971  0.206   4.220   1.00 50.34 ? 4   GLU A OE2   1 
ATOM   29   N N     . ASP A 1 11  ? 17.897  0.353   7.337   1.00 65.30 ? 5   ASP A N     1 
ATOM   30   C CA    . ASP A 1 11  ? 18.600  -0.085  8.542   1.00 68.34 ? 5   ASP A CA    1 
ATOM   31   C C     . ASP A 1 11  ? 18.790  1.103   9.484   1.00 65.79 ? 5   ASP A C     1 
ATOM   32   O O     . ASP A 1 11  ? 19.876  1.663   9.627   1.00 82.21 ? 5   ASP A O     1 
ATOM   33   C CB    . ASP A 1 11  ? 19.931  -0.736  8.159   1.00 69.01 ? 5   ASP A CB    1 
ATOM   34   C CG    . ASP A 1 11  ? 20.655  -1.376  9.341   1.00 80.04 ? 5   ASP A CG    1 
ATOM   35   O OD1   . ASP A 1 11  ? 20.264  -1.162  10.509  1.00 85.97 ? 5   ASP A OD1   1 
ATOM   36   O OD2   . ASP A 1 11  ? 21.638  -2.105  9.095   1.00 85.15 ? 5   ASP A OD2   1 
ATOM   37   N N     . PHE A 1 12  ? 17.689  1.495   10.122  1.00 64.78 ? 6   PHE A N     1 
ATOM   38   C CA    . PHE A 1 12  ? 17.748  2.397   11.263  1.00 61.43 ? 6   PHE A CA    1 
ATOM   39   C C     . PHE A 1 12  ? 16.824  1.863   12.349  1.00 66.26 ? 6   PHE A C     1 
ATOM   40   O O     . PHE A 1 12  ? 15.917  1.068   12.087  1.00 68.21 ? 6   PHE A O     1 
ATOM   41   C CB    . PHE A 1 12  ? 17.411  3.857   10.896  1.00 51.97 ? 6   PHE A CB    1 
ATOM   42   C CG    . PHE A 1 12  ? 16.068  4.046   10.252  1.00 54.23 ? 6   PHE A CG    1 
ATOM   43   C CD1   . PHE A 1 12  ? 15.890  3.791   8.901   1.00 59.14 ? 6   PHE A CD1   1 
ATOM   44   C CD2   . PHE A 1 12  ? 14.996  4.525   10.985  1.00 56.00 ? 6   PHE A CD2   1 
ATOM   45   C CE1   . PHE A 1 12  ? 14.660  3.984   8.303   1.00 53.33 ? 6   PHE A CE1   1 
ATOM   46   C CE2   . PHE A 1 12  ? 13.763  4.720   10.391  1.00 62.62 ? 6   PHE A CE2   1 
ATOM   47   C CZ    . PHE A 1 12  ? 13.596  4.452   9.049   1.00 49.85 ? 6   PHE A CZ    1 
ATOM   48   N N     . ALA A 1 13  ? 17.086  2.295   13.586  1.00 66.18 ? 7   ALA A N     1 
ATOM   49   C CA    . ALA A 1 13  ? 16.501  1.634   14.750  1.00 66.07 ? 7   ALA A CA    1 
ATOM   50   C C     . ALA A 1 13  ? 14.979  1.697   14.724  1.00 58.20 ? 7   ALA A C     1 
ATOM   51   O O     . ALA A 1 13  ? 14.301  0.696   14.988  1.00 51.21 ? 7   ALA A O     1 
ATOM   52   C CB    . ALA A 1 13  ? 17.048  2.258   16.036  1.00 60.27 ? 7   ALA A CB    1 
ATOM   53   N N     . LEU A 1 14  ? 14.421  2.866   14.402  1.00 58.89 ? 8   LEU A N     1 
ATOM   54   C CA    . LEU A 1 14  ? 12.971  3.023   14.413  1.00 49.20 ? 8   LEU A CA    1 
ATOM   55   C C     . LEU A 1 14  ? 12.306  2.099   13.401  1.00 58.70 ? 8   LEU A C     1 
ATOM   56   O O     . LEU A 1 14  ? 11.237  1.538   13.669  1.00 55.36 ? 8   LEU A O     1 
ATOM   57   C CB    . LEU A 1 14  ? 12.602  4.480   14.139  1.00 53.42 ? 8   LEU A CB    1 
ATOM   58   C CG    . LEU A 1 14  ? 11.115  4.823   14.027  1.00 61.93 ? 8   LEU A CG    1 
ATOM   59   C CD1   . LEU A 1 14  ? 10.361  4.368   15.264  1.00 57.10 ? 8   LEU A CD1   1 
ATOM   60   C CD2   . LEU A 1 14  ? 10.933  6.316   13.805  1.00 58.74 ? 8   LEU A CD2   1 
ATOM   61   N N     . ASN A 1 15  ? 12.930  1.917   12.235  1.00 52.02 ? 9   ASN A N     1 
ATOM   62   C CA    . ASN A 1 15  ? 12.357  1.050   11.211  1.00 52.10 ? 9   ASN A CA    1 
ATOM   63   C C     . ASN A 1 15  ? 12.352  -0.407  11.654  1.00 52.06 ? 9   ASN A C     1 
ATOM   64   O O     . ASN A 1 15  ? 11.354  -1.113  11.474  1.00 55.81 ? 9   ASN A O     1 
ATOM   65   C CB    . ASN A 1 15  ? 13.130  1.203   9.902   1.00 52.32 ? 9   ASN A CB    1 
ATOM   66   C CG    . ASN A 1 15  ? 12.304  0.834   8.687   1.00 54.12 ? 9   ASN A CG    1 
ATOM   67   O OD1   . ASN A 1 15  ? 11.074  0.848   8.728   1.00 50.90 ? 9   ASN A OD1   1 
ATOM   68   N ND2   . ASN A 1 15  ? 12.981  0.504   7.594   1.00 52.32 ? 9   ASN A ND2   1 
ATOM   69   N N     . LEU A 1 16  ? 13.459  -0.873  12.235  1.00 57.13 ? 10  LEU A N     1 
ATOM   70   C CA    . LEU A 1 16  ? 13.573  -2.283  12.591  1.00 49.06 ? 10  LEU A CA    1 
ATOM   71   C C     . LEU A 1 16  ? 12.762  -2.619  13.837  1.00 46.37 ? 10  LEU A C     1 
ATOM   72   O O     . LEU A 1 16  ? 12.162  -3.698  13.914  1.00 47.34 ? 10  LEU A O     1 
ATOM   73   C CB    . LEU A 1 16  ? 15.042  -2.654  12.793  1.00 55.24 ? 10  LEU A CB    1 
ATOM   74   C CG    . LEU A 1 16  ? 15.981  -2.392  11.612  1.00 56.28 ? 10  LEU A CG    1 
ATOM   75   C CD1   . LEU A 1 16  ? 17.361  -2.962  11.893  1.00 47.58 ? 10  LEU A CD1   1 
ATOM   76   C CD2   . LEU A 1 16  ? 15.413  -2.965  10.320  1.00 50.90 ? 10  LEU A CD2   1 
ATOM   77   N N     . GLU A 1 17  ? 12.732  -1.717  14.818  1.00 50.33 ? 11  GLU A N     1 
ATOM   78   C CA    . GLU A 1 17  ? 11.953  -1.975  16.026  1.00 55.06 ? 11  GLU A CA    1 
ATOM   79   C C     . GLU A 1 17  ? 10.460  -1.969  15.725  1.00 51.46 ? 11  GLU A C     1 
ATOM   80   O O     . GLU A 1 17  ? 9.710   -2.793  16.262  1.00 52.64 ? 11  GLU A O     1 
ATOM   81   C CB    . GLU A 1 17  ? 12.293  -0.944  17.103  1.00 53.12 ? 11  GLU A CB    1 
ATOM   82   N N     . LEU A 1 18  ? 10.009  -1.046  14.871  1.00 59.79 ? 12  LEU A N     1 
ATOM   83   C CA    . LEU A 1 18  ? 8.607   -1.032  14.472  1.00 50.18 ? 12  LEU A CA    1 
ATOM   84   C C     . LEU A 1 18  ? 8.236   -2.302  13.719  1.00 54.55 ? 12  LEU A C     1 
ATOM   85   O O     . LEU A 1 18  ? 7.156   -2.867  13.934  1.00 47.63 ? 12  LEU A O     1 
ATOM   86   C CB    . LEU A 1 18  ? 8.312   0.197   13.613  1.00 64.00 ? 12  LEU A CB    1 
ATOM   87   C CG    . LEU A 1 18  ? 8.096   1.544   14.304  1.00 67.61 ? 12  LEU A CG    1 
ATOM   88   C CD1   . LEU A 1 18  ? 7.200   2.428   13.451  1.00 58.65 ? 12  LEU A CD1   1 
ATOM   89   C CD2   . LEU A 1 18  ? 7.508   1.358   15.691  1.00 73.60 ? 12  LEU A CD2   1 
ATOM   90   N N     . PHE A 1 19  ? 9.116   -2.767  12.829  1.00 44.45 ? 13  PHE A N     1 
ATOM   91   C CA    . PHE A 1 19  ? 8.824   -3.991  12.092  1.00 41.36 ? 13  PHE A CA    1 
ATOM   92   C C     . PHE A 1 19  ? 8.683   -5.180  13.034  1.00 47.14 ? 13  PHE A C     1 
ATOM   93   O O     . PHE A 1 19  ? 7.779   -6.007  12.866  1.00 47.90 ? 13  PHE A O     1 
ATOM   94   C CB    . PHE A 1 19  ? 9.912   -4.268  11.053  1.00 39.78 ? 13  PHE A CB    1 
ATOM   95   C CG    . PHE A 1 19  ? 9.762   -5.603  10.379  1.00 39.84 ? 13  PHE A CG    1 
ATOM   96   C CD1   . PHE A 1 19  ? 8.879   -5.764  9.323   1.00 36.87 ? 13  PHE A CD1   1 
ATOM   97   C CD2   . PHE A 1 19  ? 10.478  -6.704  10.822  1.00 42.56 ? 13  PHE A CD2   1 
ATOM   98   C CE1   . PHE A 1 19  ? 8.725   -6.993  8.711   1.00 37.06 ? 13  PHE A CE1   1 
ATOM   99   C CE2   . PHE A 1 19  ? 10.328  -7.938  10.214  1.00 42.65 ? 13  PHE A CE2   1 
ATOM   100  C CZ    . PHE A 1 19  ? 9.450   -8.082  9.158   1.00 44.02 ? 13  PHE A CZ    1 
ATOM   101  N N     . ARG A 1 20  ? 9.571   -5.286  14.024  1.00 42.92 ? 14  ARG A N     1 
ATOM   102  C CA    . ARG A 1 20  ? 9.530   -6.425  14.935  1.00 49.67 ? 14  ARG A CA    1 
ATOM   103  C C     . ARG A 1 20  ? 8.244   -6.439  15.750  1.00 44.07 ? 14  ARG A C     1 
ATOM   104  O O     . ARG A 1 20  ? 7.653   -7.501  15.973  1.00 50.64 ? 14  ARG A O     1 
ATOM   105  C CB    . ARG A 1 20  ? 10.749  -6.407  15.859  1.00 48.25 ? 14  ARG A CB    1 
ATOM   106  C CG    . ARG A 1 20  ? 12.070  -6.671  15.155  1.00 43.70 ? 14  ARG A CG    1 
ATOM   107  C CD    . ARG A 1 20  ? 12.093  -8.050  14.520  1.00 48.55 ? 14  ARG A CD    1 
ATOM   108  N NE    . ARG A 1 20  ? 13.391  -8.347  13.921  1.00 51.79 ? 14  ARG A NE    1 
ATOM   109  C CZ    . ARG A 1 20  ? 13.683  -9.481  13.292  1.00 52.88 ? 14  ARG A CZ    1 
ATOM   110  N NH1   . ARG A 1 20  ? 12.767  -10.432 13.172  1.00 52.77 ? 14  ARG A NH1   1 
ATOM   111  N NH2   . ARG A 1 20  ? 14.893  -9.663  12.782  1.00 52.74 ? 14  ARG A NH2   1 
ATOM   112  N N     . LEU A 1 21  ? 7.791   -5.265  16.199  1.00 38.63 ? 15  LEU A N     1 
ATOM   113  C CA    . LEU A 1 21  ? 6.573   -5.200  17.001  1.00 47.77 ? 15  LEU A CA    1 
ATOM   114  C C     . LEU A 1 21  ? 5.366   -5.698  16.215  1.00 53.44 ? 15  LEU A C     1 
ATOM   115  O O     . LEU A 1 21  ? 4.491   -6.376  16.768  1.00 54.42 ? 15  LEU A O     1 
ATOM   116  C CB    . LEU A 1 21  ? 6.343   -3.769  17.490  1.00 44.93 ? 15  LEU A CB    1 
ATOM   117  N N     . ILE A 1 22  ? 5.304   -5.380  14.921  1.00 48.60 ? 16  ILE A N     1 
ATOM   118  C CA    . ILE A 1 22  ? 4.175   -5.809  14.102  1.00 42.86 ? 16  ILE A CA    1 
ATOM   119  C C     . ILE A 1 22  ? 4.366   -7.241  13.622  1.00 45.04 ? 16  ILE A C     1 
ATOM   120  O O     . ILE A 1 22  ? 3.435   -8.054  13.671  1.00 42.83 ? 16  ILE A O     1 
ATOM   121  C CB    . ILE A 1 22  ? 3.983   -4.839  12.922  1.00 43.07 ? 16  ILE A CB    1 
ATOM   122  C CG1   . ILE A 1 22  ? 3.546   -3.464  13.430  1.00 39.21 ? 16  ILE A CG1   1 
ATOM   123  C CG2   . ILE A 1 22  ? 2.980   -5.404  11.925  1.00 33.13 ? 16  ILE A CG2   1 
ATOM   124  C CD1   . ILE A 1 22  ? 3.514   -2.402  12.359  1.00 47.69 ? 16  ILE A CD1   1 
ATOM   125  N N     . ASN A 1 23  ? 5.573   -7.577  13.164  1.00 34.73 ? 17  ASN A N     1 
ATOM   126  C CA    . ASN A 1 23  ? 5.804   -8.880  12.555  1.00 36.49 ? 17  ASN A CA    1 
ATOM   127  C C     . ASN A 1 23  ? 5.823   -10.013 13.573  1.00 39.28 ? 17  ASN A C     1 
ATOM   128  O O     . ASN A 1 23  ? 5.692   -11.179 13.182  1.00 40.17 ? 17  ASN A O     1 
ATOM   129  C CB    . ASN A 1 23  ? 7.116   -8.862  11.771  1.00 34.25 ? 17  ASN A CB    1 
ATOM   130  C CG    . ASN A 1 23  ? 7.322   -10.118 10.961  1.00 36.42 ? 17  ASN A CG    1 
ATOM   131  O OD1   . ASN A 1 23  ? 8.108   -10.990 11.335  1.00 40.64 ? 17  ASN A OD1   1 
ATOM   132  N ND2   . ASN A 1 23  ? 6.604   -10.228 9.849   1.00 36.43 ? 17  ASN A ND2   1 
ATOM   133  N N     . ASN A 1 24  ? 5.979   -9.710  14.862  1.00 39.50 ? 18  ASN A N     1 
ATOM   134  C CA    . ASN A 1 24  ? 5.995   -10.748 15.885  1.00 44.85 ? 18  ASN A CA    1 
ATOM   135  C C     . ASN A 1 24  ? 4.662   -10.913 16.603  1.00 46.56 ? 18  ASN A C     1 
ATOM   136  O O     . ASN A 1 24  ? 4.429   -11.967 17.204  1.00 51.68 ? 18  ASN A O     1 
ATOM   137  C CB    . ASN A 1 24  ? 7.093   -10.463 16.916  1.00 51.14 ? 18  ASN A CB    1 
ATOM   138  C CG    . ASN A 1 24  ? 8.489   -10.548 16.320  1.00 56.26 ? 18  ASN A CG    1 
ATOM   139  O OD1   . ASN A 1 24  ? 8.751   -11.365 15.436  1.00 44.40 ? 18  ASN A OD1   1 
ATOM   140  N ND2   . ASN A 1 24  ? 9.390   -9.703  16.804  1.00 63.15 ? 18  ASN A ND2   1 
ATOM   141  N N     . ALA A 1 25  ? 3.787   -9.907  16.555  1.00 45.76 ? 19  ALA A N     1 
ATOM   142  C CA    . ALA A 1 25  ? 2.466   -9.981  17.181  1.00 38.32 ? 19  ALA A CA    1 
ATOM   143  C C     . ALA A 1 25  ? 1.519   -10.693 16.219  1.00 46.38 ? 19  ALA A C     1 
ATOM   144  O O     . ALA A 1 25  ? 0.771   -10.080 15.453  1.00 45.84 ? 19  ALA A O     1 
ATOM   145  C CB    . ALA A 1 25  ? 1.968   -8.589  17.545  1.00 31.33 ? 19  ALA A CB    1 
ATOM   146  N N     . ARG A 1 26  ? 1.552   -12.020 16.269  1.00 39.79 ? 20  ARG A N     1 
ATOM   147  C CA    . ARG A 1 26  ? 0.879   -12.854 15.286  1.00 46.48 ? 20  ARG A CA    1 
ATOM   148  C C     . ARG A 1 26  ? -0.201  -13.712 15.931  1.00 45.86 ? 20  ARG A C     1 
ATOM   149  O O     . ARG A 1 26  ? -0.316  -13.810 17.156  1.00 48.74 ? 20  ARG A O     1 
ATOM   150  C CB    . ARG A 1 26  ? 1.884   -13.749 14.556  1.00 43.27 ? 20  ARG A CB    1 
ATOM   151  C CG    . ARG A 1 26  ? 3.162   -13.039 14.184  1.00 40.72 ? 20  ARG A CG    1 
ATOM   152  C CD    . ARG A 1 26  ? 3.990   -13.886 13.246  1.00 50.70 ? 20  ARG A CD    1 
ATOM   153  N NE    . ARG A 1 26  ? 3.354   -14.060 11.944  1.00 47.72 ? 20  ARG A NE    1 
ATOM   154  C CZ    . ARG A 1 26  ? 3.326   -13.127 10.997  1.00 39.61 ? 20  ARG A CZ    1 
ATOM   155  N NH1   . ARG A 1 26  ? 3.893   -11.946 11.206  1.00 34.61 ? 20  ARG A NH1   1 
ATOM   156  N NH2   . ARG A 1 26  ? 2.732   -13.376 9.840   1.00 50.08 ? 20  ARG A NH2   1 
ATOM   157  N N     . HIS A 1 27  ? -0.993  -14.339 15.065  1.00 48.29 ? 21  HIS A N     1 
ATOM   158  C CA    . HIS A 1 27  ? -2.069  -15.256 15.419  1.00 48.14 ? 21  HIS A CA    1 
ATOM   159  C C     . HIS A 1 27  ? -2.538  -15.953 14.146  1.00 50.15 ? 21  HIS A C     1 
ATOM   160  O O     . HIS A 1 27  ? -2.537  -15.340 13.071  1.00 44.47 ? 21  HIS A O     1 
ATOM   161  C CB    . HIS A 1 27  ? -3.223  -14.513 16.096  1.00 41.07 ? 21  HIS A CB    1 
ATOM   162  C CG    . HIS A 1 27  ? -4.230  -15.419 16.735  1.00 55.06 ? 21  HIS A CG    1 
ATOM   163  N ND1   . HIS A 1 27  ? -5.217  -16.060 16.018  1.00 52.53 ? 21  HIS A ND1   1 
ATOM   164  C CD2   . HIS A 1 27  ? -4.395  -15.800 18.024  1.00 47.56 ? 21  HIS A CD2   1 
ATOM   165  C CE1   . HIS A 1 27  ? -5.948  -16.793 16.837  1.00 52.27 ? 21  HIS A CE1   1 
ATOM   166  N NE2   . HIS A 1 27  ? -5.471  -16.654 18.060  1.00 52.29 ? 21  HIS A NE2   1 
ATOM   167  N N     . PRO A 1 28  ? -2.921  -17.232 14.219  1.00 50.20 ? 22  PRO A N     1 
ATOM   168  C CA    . PRO A 1 28  ? -3.392  -17.919 13.002  1.00 46.68 ? 22  PRO A CA    1 
ATOM   169  C C     . PRO A 1 28  ? -4.557  -17.223 12.323  1.00 45.38 ? 22  PRO A C     1 
ATOM   170  O O     . PRO A 1 28  ? -4.636  -17.219 11.088  1.00 44.98 ? 22  PRO A O     1 
ATOM   171  C CB    . PRO A 1 28  ? -3.784  -19.310 13.521  1.00 46.82 ? 22  PRO A CB    1 
ATOM   172  C CG    . PRO A 1 28  ? -2.921  -19.512 14.721  1.00 50.25 ? 22  PRO A CG    1 
ATOM   173  C CD    . PRO A 1 28  ? -2.778  -18.157 15.358  1.00 46.86 ? 22  PRO A CD    1 
ATOM   174  N N     . LEU A 1 29  ? -5.472  -16.635 13.098  1.00 41.80 ? 23  LEU A N     1 
ATOM   175  C CA    . LEU A 1 29  ? -6.588  -15.910 12.502  1.00 47.65 ? 23  LEU A CA    1 
ATOM   176  C C     . LEU A 1 29  ? -6.119  -14.654 11.781  1.00 47.15 ? 23  LEU A C     1 
ATOM   177  O O     . LEU A 1 29  ? -6.706  -14.272 10.762  1.00 42.06 ? 23  LEU A O     1 
ATOM   178  C CB    . LEU A 1 29  ? -7.617  -15.552 13.571  1.00 44.10 ? 23  LEU A CB    1 
ATOM   179  C CG    . LEU A 1 29  ? -8.392  -16.727 14.166  1.00 51.03 ? 23  LEU A CG    1 
ATOM   180  C CD1   . LEU A 1 29  ? -9.447  -16.222 15.129  1.00 47.27 ? 23  LEU A CD1   1 
ATOM   181  C CD2   . LEU A 1 29  ? -9.018  -17.562 13.060  1.00 49.04 ? 23  LEU A CD2   1 
ATOM   182  N N     . LEU A 1 30  ? -5.077  -13.995 12.293  1.00 43.05 ? 24  LEU A N     1 
ATOM   183  C CA    . LEU A 1 30  ? -4.499  -12.866 11.575  1.00 44.09 ? 24  LEU A CA    1 
ATOM   184  C C     . LEU A 1 30  ? -3.832  -13.324 10.285  1.00 42.65 ? 24  LEU A C     1 
ATOM   185  O O     . LEU A 1 30  ? -3.907  -12.631 9.263   1.00 37.52 ? 24  LEU A O     1 
ATOM   186  C CB    . LEU A 1 30  ? -3.499  -12.134 12.468  1.00 42.60 ? 24  LEU A CB    1 
ATOM   187  C CG    . LEU A 1 30  ? -4.061  -11.037 13.369  1.00 46.03 ? 24  LEU A CG    1 
ATOM   188  C CD1   . LEU A 1 30  ? -2.957  -10.433 14.221  1.00 43.85 ? 24  LEU A CD1   1 
ATOM   189  C CD2   . LEU A 1 30  ? -4.739  -9.969  12.529  1.00 50.47 ? 24  LEU A CD2   1 
ATOM   190  N N     . ASP A 1 31  ? -3.179  -14.490 10.317  1.00 37.84 ? 25  ASP A N     1 
ATOM   191  C CA    . ASP A 1 31  ? -2.554  -15.030 9.115   1.00 36.40 ? 25  ASP A CA    1 
ATOM   192  C C     . ASP A 1 31  ? -3.585  -15.276 8.024   1.00 48.28 ? 25  ASP A C     1 
ATOM   193  O O     . ASP A 1 31  ? -3.344  -14.970 6.851   1.00 44.84 ? 25  ASP A O     1 
ATOM   194  C CB    . ASP A 1 31  ? -1.813  -16.328 9.438   1.00 43.90 ? 25  ASP A CB    1 
ATOM   195  C CG    . ASP A 1 31  ? -0.594  -16.113 10.315  1.00 42.61 ? 25  ASP A CG    1 
ATOM   196  O OD1   . ASP A 1 31  ? -0.232  -14.948 10.572  1.00 48.10 ? 25  ASP A OD1   1 
ATOM   197  O OD2   . ASP A 1 31  ? 0.011   -17.119 10.740  1.00 52.87 ? 25  ASP A OD2   1 
ATOM   198  N N     . VAL A 1 32  ? -4.740  -15.832 8.392   1.00 39.01 ? 26  VAL A N     1 
ATOM   199  C CA    . VAL A 1 32  ? -5.779  -16.106 7.405   1.00 41.93 ? 26  VAL A CA    1 
ATOM   200  C C     . VAL A 1 32  ? -6.391  -14.804 6.904   1.00 42.88 ? 26  VAL A C     1 
ATOM   201  O O     . VAL A 1 32  ? -6.559  -14.605 5.695   1.00 39.69 ? 26  VAL A O     1 
ATOM   202  C CB    . VAL A 1 32  ? -6.851  -17.042 7.992   1.00 39.61 ? 26  VAL A CB    1 
ATOM   203  C CG1   . VAL A 1 32  ? -7.999  -17.205 7.012   1.00 35.95 ? 26  VAL A CG1   1 
ATOM   204  C CG2   . VAL A 1 32  ? -6.245  -18.396 8.338   1.00 36.34 ? 26  VAL A CG2   1 
ATOM   205  N N     . PHE A 1 33  ? -6.726  -13.896 7.826   1.00 38.63 ? 27  PHE A N     1 
ATOM   206  C CA    . PHE A 1 33  ? -7.368  -12.646 7.435   1.00 43.33 ? 27  PHE A CA    1 
ATOM   207  C C     . PHE A 1 33  ? -6.501  -11.858 6.463   1.00 38.25 ? 27  PHE A C     1 
ATOM   208  O O     . PHE A 1 33  ? -6.979  -11.397 5.421   1.00 39.05 ? 27  PHE A O     1 
ATOM   209  C CB    . PHE A 1 33  ? -7.684  -11.797 8.668   1.00 34.87 ? 27  PHE A CB    1 
ATOM   210  C CG    . PHE A 1 33  ? -8.138  -10.401 8.335   1.00 36.08 ? 27  PHE A CG    1 
ATOM   211  C CD1   . PHE A 1 33  ? -9.467  -10.146 8.031   1.00 39.22 ? 27  PHE A CD1   1 
ATOM   212  C CD2   . PHE A 1 33  ? -7.235  -9.348  8.309   1.00 30.69 ? 27  PHE A CD2   1 
ATOM   213  C CE1   . PHE A 1 33  ? -9.889  -8.864  7.716   1.00 34.77 ? 27  PHE A CE1   1 
ATOM   214  C CE2   . PHE A 1 33  ? -7.648  -8.069  7.992   1.00 40.29 ? 27  PHE A CE2   1 
ATOM   215  C CZ    . PHE A 1 33  ? -8.978  -7.824  7.696   1.00 37.86 ? 27  PHE A CZ    1 
ATOM   216  N N     . PHE A 1 34  ? -5.218  -11.687 6.791   1.00 38.03 ? 28  PHE A N     1 
ATOM   217  C CA    . PHE A 1 34  ? -4.352  -10.872 5.948   1.00 39.06 ? 28  PHE A CA    1 
ATOM   218  C C     . PHE A 1 34  ? -4.008  -11.575 4.643   1.00 34.91 ? 28  PHE A C     1 
ATOM   219  O O     . PHE A 1 34  ? -3.760  -10.910 3.633   1.00 43.61 ? 28  PHE A O     1 
ATOM   220  C CB    . PHE A 1 34  ? -3.085  -10.491 6.710   1.00 32.30 ? 28  PHE A CB    1 
ATOM   221  C CG    . PHE A 1 34  ? -3.277  -9.341  7.650   1.00 32.49 ? 28  PHE A CG    1 
ATOM   222  C CD1   . PHE A 1 34  ? -3.918  -8.189  7.228   1.00 32.25 ? 28  PHE A CD1   1 
ATOM   223  C CD2   . PHE A 1 34  ? -2.833  -9.416  8.959   1.00 31.22 ? 28  PHE A CD2   1 
ATOM   224  C CE1   . PHE A 1 34  ? -4.104  -7.124  8.093   1.00 37.05 ? 28  PHE A CE1   1 
ATOM   225  C CE2   . PHE A 1 34  ? -3.017  -8.357  9.829   1.00 27.70 ? 28  PHE A CE2   1 
ATOM   226  C CZ    . PHE A 1 34  ? -3.653  -7.211  9.395   1.00 35.05 ? 28  PHE A CZ    1 
ATOM   227  N N     . THR A 1 35  ? -3.989  -12.909 4.641   1.00 37.22 ? 29  THR A N     1 
ATOM   228  C CA    . THR A 1 35  ? -3.813  -13.639 3.392   1.00 37.94 ? 29  THR A CA    1 
ATOM   229  C C     . THR A 1 35  ? -5.012  -13.434 2.475   1.00 39.03 ? 29  THR A C     1 
ATOM   230  O O     . THR A 1 35  ? -4.854  -13.182 1.275   1.00 38.74 ? 29  THR A O     1 
ATOM   231  C CB    . THR A 1 35  ? -3.595  -15.125 3.675   1.00 35.41 ? 29  THR A CB    1 
ATOM   232  O OG1   . THR A 1 35  ? -2.391  -15.294 4.433   1.00 42.06 ? 29  THR A OG1   1 
ATOM   233  C CG2   . THR A 1 35  ? -3.481  -15.911 2.376   1.00 37.22 ? 29  THR A CG2   1 
ATOM   234  N N     . HIS A 1 36  ? -6.222  -13.535 3.030   1.00 34.95 ? 30  HIS A N     1 
ATOM   235  C CA    . HIS A 1 36  ? -7.426  -13.294 2.241   1.00 36.74 ? 30  HIS A CA    1 
ATOM   236  C C     . HIS A 1 36  ? -7.526  -11.833 1.821   1.00 41.20 ? 30  HIS A C     1 
ATOM   237  O O     . HIS A 1 36  ? -7.975  -11.528 0.709   1.00 39.66 ? 30  HIS A O     1 
ATOM   238  C CB    . HIS A 1 36  ? -8.668  -13.701 3.038   1.00 38.95 ? 30  HIS A CB    1 
ATOM   239  C CG    . HIS A 1 36  ? -8.764  -15.170 3.317   1.00 36.49 ? 30  HIS A CG    1 
ATOM   240  N ND1   . HIS A 1 36  ? -9.925  -15.767 3.761   1.00 44.00 ? 30  HIS A ND1   1 
ATOM   241  C CD2   . HIS A 1 36  ? -7.845  -16.161 3.221   1.00 35.45 ? 30  HIS A CD2   1 
ATOM   242  C CE1   . HIS A 1 36  ? -9.718  -17.063 3.924   1.00 37.82 ? 30  HIS A CE1   1 
ATOM   243  N NE2   . HIS A 1 36  ? -8.465  -17.328 3.603   1.00 40.20 ? 30  HIS A NE2   1 
ATOM   244  N N     . PHE A 1 37  ? -7.097  -10.918 2.694   1.00 34.36 ? 31  PHE A N     1 
ATOM   245  C CA    . PHE A 1 37  ? -7.256  -9.487  2.473   1.00 32.37 ? 31  PHE A CA    1 
ATOM   246  C C     . PHE A 1 37  ? -6.244  -8.916  1.487   1.00 36.20 ? 31  PHE A C     1 
ATOM   247  O O     . PHE A 1 37  ? -6.509  -7.864  0.896   1.00 40.03 ? 31  PHE A O     1 
ATOM   248  C CB    . PHE A 1 37  ? -7.140  -8.747  3.811   1.00 35.21 ? 31  PHE A CB    1 
ATOM   249  C CG    . PHE A 1 37  ? -7.655  -7.337  3.779   1.00 37.33 ? 31  PHE A CG    1 
ATOM   250  C CD1   . PHE A 1 37  ? -9.010  -7.078  3.894   1.00 36.01 ? 31  PHE A CD1   1 
ATOM   251  C CD2   . PHE A 1 37  ? -6.782  -6.271  3.648   1.00 34.74 ? 31  PHE A CD2   1 
ATOM   252  C CE1   . PHE A 1 37  ? -9.485  -5.783  3.871   1.00 37.63 ? 31  PHE A CE1   1 
ATOM   253  C CE2   . PHE A 1 37  ? -7.253  -4.973  3.623   1.00 34.90 ? 31  PHE A CE2   1 
ATOM   254  C CZ    . PHE A 1 37  ? -8.606  -4.729  3.734   1.00 34.92 ? 31  PHE A CZ    1 
ATOM   255  N N     . ALA A 1 38  ? -5.100  -9.582  1.297   1.00 34.38 ? 32  ALA A N     1 
ATOM   256  C CA    . ALA A 1 38  ? -4.027  -9.018  0.482   1.00 42.51 ? 32  ALA A CA    1 
ATOM   257  C C     . ALA A 1 38  ? -4.477  -8.734  -0.947  1.00 42.71 ? 32  ALA A C     1 
ATOM   258  O O     . ALA A 1 38  ? -4.011  -7.766  -1.560  1.00 37.42 ? 32  ALA A O     1 
ATOM   259  C CB    . ALA A 1 38  ? -2.823  -9.959  0.477   1.00 33.64 ? 32  ALA A CB    1 
ATOM   260  N N     . TYR A 1 39  ? -5.380  -9.559  -1.485  1.00 41.27 ? 33  TYR A N     1 
ATOM   261  C CA    . TYR A 1 39  ? -5.855  -9.387  -2.855  1.00 36.40 ? 33  TYR A CA    1 
ATOM   262  C C     . TYR A 1 39  ? -6.440  -7.999  -3.089  1.00 36.41 ? 33  TYR A C     1 
ATOM   263  O O     . TYR A 1 39  ? -6.333  -7.459  -4.195  1.00 34.92 ? 33  TYR A O     1 
ATOM   264  C CB    . TYR A 1 39  ? -6.899  -10.457 -3.171  1.00 41.39 ? 33  TYR A CB    1 
ATOM   265  C CG    . TYR A 1 39  ? -7.315  -10.529 -4.622  1.00 41.03 ? 33  TYR A CG    1 
ATOM   266  C CD1   . TYR A 1 39  ? -6.657  -11.372 -5.507  1.00 45.62 ? 33  TYR A CD1   1 
ATOM   267  C CD2   . TYR A 1 39  ? -8.374  -9.770  -5.104  1.00 40.34 ? 33  TYR A CD2   1 
ATOM   268  C CE1   . TYR A 1 39  ? -7.032  -11.449 -6.834  1.00 51.73 ? 33  TYR A CE1   1 
ATOM   269  C CE2   . TYR A 1 39  ? -8.759  -9.842  -6.429  1.00 43.87 ? 33  TYR A CE2   1 
ATOM   270  C CZ    . TYR A 1 39  ? -8.084  -10.685 -7.290  1.00 48.17 ? 33  TYR A CZ    1 
ATOM   271  O OH    . TYR A 1 39  ? -8.453  -10.769 -8.613  1.00 53.48 ? 33  TYR A OH    1 
ATOM   272  N N     . LEU A 1 40  ? -7.062  -7.410  -2.067  1.00 35.35 ? 34  LEU A N     1 
ATOM   273  C CA    . LEU A 1 40  ? -7.670  -6.094  -2.202  1.00 32.38 ? 34  LEU A CA    1 
ATOM   274  C C     . LEU A 1 40  ? -6.645  -4.976  -2.325  1.00 35.51 ? 34  LEU A C     1 
ATOM   275  O O     . LEU A 1 40  ? -7.020  -3.850  -2.670  1.00 36.41 ? 34  LEU A O     1 
ATOM   276  C CB    . LEU A 1 40  ? -8.588  -5.827  -1.015  1.00 36.39 ? 34  LEU A CB    1 
ATOM   277  C CG    . LEU A 1 40  ? -9.687  -6.873  -0.849  1.00 40.95 ? 34  LEU A CG    1 
ATOM   278  C CD1   . LEU A 1 40  ? -10.480 -6.623  0.429   1.00 42.98 ? 34  LEU A CD1   1 
ATOM   279  C CD2   . LEU A 1 40  ? -10.590 -6.892  -2.074  1.00 39.74 ? 34  LEU A CD2   1 
ATOM   280  N N     . GLY A 1 41  ? -5.376  -5.250  -2.047  1.00 36.39 ? 35  GLY A N     1 
ATOM   281  C CA    . GLY A 1 41  ? -4.307  -4.304  -2.273  1.00 40.02 ? 35  GLY A CA    1 
ATOM   282  C C     . GLY A 1 41  ? -3.493  -4.554  -3.521  1.00 38.62 ? 35  GLY A C     1 
ATOM   283  O O     . GLY A 1 41  ? -2.504  -3.853  -3.747  1.00 43.79 ? 35  GLY A O     1 
ATOM   284  N N     . SER A 1 42  ? -3.875  -5.530  -4.338  1.00 34.97 ? 36  SER A N     1 
ATOM   285  C CA    . SER A 1 42  ? -3.188  -5.814  -5.588  1.00 38.76 ? 36  SER A CA    1 
ATOM   286  C C     . SER A 1 42  ? -3.852  -5.074  -6.748  1.00 34.13 ? 36  SER A C     1 
ATOM   287  O O     . SER A 1 42  ? -4.949  -4.524  -6.629  1.00 34.71 ? 36  SER A O     1 
ATOM   288  C CB    . SER A 1 42  ? -3.176  -7.317  -5.859  1.00 34.52 ? 36  SER A CB    1 
ATOM   289  O OG    . SER A 1 42  ? -4.482  -7.784  -6.155  1.00 37.17 ? 36  SER A OG    1 
ATOM   290  N N     . GLY A 1 43  ? -3.168  -5.070  -7.891  1.00 39.85 ? 37  GLY A N     1 
ATOM   291  C CA    . GLY A 1 43  ? -3.723  -4.459  -9.084  1.00 36.67 ? 37  GLY A CA    1 
ATOM   292  C C     . GLY A 1 43  ? -4.903  -5.199  -9.676  1.00 38.65 ? 37  GLY A C     1 
ATOM   293  O O     . GLY A 1 43  ? -5.539  -4.676  -10.597 1.00 41.82 ? 37  GLY A O     1 
ATOM   294  N N     . TYR A 1 44  ? -5.213  -6.393  -9.170  1.00 35.27 ? 38  TYR A N     1 
ATOM   295  C CA    . TYR A 1 44  ? -6.324  -7.176  -9.695  1.00 36.95 ? 38  TYR A CA    1 
ATOM   296  C C     . TYR A 1 44  ? -7.685  -6.621  -9.300  1.00 34.81 ? 38  TYR A C     1 
ATOM   297  O O     . TYR A 1 44  ? -8.698  -7.083  -9.835  1.00 38.30 ? 38  TYR A O     1 
ATOM   298  C CB    . TYR A 1 44  ? -6.206  -8.627  -9.229  1.00 40.54 ? 38  TYR A CB    1 
ATOM   299  C CG    . TYR A 1 44  ? -4.980  -9.330  -9.753  1.00 41.85 ? 38  TYR A CG    1 
ATOM   300  C CD1   . TYR A 1 44  ? -4.873  -9.668  -11.095 1.00 43.14 ? 38  TYR A CD1   1 
ATOM   301  C CD2   . TYR A 1 44  ? -3.925  -9.650  -8.907  1.00 49.96 ? 38  TYR A CD2   1 
ATOM   302  C CE1   . TYR A 1 44  ? -3.750  -10.310 -11.581 1.00 47.70 ? 38  TYR A CE1   1 
ATOM   303  C CE2   . TYR A 1 44  ? -2.800  -10.292 -9.382  1.00 48.86 ? 38  TYR A CE2   1 
ATOM   304  C CZ    . TYR A 1 44  ? -2.717  -10.618 -10.720 1.00 56.80 ? 38  TYR A CZ    1 
ATOM   305  O OH    . TYR A 1 44  ? -1.596  -11.258 -11.197 1.00 78.55 ? 38  TYR A OH    1 
ATOM   306  N N     . VAL A 1 45  ? -7.741  -5.656  -8.379  1.00 32.89 ? 39  VAL A N     1 
ATOM   307  C CA    . VAL A 1 45  ? -9.004  -4.994  -8.065  1.00 27.66 ? 39  VAL A CA    1 
ATOM   308  C C     . VAL A 1 45  ? -9.253  -3.770  -8.933  1.00 30.60 ? 39  VAL A C     1 
ATOM   309  O O     . VAL A 1 45  ? -10.371 -3.233  -8.916  1.00 33.51 ? 39  VAL A O     1 
ATOM   310  C CB    . VAL A 1 45  ? -9.068  -4.574  -6.582  1.00 31.33 ? 39  VAL A CB    1 
ATOM   311  C CG1   . VAL A 1 45  ? -8.764  -5.758  -5.682  1.00 45.40 ? 39  VAL A CG1   1 
ATOM   312  C CG2   . VAL A 1 45  ? -8.108  -3.427  -6.310  1.00 30.41 ? 39  VAL A CG2   1 
ATOM   313  N N     . LEU A 1 46  ? -8.258  -3.322  -9.703  1.00 30.21 ? 40  LEU A N     1 
ATOM   314  C CA    . LEU A 1 46  ? -8.390  -2.070  -10.445 1.00 42.26 ? 40  LEU A CA    1 
ATOM   315  C C     . LEU A 1 46  ? -9.459  -2.172  -11.527 1.00 39.87 ? 40  LEU A C     1 
ATOM   316  O O     . LEU A 1 46  ? -10.367 -1.334  -11.594 1.00 40.45 ? 40  LEU A O     1 
ATOM   317  C CB    . LEU A 1 46  ? -7.043  -1.678  -11.053 1.00 42.84 ? 40  LEU A CB    1 
ATOM   318  C CG    . LEU A 1 46  ? -6.007  -1.149  -10.061 1.00 37.24 ? 40  LEU A CG    1 
ATOM   319  C CD1   . LEU A 1 46  ? -4.796  -0.579  -10.782 1.00 41.38 ? 40  LEU A CD1   1 
ATOM   320  C CD2   . LEU A 1 46  ? -6.643  -0.103  -9.161  1.00 37.03 ? 40  LEU A CD2   1 
ATOM   321  N N     . PHE A 1 47  ? -9.360  -3.184  -12.389 1.00 38.83 ? 41  PHE A N     1 
ATOM   322  C CA    . PHE A 1 47  ? -10.364 -3.365  -13.435 1.00 37.84 ? 41  PHE A CA    1 
ATOM   323  C C     . PHE A 1 47  ? -11.762 -3.568  -12.862 1.00 37.08 ? 41  PHE A C     1 
ATOM   324  O O     . PHE A 1 47  ? -12.696 -2.891  -13.325 1.00 36.24 ? 41  PHE A O     1 
ATOM   325  C CB    . PHE A 1 47  ? -9.939  -4.518  -14.354 1.00 42.73 ? 41  PHE A CB    1 
ATOM   326  C CG    . PHE A 1 47  ? -10.549 -4.472  -15.728 1.00 36.46 ? 41  PHE A CG    1 
ATOM   327  C CD1   . PHE A 1 47  ? -11.469 -3.492  -16.072 1.00 42.96 ? 41  PHE A CD1   1 
ATOM   328  C CD2   . PHE A 1 47  ? -10.195 -5.412  -16.681 1.00 39.89 ? 41  PHE A CD2   1 
ATOM   329  C CE1   . PHE A 1 47  ? -12.025 -3.457  -17.335 1.00 47.64 ? 41  PHE A CE1   1 
ATOM   330  C CE2   . PHE A 1 47  ? -10.748 -5.381  -17.945 1.00 36.33 ? 41  PHE A CE2   1 
ATOM   331  C CZ    . PHE A 1 47  ? -11.663 -4.401  -18.274 1.00 44.19 ? 41  PHE A CZ    1 
ATOM   332  N N     . PRO A 1 48  ? -11.987 -4.451  -11.876 1.00 40.52 ? 42  PRO A N     1 
ATOM   333  C CA    . PRO A 1 48  ? -13.329 -4.509  -11.268 1.00 36.34 ? 42  PRO A CA    1 
ATOM   334  C C     . PRO A 1 48  ? -13.785 -3.184  -10.681 1.00 38.75 ? 42  PRO A C     1 
ATOM   335  O O     . PRO A 1 48  ? -14.961 -2.824  -10.818 1.00 46.54 ? 42  PRO A O     1 
ATOM   336  C CB    . PRO A 1 48  ? -13.171 -5.586  -10.186 1.00 34.89 ? 42  PRO A CB    1 
ATOM   337  C CG    . PRO A 1 48  ? -12.075 -6.455  -10.686 1.00 35.63 ? 42  PRO A CG    1 
ATOM   338  C CD    . PRO A 1 48  ? -11.115 -5.526  -11.365 1.00 38.44 ? 42  PRO A CD    1 
ATOM   339  N N     . LEU A 1 49  ? -12.881 -2.442  -10.037 1.00 36.15 ? 43  LEU A N     1 
ATOM   340  C CA    . LEU A 1 49  ? -13.264 -1.181  -9.410  1.00 32.81 ? 43  LEU A CA    1 
ATOM   341  C C     . LEU A 1 49  ? -13.624 -0.127  -10.451 1.00 34.48 ? 43  LEU A C     1 
ATOM   342  O O     . LEU A 1 49  ? -14.627 0.581   -10.310 1.00 32.10 ? 43  LEU A O     1 
ATOM   343  C CB    . LEU A 1 49  ? -12.133 -0.682  -8.510  1.00 40.02 ? 43  LEU A CB    1 
ATOM   344  C CG    . LEU A 1 49  ? -12.239 0.759   -8.010  1.00 38.99 ? 43  LEU A CG    1 
ATOM   345  C CD1   . LEU A 1 49  ? -13.414 0.904   -7.055  1.00 41.16 ? 43  LEU A CD1   1 
ATOM   346  C CD2   . LEU A 1 49  ? -10.946 1.189   -7.338  1.00 37.04 ? 43  LEU A CD2   1 
ATOM   347  N N     . LEU A 1 50  ? -12.810 -0.003  -11.500 1.00 34.68 ? 44  LEU A N     1 
ATOM   348  C CA    . LEU A 1 50  ? -13.055 1.023   -12.508 1.00 38.64 ? 44  LEU A CA    1 
ATOM   349  C C     . LEU A 1 50  ? -14.388 0.802   -13.212 1.00 38.59 ? 44  LEU A C     1 
ATOM   350  O O     . LEU A 1 50  ? -15.096 1.765   -13.533 1.00 43.14 ? 44  LEU A O     1 
ATOM   351  C CB    . LEU A 1 50  ? -11.910 1.052   -13.518 1.00 48.00 ? 44  LEU A CB    1 
ATOM   352  C CG    . LEU A 1 50  ? -10.651 1.799   -13.069 1.00 59.10 ? 44  LEU A CG    1 
ATOM   353  C CD1   . LEU A 1 50  ? -9.487  1.507   -14.004 1.00 59.11 ? 44  LEU A CD1   1 
ATOM   354  C CD2   . LEU A 1 50  ? -10.916 3.296   -12.993 1.00 47.38 ? 44  LEU A CD2   1 
ATOM   355  N N     . ILE A 1 51  ? -14.754 -0.459  -13.450 1.00 42.20 ? 45  ILE A N     1 
ATOM   356  C CA    . ILE A 1 51  ? -16.027 -0.745  -14.103 1.00 44.83 ? 45  ILE A CA    1 
ATOM   357  C C     . ILE A 1 51  ? -17.186 -0.293  -13.225 1.00 40.96 ? 45  ILE A C     1 
ATOM   358  O O     . ILE A 1 51  ? -18.145 0.325   -13.705 1.00 41.77 ? 45  ILE A O     1 
ATOM   359  C CB    . ILE A 1 51  ? -16.125 -2.241  -14.454 1.00 45.03 ? 45  ILE A CB    1 
ATOM   360  C CG1   . ILE A 1 51  ? -15.111 -2.597  -15.542 1.00 38.73 ? 45  ILE A CG1   1 
ATOM   361  C CG2   . ILE A 1 51  ? -17.538 -2.599  -14.896 1.00 39.73 ? 45  ILE A CG2   1 
ATOM   362  C CD1   . ILE A 1 51  ? -15.204 -1.731  -16.776 1.00 41.49 ? 45  ILE A CD1   1 
ATOM   363  N N     . PHE A 1 52  ? -17.112 -0.576  -11.923 1.00 40.20 ? 46  PHE A N     1 
ATOM   364  C CA    . PHE A 1 52  ? -18.169 -0.123  -11.025 1.00 45.44 ? 46  PHE A CA    1 
ATOM   365  C C     . PHE A 1 52  ? -18.178 1.395   -10.889 1.00 42.83 ? 46  PHE A C     1 
ATOM   366  O O     . PHE A 1 52  ? -19.248 1.993   -10.728 1.00 41.28 ? 46  PHE A O     1 
ATOM   367  C CB    . PHE A 1 52  ? -18.021 -0.788  -9.655  1.00 32.31 ? 46  PHE A CB    1 
ATOM   368  C CG    . PHE A 1 52  ? -18.701 -2.125  -9.560  1.00 44.74 ? 46  PHE A CG    1 
ATOM   369  C CD1   . PHE A 1 52  ? -18.148 -3.242  -10.164 1.00 46.07 ? 46  PHE A CD1   1 
ATOM   370  C CD2   . PHE A 1 52  ? -19.894 -2.267  -8.870  1.00 40.59 ? 46  PHE A CD2   1 
ATOM   371  C CE1   . PHE A 1 52  ? -18.771 -4.473  -10.083 1.00 48.35 ? 46  PHE A CE1   1 
ATOM   372  C CE2   . PHE A 1 52  ? -20.523 -3.496  -8.784  1.00 39.50 ? 46  PHE A CE2   1 
ATOM   373  C CZ    . PHE A 1 52  ? -19.960 -4.600  -9.392  1.00 44.35 ? 46  PHE A CZ    1 
ATOM   374  N N     . LEU A 1 53  ? -17.007 2.036   -10.957 1.00 39.78 ? 47  LEU A N     1 
ATOM   375  C CA    . LEU A 1 53  ? -16.974 3.496   -10.940 1.00 42.28 ? 47  LEU A CA    1 
ATOM   376  C C     . LEU A 1 53  ? -17.626 4.069   -12.190 1.00 38.78 ? 47  LEU A C     1 
ATOM   377  O O     . LEU A 1 53  ? -18.390 5.036   -12.111 1.00 42.53 ? 47  LEU A O     1 
ATOM   378  C CB    . LEU A 1 53  ? -15.535 3.993   -10.813 1.00 31.71 ? 47  LEU A CB    1 
ATOM   379  C CG    . LEU A 1 53  ? -14.889 3.894   -9.432  1.00 39.58 ? 47  LEU A CG    1 
ATOM   380  C CD1   . LEU A 1 53  ? -13.516 4.533   -9.455  1.00 42.99 ? 47  LEU A CD1   1 
ATOM   381  C CD2   . LEU A 1 53  ? -15.770 4.543   -8.375  1.00 32.33 ? 47  LEU A CD2   1 
ATOM   382  N N     . PHE A 1 54  ? -17.347 3.476   -13.353 1.00 39.40 ? 48  PHE A N     1 
ATOM   383  C CA    . PHE A 1 54  ? -17.956 3.940   -14.595 1.00 47.31 ? 48  PHE A CA    1 
ATOM   384  C C     . PHE A 1 54  ? -19.479 3.896   -14.527 1.00 52.36 ? 48  PHE A C     1 
ATOM   385  O O     . PHE A 1 54  ? -20.152 4.702   -15.179 1.00 52.77 ? 48  PHE A O     1 
ATOM   386  C CB    . PHE A 1 54  ? -17.444 3.097   -15.763 1.00 47.41 ? 48  PHE A CB    1 
ATOM   387  C CG    . PHE A 1 54  ? -17.829 3.626   -17.114 1.00 60.37 ? 48  PHE A CG    1 
ATOM   388  C CD1   . PHE A 1 54  ? -17.050 4.579   -17.748 1.00 54.50 ? 48  PHE A CD1   1 
ATOM   389  C CD2   . PHE A 1 54  ? -18.966 3.160   -17.756 1.00 71.09 ? 48  PHE A CD2   1 
ATOM   390  C CE1   . PHE A 1 54  ? -17.403 5.064   -18.994 1.00 65.71 ? 48  PHE A CE1   1 
ATOM   391  C CE2   . PHE A 1 54  ? -19.323 3.641   -19.002 1.00 65.15 ? 48  PHE A CE2   1 
ATOM   392  C CZ    . PHE A 1 54  ? -18.541 4.593   -19.623 1.00 61.04 ? 48  PHE A CZ    1 
ATOM   393  N N     . ILE A 1 55  ? -20.036 2.982   -13.739 1.00 48.63 ? 49  ILE A N     1 
ATOM   394  C CA    . ILE A 1 55  ? -21.485 2.829   -13.655 1.00 40.17 ? 49  ILE A CA    1 
ATOM   395  C C     . ILE A 1 55  ? -22.093 3.753   -12.605 1.00 50.37 ? 49  ILE A C     1 
ATOM   396  O O     . ILE A 1 55  ? -23.142 4.358   -12.837 1.00 57.05 ? 49  ILE A O     1 
ATOM   397  C CB    . ILE A 1 55  ? -21.831 1.353   -13.378 1.00 52.22 ? 49  ILE A CB    1 
ATOM   398  C CG1   . ILE A 1 55  ? -21.387 0.475   -14.548 1.00 54.45 ? 49  ILE A CG1   1 
ATOM   399  C CG2   . ILE A 1 55  ? -23.322 1.188   -13.112 1.00 49.87 ? 49  ILE A CG2   1 
ATOM   400  C CD1   . ILE A 1 55  ? -21.638 -0.996  -14.338 1.00 47.83 ? 49  ILE A CD1   1 
ATOM   401  N N     . PHE A 1 56  ? -21.454 3.888   -11.440 1.00 46.53 ? 50  PHE A N     1 
ATOM   402  C CA    . PHE A 1 56  ? -22.062 4.590   -10.318 1.00 48.47 ? 50  PHE A CA    1 
ATOM   403  C C     . PHE A 1 56  ? -21.401 5.916   -9.965  1.00 46.91 ? 50  PHE A C     1 
ATOM   404  O O     . PHE A 1 56  ? -22.036 6.734   -9.294  1.00 54.88 ? 50  PHE A O     1 
ATOM   405  C CB    . PHE A 1 56  ? -22.059 3.699   -9.067  1.00 36.24 ? 50  PHE A CB    1 
ATOM   406  C CG    . PHE A 1 56  ? -22.765 2.383   -9.253  1.00 47.02 ? 50  PHE A CG    1 
ATOM   407  C CD1   . PHE A 1 56  ? -24.146 2.302   -9.164  1.00 50.59 ? 50  PHE A CD1   1 
ATOM   408  C CD2   . PHE A 1 56  ? -22.046 1.224   -9.500  1.00 45.31 ? 50  PHE A CD2   1 
ATOM   409  C CE1   . PHE A 1 56  ? -24.796 1.091   -9.328  1.00 43.84 ? 50  PHE A CE1   1 
ATOM   410  C CE2   . PHE A 1 56  ? -22.689 0.011   -9.666  1.00 43.93 ? 50  PHE A CE2   1 
ATOM   411  C CZ    . PHE A 1 56  ? -24.066 -0.056  -9.581  1.00 45.34 ? 50  PHE A CZ    1 
ATOM   412  N N     . ARG A 1 57  ? -20.161 6.151   -10.384 1.00 45.84 ? 51  ARG A N     1 
ATOM   413  C CA    . ARG A 1 57  ? -19.424 7.360   -10.016 1.00 44.01 ? 51  ARG A CA    1 
ATOM   414  C C     . ARG A 1 57  ? -18.455 7.726   -11.140 1.00 39.98 ? 51  ARG A C     1 
ATOM   415  O O     . ARG A 1 57  ? -17.244 7.806   -10.952 1.00 38.75 ? 51  ARG A O     1 
ATOM   416  C CB    . ARG A 1 57  ? -18.686 7.159   -8.694  1.00 46.56 ? 51  ARG A CB    1 
ATOM   417  C CG    . ARG A 1 57  ? -19.527 7.386   -7.455  1.00 58.02 ? 51  ARG A CG    1 
ATOM   418  C CD    . ARG A 1 57  ? -19.647 8.864   -7.123  1.00 47.10 ? 51  ARG A CD    1 
ATOM   419  N NE    . ARG A 1 57  ? -20.247 9.068   -5.808  1.00 55.24 ? 51  ARG A NE    1 
ATOM   420  C CZ    . ARG A 1 57  ? -21.557 9.106   -5.585  1.00 70.80 ? 51  ARG A CZ    1 
ATOM   421  N NH1   . ARG A 1 57  ? -22.408 8.959   -6.592  1.00 71.79 ? 51  ARG A NH1   1 
ATOM   422  N NH2   . ARG A 1 57  ? -22.018 9.291   -4.355  1.00 67.48 ? 51  ARG A NH2   1 
ATOM   423  N N     . LYS A 1 58  ? -18.998 7.959   -12.339 1.00 42.39 ? 52  LYS A N     1 
ATOM   424  C CA    . LYS A 1 58  ? -18.154 8.132   -13.519 1.00 38.17 ? 52  LYS A CA    1 
ATOM   425  C C     . LYS A 1 58  ? -17.222 9.329   -13.388 1.00 36.44 ? 52  LYS A C     1 
ATOM   426  O O     . LYS A 1 58  ? -16.143 9.343   -13.993 1.00 42.72 ? 52  LYS A O     1 
ATOM   427  C CB    . LYS A 1 58  ? -19.021 8.269   -14.770 1.00 47.54 ? 52  LYS A CB    1 
ATOM   428  N N     . GLU A 1 59  ? -17.608 10.336  -12.601 1.00 41.82 ? 53  GLU A N     1 
ATOM   429  C CA    . GLU A 1 59  ? -16.744 11.494  -12.407 1.00 45.88 ? 53  GLU A CA    1 
ATOM   430  C C     . GLU A 1 59  ? -15.440 11.133  -11.703 1.00 48.03 ? 53  GLU A C     1 
ATOM   431  O O     . GLU A 1 59  ? -14.477 11.903  -11.773 1.00 43.17 ? 53  GLU A O     1 
ATOM   432  C CB    . GLU A 1 59  ? -17.484 12.573  -11.615 1.00 51.53 ? 53  GLU A CB    1 
ATOM   433  C CG    . GLU A 1 59  ? -17.908 12.147  -10.216 1.00 60.89 ? 53  GLU A CG    1 
ATOM   434  C CD    . GLU A 1 59  ? -19.288 11.509  -10.188 1.00 65.15 ? 53  GLU A CD    1 
ATOM   435  O OE1   . GLU A 1 59  ? -19.794 11.121  -11.263 1.00 59.70 ? 53  GLU A OE1   1 
ATOM   436  O OE2   . GLU A 1 59  ? -19.870 11.400  -9.089  1.00 73.29 ? 53  GLU A OE2   1 
ATOM   437  N N     . LYS A 1 60  ? -15.385 9.983   -11.034 1.00 49.10 ? 54  LYS A N     1 
ATOM   438  C CA    . LYS A 1 60  ? -14.190 9.553   -10.324 1.00 47.91 ? 54  LYS A CA    1 
ATOM   439  C C     . LYS A 1 60  ? -13.274 8.676   -11.167 1.00 45.00 ? 54  LYS A C     1 
ATOM   440  O O     . LYS A 1 60  ? -12.175 8.341   -10.713 1.00 45.10 ? 54  LYS A O     1 
ATOM   441  C CB    . LYS A 1 60  ? -14.583 8.793   -9.052  1.00 49.90 ? 54  LYS A CB    1 
ATOM   442  C CG    . LYS A 1 60  ? -14.219 9.499   -7.760  1.00 52.84 ? 54  LYS A CG    1 
ATOM   443  C CD    . LYS A 1 60  ? -14.934 10.827  -7.624  1.00 54.69 ? 54  LYS A CD    1 
ATOM   444  C CE    . LYS A 1 60  ? -14.688 11.441  -6.255  1.00 58.24 ? 54  LYS A CE    1 
ATOM   445  N NZ    . LYS A 1 60  ? -15.211 10.577  -5.161  1.00 49.98 ? 54  LYS A NZ    1 
ATOM   446  N N     . VAL A 1 61  ? -13.692 8.302   -12.376 1.00 39.84 ? 55  VAL A N     1 
ATOM   447  C CA    . VAL A 1 61  ? -12.898 7.376   -13.179 1.00 40.42 ? 55  VAL A CA    1 
ATOM   448  C C     . VAL A 1 61  ? -11.610 8.040   -13.647 1.00 41.97 ? 55  VAL A C     1 
ATOM   449  O O     . VAL A 1 61  ? -10.513 7.498   -13.467 1.00 43.77 ? 55  VAL A O     1 
ATOM   450  C CB    . VAL A 1 61  ? -13.728 6.849   -14.362 1.00 46.52 ? 55  VAL A CB    1 
ATOM   451  C CG1   . VAL A 1 61  ? -12.847 6.060   -15.313 1.00 41.33 ? 55  VAL A CG1   1 
ATOM   452  C CG2   . VAL A 1 61  ? -14.881 5.991   -13.859 1.00 44.94 ? 55  VAL A CG2   1 
ATOM   453  N N     . LYS A 1 62  ? -11.721 9.221   -14.256 1.00 43.63 ? 56  LYS A N     1 
ATOM   454  C CA    . LYS A 1 62  ? -10.529 9.915   -14.741 1.00 43.46 ? 56  LYS A CA    1 
ATOM   455  C C     . LYS A 1 62  ? -9.567  10.287  -13.619 1.00 39.16 ? 56  LYS A C     1 
ATOM   456  O O     . LYS A 1 62  ? -8.357  10.038  -13.771 1.00 41.68 ? 56  LYS A O     1 
ATOM   457  C CB    . LYS A 1 62  ? -10.943 11.144  -15.559 1.00 50.81 ? 56  LYS A CB    1 
ATOM   458  N N     . PRO A 1 63  ? -10.001 10.871  -12.492 1.00 38.92 ? 57  PRO A N     1 
ATOM   459  C CA    . PRO A 1 63  ? -9.037  11.135  -11.410 1.00 35.76 ? 57  PRO A CA    1 
ATOM   460  C C     . PRO A 1 63  ? -8.328  9.888   -10.911 1.00 43.30 ? 57  PRO A C     1 
ATOM   461  O O     . PRO A 1 63  ? -7.119  9.932   -10.651 1.00 45.12 ? 57  PRO A O     1 
ATOM   462  C CB    . PRO A 1 63  ? -9.906  11.767  -10.314 1.00 44.03 ? 57  PRO A CB    1 
ATOM   463  C CG    . PRO A 1 63  ? -11.045 12.358  -11.043 1.00 43.65 ? 57  PRO A CG    1 
ATOM   464  C CD    . PRO A 1 63  ? -11.331 11.421  -12.172 1.00 38.84 ? 57  PRO A CD    1 
ATOM   465  N N     . LEU A 1 64  ? -9.045  8.770   -10.776 1.00 44.11 ? 58  LEU A N     1 
ATOM   466  C CA    . LEU A 1 64  ? -8.407  7.558   -10.272 1.00 38.67 ? 58  LEU A CA    1 
ATOM   467  C C     . LEU A 1 64  ? -7.406  7.001   -11.274 1.00 38.21 ? 58  LEU A C     1 
ATOM   468  O O     . LEU A 1 64  ? -6.313  6.567   -10.889 1.00 41.85 ? 58  LEU A O     1 
ATOM   469  C CB    . LEU A 1 64  ? -9.459  6.506   -9.924  1.00 38.24 ? 58  LEU A CB    1 
ATOM   470  C CG    . LEU A 1 64  ? -8.854  5.219   -9.354  1.00 45.42 ? 58  LEU A CG    1 
ATOM   471  C CD1   . LEU A 1 64  ? -8.133  5.495   -8.035  1.00 27.22 ? 58  LEU A CD1   1 
ATOM   472  C CD2   . LEU A 1 64  ? -9.912  4.144   -9.183  1.00 37.17 ? 58  LEU A CD2   1 
ATOM   473  N N     . ILE A 1 65  ? -7.757  7.004   -12.563 1.00 34.15 ? 59  ILE A N     1 
ATOM   474  C CA    . ILE A 1 65  ? -6.836  6.497   -13.579 1.00 33.99 ? 59  ILE A CA    1 
ATOM   475  C C     . ILE A 1 65  ? -5.559  7.327   -13.606 1.00 37.59 ? 59  ILE A C     1 
ATOM   476  O O     . ILE A 1 65  ? -4.449  6.783   -13.672 1.00 41.03 ? 59  ILE A O     1 
ATOM   477  C CB    . ILE A 1 65  ? -7.520  6.464   -14.958 1.00 51.78 ? 59  ILE A CB    1 
ATOM   478  C CG1   . ILE A 1 65  ? -8.616  5.396   -14.987 1.00 43.82 ? 59  ILE A CG1   1 
ATOM   479  C CG2   . ILE A 1 65  ? -6.498  6.204   -16.058 1.00 41.15 ? 59  ILE A CG2   1 
ATOM   480  C CD1   . ILE A 1 65  ? -9.360  5.328   -16.299 1.00 48.50 ? 59  ILE A CD1   1 
ATOM   481  N N     . LEU A 1 66  ? -5.688  8.654   -13.539 1.00 41.05 ? 60  LEU A N     1 
ATOM   482  C CA    . LEU A 1 66  ? -4.497  9.496   -13.565 1.00 40.17 ? 60  LEU A CA    1 
ATOM   483  C C     . LEU A 1 66  ? -3.688  9.347   -12.281 1.00 38.03 ? 60  LEU A C     1 
ATOM   484  O O     . LEU A 1 66  ? -2.453  9.362   -12.313 1.00 39.65 ? 60  LEU A O     1 
ATOM   485  C CB    . LEU A 1 66  ? -4.895  10.954  -13.803 1.00 40.53 ? 60  LEU A CB    1 
ATOM   486  C CG    . LEU A 1 66  ? -3.983  12.062  -13.273 1.00 51.47 ? 60  LEU A CG    1 
ATOM   487  C CD1   . LEU A 1 66  ? -2.700  12.124  -14.092 1.00 48.34 ? 60  LEU A CD1   1 
ATOM   488  C CD2   . LEU A 1 66  ? -4.700  13.407  -13.310 1.00 55.19 ? 60  LEU A CD2   1 
ATOM   489  N N     . ALA A 1 67  ? -4.363  9.179   -11.144 1.00 34.24 ? 61  ALA A N     1 
ATOM   490  C CA    . ALA A 1 67  ? -3.647  9.014   -9.883  1.00 36.86 ? 61  ALA A CA    1 
ATOM   491  C C     . ALA A 1 67  ? -2.907  7.685   -9.835  1.00 40.35 ? 61  ALA A C     1 
ATOM   492  O O     . ALA A 1 67  ? -1.761  7.623   -9.373  1.00 43.24 ? 61  ALA A O     1 
ATOM   493  C CB    . ALA A 1 67  ? -4.618  9.134   -8.710  1.00 36.08 ? 61  ALA A CB    1 
ATOM   494  N N     . ILE A 1 68  ? -3.544  6.611   -10.308 1.00 42.40 ? 62  ILE A N     1 
ATOM   495  C CA    . ILE A 1 68  ? -2.882  5.312   -10.346 1.00 37.73 ? 62  ILE A CA    1 
ATOM   496  C C     . ILE A 1 68  ? -1.678  5.360   -11.277 1.00 39.48 ? 62  ILE A C     1 
ATOM   497  O O     . ILE A 1 68  ? -0.611  4.822   -10.964 1.00 43.90 ? 62  ILE A O     1 
ATOM   498  C CB    . ILE A 1 68  ? -3.881  4.214   -10.755 1.00 37.37 ? 62  ILE A CB    1 
ATOM   499  C CG1   . ILE A 1 68  ? -4.890  3.970   -9.631  1.00 41.63 ? 62  ILE A CG1   1 
ATOM   500  C CG2   . ILE A 1 68  ? -3.153  2.927   -11.095 1.00 32.82 ? 62  ILE A CG2   1 
ATOM   501  C CD1   . ILE A 1 68  ? -4.263  3.484   -8.346  1.00 39.87 ? 62  ILE A CD1   1 
ATOM   502  N N     . MET A 1 69  ? -1.825  6.018   -12.431 1.00 40.63 ? 63  MET A N     1 
ATOM   503  C CA    . MET A 1 69  ? -0.692  6.195   -13.332 1.00 41.59 ? 63  MET A CA    1 
ATOM   504  C C     . MET A 1 69  ? 0.443   6.943   -12.646 1.00 43.19 ? 63  MET A C     1 
ATOM   505  O O     . MET A 1 69  ? 1.615   6.572   -12.783 1.00 43.63 ? 63  MET A O     1 
ATOM   506  C CB    . MET A 1 69  ? -1.131  6.948   -14.587 1.00 47.19 ? 63  MET A CB    1 
ATOM   507  C CG    . MET A 1 69  ? -1.669  6.073   -15.701 1.00 52.91 ? 63  MET A CG    1 
ATOM   508  S SD    . MET A 1 69  ? -2.171  7.061   -17.124 1.00 70.27 ? 63  MET A SD    1 
ATOM   509  C CE    . MET A 1 69  ? -0.715  8.083   -17.363 1.00 37.68 ? 63  MET A CE    1 
ATOM   510  N N     . LEU A 1 70  ? 0.112   8.001   -11.902 1.00 42.65 ? 64  LEU A N     1 
ATOM   511  C CA    . LEU A 1 70  ? 1.138   8.775   -11.209 1.00 42.50 ? 64  LEU A CA    1 
ATOM   512  C C     . LEU A 1 70  ? 1.848   7.930   -10.157 1.00 45.89 ? 64  LEU A C     1 
ATOM   513  O O     . LEU A 1 70  ? 3.082   7.853   -10.137 1.00 41.65 ? 64  LEU A O     1 
ATOM   514  C CB    . LEU A 1 70  ? 0.518   10.018  -10.569 1.00 40.79 ? 64  LEU A CB    1 
ATOM   515  C CG    . LEU A 1 70  ? 0.069   11.154  -11.489 1.00 53.56 ? 64  LEU A CG    1 
ATOM   516  C CD1   . LEU A 1 70  ? -0.655  12.234  -10.694 1.00 46.01 ? 64  LEU A CD1   1 
ATOM   517  C CD2   . LEU A 1 70  ? 1.253   11.739  -12.242 1.00 53.73 ? 64  LEU A CD2   1 
ATOM   518  N N     . GLU A 1 71  ? 1.082   7.283   -9.271  1.00 39.02 ? 65  GLU A N     1 
ATOM   519  C CA    . GLU A 1 71  ? 1.708   6.519   -8.194  1.00 41.53 ? 65  GLU A CA    1 
ATOM   520  C C     . GLU A 1 71  ? 2.467   5.315   -8.737  1.00 37.15 ? 65  GLU A C     1 
ATOM   521  O O     . GLU A 1 71  ? 3.549   4.987   -8.238  1.00 43.26 ? 65  GLU A O     1 
ATOM   522  C CB    . GLU A 1 71  ? 0.662   6.088   -7.159  1.00 38.49 ? 65  GLU A CB    1 
ATOM   523  C CG    . GLU A 1 71  ? -0.405  5.131   -7.669  1.00 41.64 ? 65  GLU A CG    1 
ATOM   524  C CD    . GLU A 1 71  ? -0.066  3.674   -7.404  1.00 40.92 ? 65  GLU A CD    1 
ATOM   525  O OE1   . GLU A 1 71  ? 0.977   3.404   -6.771  1.00 45.04 ? 65  GLU A OE1   1 
ATOM   526  O OE2   . GLU A 1 71  ? -0.839  2.796   -7.840  1.00 46.60 ? 65  GLU A OE2   1 
ATOM   527  N N     . THR A 1 72  ? 1.933   4.657   -9.769  1.00 35.97 ? 66  THR A N     1 
ATOM   528  C CA    . THR A 1 72  ? 2.605   3.485   -10.326 1.00 37.83 ? 66  THR A CA    1 
ATOM   529  C C     . THR A 1 72  ? 3.968   3.856   -10.895 1.00 42.93 ? 66  THR A C     1 
ATOM   530  O O     . THR A 1 72  ? 4.970   3.186   -10.622 1.00 44.43 ? 66  THR A O     1 
ATOM   531  C CB    . THR A 1 72  ? 1.738   2.839   -11.409 1.00 45.88 ? 66  THR A CB    1 
ATOM   532  O OG1   . THR A 1 72  ? 0.532   2.336   -10.821 1.00 43.55 ? 66  THR A OG1   1 
ATOM   533  C CG2   . THR A 1 72  ? 2.490   1.697   -12.080 1.00 38.48 ? 66  THR A CG2   1 
ATOM   534  N N     . VAL A 1 73  ? 4.022   4.925   -11.691 1.00 43.00 ? 67  VAL A N     1 
ATOM   535  C CA    . VAL A 1 73  ? 5.293   5.375   -12.251 1.00 47.75 ? 67  VAL A CA    1 
ATOM   536  C C     . VAL A 1 73  ? 6.264   5.733   -11.133 1.00 43.72 ? 67  VAL A C     1 
ATOM   537  O O     . VAL A 1 73  ? 7.429   5.316   -11.135 1.00 46.43 ? 67  VAL A O     1 
ATOM   538  C CB    . VAL A 1 73  ? 5.064   6.559   -13.207 1.00 46.48 ? 67  VAL A CB    1 
ATOM   539  C CG1   . VAL A 1 73  ? 6.370   7.282   -13.484 1.00 39.71 ? 67  VAL A CG1   1 
ATOM   540  C CG2   . VAL A 1 73  ? 4.430   6.078   -14.504 1.00 46.05 ? 67  VAL A CG2   1 
ATOM   541  N N     . LEU A 1 74  ? 5.789   6.499   -10.150 1.00 46.32 ? 68  LEU A N     1 
ATOM   542  C CA    . LEU A 1 74  ? 6.649   6.917   -9.051  1.00 47.43 ? 68  LEU A CA    1 
ATOM   543  C C     . LEU A 1 74  ? 7.113   5.732   -8.211  1.00 43.85 ? 68  LEU A C     1 
ATOM   544  O O     . LEU A 1 74  ? 8.249   5.728   -7.724  1.00 53.71 ? 68  LEU A O     1 
ATOM   545  C CB    . LEU A 1 74  ? 5.915   7.941   -8.185  1.00 50.73 ? 68  LEU A CB    1 
ATOM   546  C CG    . LEU A 1 74  ? 6.662   8.547   -6.998  1.00 53.53 ? 68  LEU A CG    1 
ATOM   547  C CD1   . LEU A 1 74  ? 8.059   8.988   -7.405  1.00 57.82 ? 68  LEU A CD1   1 
ATOM   548  C CD2   . LEU A 1 74  ? 5.874   9.713   -6.421  1.00 53.40 ? 68  LEU A CD2   1 
ATOM   549  N N     . VAL A 1 75  ? 6.266   4.715   -8.044  1.00 38.66 ? 69  VAL A N     1 
ATOM   550  C CA    . VAL A 1 75  ? 6.622   3.588   -7.185  1.00 42.09 ? 69  VAL A CA    1 
ATOM   551  C C     . VAL A 1 75  ? 7.654   2.694   -7.866  1.00 46.98 ? 69  VAL A C     1 
ATOM   552  O O     . VAL A 1 75  ? 8.642   2.278   -7.248  1.00 43.93 ? 69  VAL A O     1 
ATOM   553  C CB    . VAL A 1 75  ? 5.361   2.801   -6.782  1.00 39.43 ? 69  VAL A CB    1 
ATOM   554  C CG1   . VAL A 1 75  ? 5.726   1.395   -6.330  1.00 33.15 ? 69  VAL A CG1   1 
ATOM   555  C CG2   . VAL A 1 75  ? 4.616   3.536   -5.679  1.00 34.78 ? 69  VAL A CG2   1 
ATOM   556  N N     . ILE A 1 76  ? 7.445   2.379   -9.148  1.00 46.68 ? 70  ILE A N     1 
ATOM   557  C CA    . ILE A 1 76  ? 8.399   1.518   -9.843  1.00 48.89 ? 70  ILE A CA    1 
ATOM   558  C C     . ILE A 1 76  ? 9.728   2.237   -10.042 1.00 47.06 ? 70  ILE A C     1 
ATOM   559  O O     . ILE A 1 76  ? 10.787  1.598   -10.074 1.00 47.34 ? 70  ILE A O     1 
ATOM   560  C CB    . ILE A 1 76  ? 7.820   1.018   -11.181 1.00 56.18 ? 70  ILE A CB    1 
ATOM   561  C CG1   . ILE A 1 76  ? 7.525   2.191   -12.120 1.00 59.29 ? 70  ILE A CG1   1 
ATOM   562  C CG2   . ILE A 1 76  ? 6.564   0.185   -10.946 1.00 47.98 ? 70  ILE A CG2   1 
ATOM   563  C CD1   . ILE A 1 76  ? 6.858   1.785   -13.421 1.00 61.74 ? 70  ILE A CD1   1 
ATOM   564  N N     . SER A 1 77  ? 9.704   3.567   -10.164 1.00 43.88 ? 71  SER A N     1 
ATOM   565  C CA    . SER A 1 77  ? 10.944  4.326   -10.295 1.00 50.27 ? 71  SER A CA    1 
ATOM   566  C C     . SER A 1 77  ? 11.782  4.221   -9.027  1.00 50.84 ? 71  SER A C     1 
ATOM   567  O O     . SER A 1 77  ? 12.981  3.927   -9.081  1.00 55.05 ? 71  SER A O     1 
ATOM   568  C CB    . SER A 1 77  ? 10.634  5.791   -10.612 1.00 51.96 ? 71  SER A CB    1 
ATOM   569  O OG    . SER A 1 77  ? 10.026  5.925   -11.885 1.00 49.98 ? 71  SER A OG    1 
ATOM   570  N N     . LEU A 1 78  ? 11.161  4.465   -7.871  1.00 52.11 ? 72  LEU A N     1 
ATOM   571  C CA    . LEU A 1 78  ? 11.883  4.343   -6.611  1.00 53.75 ? 72  LEU A CA    1 
ATOM   572  C C     . LEU A 1 78  ? 12.288  2.899   -6.345  1.00 48.63 ? 72  LEU A C     1 
ATOM   573  O O     . LEU A 1 78  ? 13.360  2.644   -5.783  1.00 53.96 ? 72  LEU A O     1 
ATOM   574  C CB    . LEU A 1 78  ? 11.030  4.888   -5.467  1.00 48.33 ? 72  LEU A CB    1 
ATOM   575  C CG    . LEU A 1 78  ? 10.607  6.350   -5.609  1.00 51.63 ? 72  LEU A CG    1 
ATOM   576  C CD1   . LEU A 1 78  ? 9.408   6.646   -4.726  1.00 51.55 ? 72  LEU A CD1   1 
ATOM   577  C CD2   . LEU A 1 78  ? 11.764  7.280   -5.278  1.00 51.22 ? 72  LEU A CD2   1 
ATOM   578  N N     . LYS A 1 79  ? 11.450  1.941   -6.750  1.00 48.54 ? 73  LYS A N     1 
ATOM   579  C CA    . LYS A 1 79  ? 11.788  0.533   -6.562  1.00 53.19 ? 73  LYS A CA    1 
ATOM   580  C C     . LYS A 1 79  ? 13.036  0.157   -7.349  1.00 56.27 ? 73  LYS A C     1 
ATOM   581  O O     . LYS A 1 79  ? 13.866  -0.629  -6.876  1.00 54.59 ? 73  LYS A O     1 
ATOM   582  C CB    . LYS A 1 79  ? 10.614  -0.352  -6.980  1.00 45.96 ? 73  LYS A CB    1 
ATOM   583  C CG    . LYS A 1 79  ? 9.587   -0.606  -5.891  1.00 45.56 ? 73  LYS A CG    1 
ATOM   584  C CD    . LYS A 1 79  ? 8.434   -1.437  -6.433  1.00 51.92 ? 73  LYS A CD    1 
ATOM   585  C CE    . LYS A 1 79  ? 7.430   -1.788  -5.349  1.00 52.95 ? 73  LYS A CE    1 
ATOM   586  N NZ    . LYS A 1 79  ? 7.967   -2.783  -4.381  1.00 54.07 ? 73  LYS A NZ    1 
ATOM   587  N N     . THR A 1 80  ? 13.186  0.710   -8.553  1.00 55.61 ? 74  THR A N     1 
ATOM   588  C CA    . THR A 1 80  ? 14.324  0.359   -9.394  1.00 57.06 ? 74  THR A CA    1 
ATOM   589  C C     . THR A 1 80  ? 15.587  1.098   -8.965  1.00 55.72 ? 74  THR A C     1 
ATOM   590  O O     . THR A 1 80  ? 16.671  0.506   -8.926  1.00 61.55 ? 74  THR A O     1 
ATOM   591  C CB    . THR A 1 80  ? 13.999  0.653   -10.859 1.00 57.88 ? 74  THR A CB    1 
ATOM   592  O OG1   . THR A 1 80  ? 12.766  0.013   -11.211 1.00 51.68 ? 74  THR A OG1   1 
ATOM   593  C CG2   . THR A 1 80  ? 15.103  0.134   -11.765 1.00 60.12 ? 74  THR A CG2   1 
ATOM   594  N N     . PHE A 1 81  ? 15.468  2.383   -8.630  1.00 49.90 ? 75  PHE A N     1 
ATOM   595  C CA    . PHE A 1 81  ? 16.645  3.162   -8.255  1.00 60.95 ? 75  PHE A CA    1 
ATOM   596  C C     . PHE A 1 81  ? 17.214  2.700   -6.917  1.00 69.82 ? 75  PHE A C     1 
ATOM   597  O O     . PHE A 1 81  ? 18.427  2.496   -6.786  1.00 78.29 ? 75  PHE A O     1 
ATOM   598  C CB    . PHE A 1 81  ? 16.297  4.650   -8.206  1.00 63.86 ? 75  PHE A CB    1 
ATOM   599  N N     . PHE A 1 82  ? 16.355  2.527   -5.910  1.00 60.67 ? 76  PHE A N     1 
ATOM   600  C CA    . PHE A 1 82  ? 16.842  2.186   -4.578  1.00 55.26 ? 76  PHE A CA    1 
ATOM   601  C C     . PHE A 1 82  ? 17.137  0.698   -4.429  1.00 63.97 ? 76  PHE A C     1 
ATOM   602  O O     . PHE A 1 82  ? 18.104  0.334   -3.750  1.00 67.29 ? 76  PHE A O     1 
ATOM   603  C CB    . PHE A 1 82  ? 15.833  2.629   -3.521  1.00 53.07 ? 76  PHE A CB    1 
ATOM   604  C CG    . PHE A 1 82  ? 15.889  4.098   -3.209  1.00 61.38 ? 76  PHE A CG    1 
ATOM   605  C CD1   . PHE A 1 82  ? 16.811  4.590   -2.301  1.00 56.60 ? 76  PHE A CD1   1 
ATOM   606  C CD2   . PHE A 1 82  ? 15.025  4.987   -3.827  1.00 54.07 ? 76  PHE A CD2   1 
ATOM   607  C CE1   . PHE A 1 82  ? 16.869  5.939   -2.012  1.00 56.14 ? 76  PHE A CE1   1 
ATOM   608  C CE2   . PHE A 1 82  ? 15.080  6.340   -3.542  1.00 48.63 ? 76  PHE A CE2   1 
ATOM   609  C CZ    . PHE A 1 82  ? 16.002  6.816   -2.633  1.00 53.45 ? 76  PHE A CZ    1 
ATOM   610  N N     . ASN A 1 83  ? 16.330  -0.158  -5.050  1.00 61.39 ? 77  ASN A N     1 
ATOM   611  C CA    . ASN A 1 83  ? 16.478  -1.614  -4.991  1.00 56.72 ? 77  ASN A CA    1 
ATOM   612  C C     . ASN A 1 83  ? 16.805  -2.084  -3.577  1.00 60.58 ? 77  ASN A C     1 
ATOM   613  O O     . ASN A 1 83  ? 17.862  -2.654  -3.303  1.00 66.85 ? 77  ASN A O     1 
ATOM   614  C CB    . ASN A 1 83  ? 17.531  -2.107  -5.979  1.00 58.23 ? 77  ASN A CB    1 
ATOM   615  C CG    . ASN A 1 83  ? 17.399  -3.591  -6.273  1.00 71.24 ? 77  ASN A CG    1 
ATOM   616  O OD1   . ASN A 1 83  ? 16.422  -4.235  -5.880  1.00 69.32 ? 77  ASN A OD1   1 
ATOM   617  N ND2   . ASN A 1 83  ? 18.381  -4.140  -6.970  1.00 85.09 ? 77  ASN A ND2   1 
ATOM   618  N N     . GLN A 1 84  ? 15.872  -1.835  -2.687  1.00 59.52 ? 78  GLN A N     1 
ATOM   619  C CA    . GLN A 1 84  ? 16.122  -2.162  -1.296  1.00 54.88 ? 78  GLN A CA    1 
ATOM   620  C C     . GLN A 1 84  ? 15.731  -3.606  -0.993  1.00 48.85 ? 78  GLN A C     1 
ATOM   621  O O     . GLN A 1 84  ? 14.795  -4.146  -1.592  1.00 47.30 ? 78  GLN A O     1 
ATOM   622  C CB    . GLN A 1 84  ? 15.345  -1.221  -0.381  1.00 46.41 ? 78  GLN A CB    1 
ATOM   623  C CG    . GLN A 1 84  ? 15.898  0.192   -0.334  1.00 50.38 ? 78  GLN A CG    1 
ATOM   624  C CD    . GLN A 1 84  ? 17.290  0.253   0.261   1.00 58.22 ? 78  GLN A CD    1 
ATOM   625  O OE1   . GLN A 1 84  ? 17.470  0.094   1.469   1.00 52.01 ? 78  GLN A OE1   1 
ATOM   626  N NE2   . GLN A 1 84  ? 18.285  0.487   -0.586  1.00 58.48 ? 78  GLN A NE2   1 
ATOM   627  N N     . PRO A 1 85  ? 16.443  -4.251  -0.077  1.00 51.48 ? 79  PRO A N     1 
ATOM   628  C CA    . PRO A 1 85  ? 16.059  -5.601  0.341   1.00 52.44 ? 79  PRO A CA    1 
ATOM   629  C C     . PRO A 1 85  ? 14.847  -5.575  1.256   1.00 39.62 ? 79  PRO A C     1 
ATOM   630  O O     . PRO A 1 85  ? 14.665  -4.664  2.067   1.00 43.25 ? 79  PRO A O     1 
ATOM   631  C CB    . PRO A 1 85  ? 17.303  -6.102  1.086   1.00 48.42 ? 79  PRO A CB    1 
ATOM   632  C CG    . PRO A 1 85  ? 17.922  -4.848  1.630   1.00 42.67 ? 79  PRO A CG    1 
ATOM   633  C CD    . PRO A 1 85  ? 17.683  -3.798  0.577   1.00 45.80 ? 79  PRO A CD    1 
ATOM   634  N N     . ARG A 1 86  ? 14.007  -6.590  1.106   1.00 41.39 ? 80  ARG A N     1 
ATOM   635  C CA    . ARG A 1 86  ? 12.852  -6.759  1.970   1.00 47.92 ? 80  ARG A CA    1 
ATOM   636  C C     . ARG A 1 86  ? 13.296  -7.353  3.303   1.00 47.39 ? 80  ARG A C     1 
ATOM   637  O O     . ARG A 1 86  ? 14.447  -7.766  3.457   1.00 46.24 ? 80  ARG A O     1 
ATOM   638  C CB    . ARG A 1 86  ? 11.812  -7.623  1.260   1.00 39.08 ? 80  ARG A CB    1 
ATOM   639  C CG    . ARG A 1 86  ? 11.152  -6.927  0.073   1.00 40.34 ? 80  ARG A CG    1 
ATOM   640  C CD    . ARG A 1 86  ? 10.194  -7.847  -0.654  1.00 42.03 ? 80  ARG A CD    1 
ATOM   641  N NE    . ARG A 1 86  ? 9.587   -7.212  -1.820  1.00 44.22 ? 80  ARG A NE    1 
ATOM   642  C CZ    . ARG A 1 86  ? 8.381   -6.651  -1.839  1.00 43.00 ? 80  ARG A CZ    1 
ATOM   643  N NH1   . ARG A 1 86  ? 7.622   -6.636  -0.751  1.00 39.81 ? 80  ARG A NH1   1 
ATOM   644  N NH2   . ARG A 1 86  ? 7.931   -6.105  -2.960  1.00 44.33 ? 80  ARG A NH2   1 
ATOM   645  N N     . PRO A 1 87  ? 12.406  -7.386  4.304   1.00 48.59 ? 81  PRO A N     1 
ATOM   646  C CA    . PRO A 1 87  ? 12.804  -7.916  5.621   1.00 39.34 ? 81  PRO A CA    1 
ATOM   647  C C     . PRO A 1 87  ? 13.377  -9.323  5.602   1.00 37.82 ? 81  PRO A C     1 
ATOM   648  O O     . PRO A 1 87  ? 14.245  -9.630  6.428   1.00 49.70 ? 81  PRO A O     1 
ATOM   649  C CB    . PRO A 1 87  ? 11.495  -7.855  6.417   1.00 43.61 ? 81  PRO A CB    1 
ATOM   650  C CG    . PRO A 1 87  ? 10.786  -6.684  5.839   1.00 41.21 ? 81  PRO A CG    1 
ATOM   651  C CD    . PRO A 1 87  ? 11.096  -6.710  4.367   1.00 40.42 ? 81  PRO A CD    1 
ATOM   652  N N     . ALA A 1 88  ? 12.920  -10.195 4.700   1.00 45.31 ? 82  ALA A N     1 
ATOM   653  C CA    . ALA A 1 88  ? 13.438  -11.559 4.678   1.00 44.50 ? 82  ALA A CA    1 
ATOM   654  C C     . ALA A 1 88  ? 14.909  -11.616 4.285   1.00 52.22 ? 82  ALA A C     1 
ATOM   655  O O     . ALA A 1 88  ? 15.581  -12.606 4.593   1.00 49.99 ? 82  ALA A O     1 
ATOM   656  C CB    . ALA A 1 88  ? 12.615  -12.427 3.726   1.00 44.62 ? 82  ALA A CB    1 
ATOM   657  N N     . ILE A 1 89  ? 15.418  -10.588 3.614   1.00 54.86 ? 83  ILE A N     1 
ATOM   658  C CA    . ILE A 1 89  ? 16.829  -10.534 3.244   1.00 53.17 ? 83  ILE A CA    1 
ATOM   659  C C     . ILE A 1 89  ? 17.653  -9.827  4.310   1.00 52.61 ? 83  ILE A C     1 
ATOM   660  O O     . ILE A 1 89  ? 18.703  -10.321 4.731   1.00 54.50 ? 83  ILE A O     1 
ATOM   661  C CB    . ILE A 1 89  ? 16.987  -9.850  1.867   1.00 50.05 ? 83  ILE A CB    1 
ATOM   662  C CG1   . ILE A 1 89  ? 16.267  -10.649 0.778   1.00 48.99 ? 83  ILE A CG1   1 
ATOM   663  C CG2   . ILE A 1 89  ? 18.458  -9.672  1.523   1.00 58.25 ? 83  ILE A CG2   1 
ATOM   664  C CD1   . ILE A 1 89  ? 16.836  -12.029 0.548   1.00 48.81 ? 83  ILE A CD1   1 
ATOM   665  N N     . LEU A 1 90  ? 17.186  -8.667  4.774   1.00 44.32 ? 84  LEU A N     1 
ATOM   666  C CA    . LEU A 1 90  ? 17.983  -7.864  5.697   1.00 44.03 ? 84  LEU A CA    1 
ATOM   667  C C     . LEU A 1 90  ? 17.987  -8.454  7.101   1.00 52.64 ? 84  LEU A C     1 
ATOM   668  O O     . LEU A 1 90  ? 19.014  -8.422  7.789   1.00 57.00 ? 84  LEU A O     1 
ATOM   669  C CB    . LEU A 1 90  ? 17.459  -6.428  5.725   1.00 45.71 ? 84  LEU A CB    1 
ATOM   670  C CG    . LEU A 1 90  ? 18.394  -5.381  6.335   1.00 59.35 ? 84  LEU A CG    1 
ATOM   671  C CD1   . LEU A 1 90  ? 19.515  -5.029  5.367   1.00 57.21 ? 84  LEU A CD1   1 
ATOM   672  C CD2   . LEU A 1 90  ? 17.617  -4.137  6.739   1.00 49.01 ? 84  LEU A CD2   1 
ATOM   673  N N     . LEU A 1 91  ? 16.855  -8.989  7.549   1.00 49.18 ? 85  LEU A N     1 
ATOM   674  C CA    . LEU A 1 91  ? 16.688  -9.413  8.929   1.00 48.22 ? 85  LEU A CA    1 
ATOM   675  C C     . LEU A 1 91  ? 16.651  -10.931 9.038   1.00 48.30 ? 85  LEU A C     1 
ATOM   676  O O     . LEU A 1 91  ? 16.438  -11.647 8.056   1.00 54.09 ? 85  LEU A O     1 
ATOM   677  C CB    . LEU A 1 91  ? 15.408  -8.825  9.533   1.00 51.87 ? 85  LEU A CB    1 
ATOM   678  C CG    . LEU A 1 91  ? 15.318  -7.302  9.605   1.00 48.26 ? 85  LEU A CG    1 
ATOM   679  C CD1   . LEU A 1 91  ? 14.109  -6.887  10.427  1.00 55.46 ? 85  LEU A CD1   1 
ATOM   680  C CD2   . LEU A 1 91  ? 16.595  -6.712  10.181  1.00 48.64 ? 85  LEU A CD2   1 
ATOM   681  N N     . GLU A 1 92  ? 16.860  -11.407 10.260  1.00 55.04 ? 86  GLU A N     1 
ATOM   682  C CA    . GLU A 1 92  ? 16.804  -12.824 10.586  1.00 54.46 ? 86  GLU A CA    1 
ATOM   683  C C     . GLU A 1 92  ? 15.477  -13.151 11.259  1.00 44.51 ? 86  GLU A C     1 
ATOM   684  O O     . GLU A 1 92  ? 14.880  -12.311 11.935  1.00 53.63 ? 86  GLU A O     1 
ATOM   685  C CB    . GLU A 1 92  ? 17.959  -13.222 11.510  1.00 61.35 ? 86  GLU A CB    1 
ATOM   686  C CG    . GLU A 1 92  ? 19.288  -12.545 11.208  1.00 61.78 ? 86  GLU A CG    1 
ATOM   687  C CD    . GLU A 1 92  ? 19.964  -13.105 9.971   1.00 56.68 ? 86  GLU A CD    1 
ATOM   688  O OE1   . GLU A 1 92  ? 20.779  -12.383 9.363   1.00 54.38 ? 86  GLU A OE1   1 
ATOM   689  O OE2   . GLU A 1 92  ? 19.679  -14.264 9.605   1.00 61.54 ? 86  GLU A OE2   1 
ATOM   690  N N     . ASP A 1 93  ? 15.025  -14.391 11.065  1.00 51.47 ? 87  ASP A N     1 
ATOM   691  C CA    . ASP A 1 93  ? 13.828  -14.921 11.719  1.00 59.40 ? 87  ASP A CA    1 
ATOM   692  C C     . ASP A 1 93  ? 12.606  -14.045 11.431  1.00 61.30 ? 87  ASP A C     1 
ATOM   693  O O     . ASP A 1 93  ? 11.925  -13.551 12.333  1.00 58.60 ? 87  ASP A O     1 
ATOM   694  C CB    . ASP A 1 93  ? 14.058  -15.080 13.224  1.00 55.29 ? 87  ASP A CB    1 
ATOM   695  C CG    . ASP A 1 93  ? 15.036  -16.188 13.544  1.00 64.73 ? 87  ASP A CG    1 
ATOM   696  O OD1   . ASP A 1 93  ? 14.918  -17.274 12.939  1.00 74.35 ? 87  ASP A OD1   1 
ATOM   697  O OD2   . ASP A 1 93  ? 15.925  -15.973 14.393  1.00 76.01 ? 87  ASP A OD2   1 
ATOM   698  N N     . VAL A 1 94  ? 12.345  -13.861 10.145  1.00 57.38 ? 88  VAL A N     1 
ATOM   699  C CA    . VAL A 1 94  ? 11.216  -13.063 9.688   1.00 50.72 ? 88  VAL A CA    1 
ATOM   700  C C     . VAL A 1 94  ? 10.033  -13.985 9.434   1.00 49.80 ? 88  VAL A C     1 
ATOM   701  O O     . VAL A 1 94  ? 10.164  -15.010 8.752   1.00 49.10 ? 88  VAL A O     1 
ATOM   702  C CB    . VAL A 1 94  ? 11.582  -12.271 8.421   1.00 50.15 ? 88  VAL A CB    1 
ATOM   703  C CG1   . VAL A 1 94  ? 10.328  -11.840 7.679   1.00 44.11 ? 88  VAL A CG1   1 
ATOM   704  C CG2   . VAL A 1 94  ? 12.435  -11.065 8.784   1.00 45.68 ? 88  VAL A CG2   1 
ATOM   705  N N     . ASN A 1 95  ? 8.879   -13.628 9.989   1.00 45.54 ? 89  ASN A N     1 
ATOM   706  C CA    . ASN A 1 95  ? 7.646   -14.366 9.740   1.00 47.23 ? 89  ASN A CA    1 
ATOM   707  C C     . ASN A 1 95  ? 7.083   -13.924 8.394   1.00 41.32 ? 89  ASN A C     1 
ATOM   708  O O     . ASN A 1 95  ? 6.593   -12.797 8.253   1.00 44.49 ? 89  ASN A O     1 
ATOM   709  C CB    . ASN A 1 95  ? 6.653   -14.134 10.874  1.00 49.27 ? 89  ASN A CB    1 
ATOM   710  C CG    . ASN A 1 95  ? 7.176   -14.629 12.209  1.00 44.66 ? 89  ASN A CG    1 
ATOM   711  O OD1   . ASN A 1 95  ? 7.280   -15.832 12.437  1.00 53.32 ? 89  ASN A OD1   1 
ATOM   712  N ND2   . ASN A 1 95  ? 7.505   -13.701 13.100  1.00 43.74 ? 89  ASN A ND2   1 
ATOM   713  N N     . LEU A 1 96  ? 7.161   -14.808 7.405   1.00 48.58 ? 90  LEU A N     1 
ATOM   714  C CA    . LEU A 1 96  ? 6.835   -14.494 6.021   1.00 50.27 ? 90  LEU A CA    1 
ATOM   715  C C     . LEU A 1 96  ? 5.526   -15.159 5.624   1.00 51.47 ? 90  LEU A C     1 
ATOM   716  O O     . LEU A 1 96  ? 5.351   -16.365 5.827   1.00 56.86 ? 90  LEU A O     1 
ATOM   717  C CB    . LEU A 1 96  ? 7.948   -14.965 5.083   1.00 50.27 ? 90  LEU A CB    1 
ATOM   718  C CG    . LEU A 1 96  ? 8.901   -13.926 4.497   1.00 57.60 ? 90  LEU A CG    1 
ATOM   719  C CD1   . LEU A 1 96  ? 9.693   -14.545 3.356   1.00 58.89 ? 90  LEU A CD1   1 
ATOM   720  C CD2   . LEU A 1 96  ? 8.136   -12.709 4.022   1.00 51.63 ? 90  LEU A CD2   1 
ATOM   721  N N     . LEU A 1 97  ? 4.619   -14.377 5.043   1.00 52.79 ? 91  LEU A N     1 
ATOM   722  C CA    . LEU A 1 97  ? 3.407   -14.921 4.444   1.00 42.76 ? 91  LEU A CA    1 
ATOM   723  C C     . LEU A 1 97  ? 3.498   -15.047 2.931   1.00 47.44 ? 91  LEU A C     1 
ATOM   724  O O     . LEU A 1 97  ? 2.815   -15.896 2.350   1.00 56.84 ? 91  LEU A O     1 
ATOM   725  C CB    . LEU A 1 97  ? 2.196   -14.056 4.808   1.00 42.21 ? 91  LEU A CB    1 
ATOM   726  C CG    . LEU A 1 97  ? 1.681   -14.190 6.242   1.00 49.02 ? 91  LEU A CG    1 
ATOM   727  C CD1   . LEU A 1 97  ? 0.649   -13.120 6.541   1.00 37.16 ? 91  LEU A CD1   1 
ATOM   728  C CD2   . LEU A 1 97  ? 1.100   -15.575 6.476   1.00 46.79 ? 91  LEU A CD2   1 
ATOM   729  N N     . PHE A 1 98  ? 4.325   -14.227 2.280   1.00 46.56 ? 92  PHE A N     1 
ATOM   730  C CA    . PHE A 1 98  ? 4.514   -14.275 0.839   1.00 56.32 ? 92  PHE A CA    1 
ATOM   731  C C     . PHE A 1 98  ? 6.002   -14.295 0.519   1.00 53.25 ? 92  PHE A C     1 
ATOM   732  O O     . PHE A 1 98  ? 6.787   -13.593 1.168   1.00 59.15 ? 92  PHE A O     1 
ATOM   733  C CB    . PHE A 1 98  ? 3.855   -13.071 0.143   1.00 50.27 ? 92  PHE A CB    1 
ATOM   734  C CG    . PHE A 1 98  ? 2.477   -12.750 0.651   1.00 50.26 ? 92  PHE A CG    1 
ATOM   735  C CD1   . PHE A 1 98  ? 1.448   -13.673 0.546   1.00 55.49 ? 92  PHE A CD1   1 
ATOM   736  C CD2   . PHE A 1 98  ? 2.206   -11.518 1.227   1.00 47.67 ? 92  PHE A CD2   1 
ATOM   737  C CE1   . PHE A 1 98  ? 0.178   -13.376 1.011   1.00 43.31 ? 92  PHE A CE1   1 
ATOM   738  C CE2   . PHE A 1 98  ? 0.938   -11.216 1.693   1.00 43.91 ? 92  PHE A CE2   1 
ATOM   739  C CZ    . PHE A 1 98  ? -0.076  -12.146 1.585   1.00 43.77 ? 92  PHE A CZ    1 
ATOM   740  N N     . PRO A 1 99  ? 6.424   -15.088 -0.471  1.00 58.06 ? 93  PRO A N     1 
ATOM   741  C CA    . PRO A 1 99  ? 7.863   -15.197 -0.811  1.00 53.71 ? 93  PRO A CA    1 
ATOM   742  C C     . PRO A 1 99  ? 8.360   -14.022 -1.646  1.00 57.10 ? 93  PRO A C     1 
ATOM   743  O O     . PRO A 1 99  ? 8.613   -14.120 -2.851  1.00 60.84 ? 93  PRO A O     1 
ATOM   744  C CB    . PRO A 1 99  ? 7.924   -16.530 -1.574  1.00 54.62 ? 93  PRO A CB    1 
ATOM   745  C CG    . PRO A 1 99  ? 6.549   -17.155 -1.462  1.00 58.49 ? 93  PRO A CG    1 
ATOM   746  C CD    . PRO A 1 99  ? 5.608   -16.023 -1.257  1.00 52.31 ? 93  PRO A CD    1 
ATOM   747  N N     . LEU A 1 100 ? 8.512   -12.871 -0.998  1.00 48.47 ? 94  LEU A N     1 
ATOM   748  C CA    . LEU A 1 100 ? 9.033   -11.669 -1.633  1.00 48.17 ? 94  LEU A CA    1 
ATOM   749  C C     . LEU A 1 100 ? 10.345  -11.281 -0.964  1.00 52.06 ? 94  LEU A C     1 
ATOM   750  O O     . LEU A 1 100 ? 10.489  -11.413 0.256   1.00 46.68 ? 94  LEU A O     1 
ATOM   751  C CB    . LEU A 1 100 ? 8.028   -10.521 -1.544  1.00 44.56 ? 94  LEU A CB    1 
ATOM   752  C CG    . LEU A 1 100 ? 6.660   -10.796 -2.171  1.00 46.23 ? 94  LEU A CG    1 
ATOM   753  C CD1   . LEU A 1 100 ? 5.749   -9.587  -2.025  1.00 45.01 ? 94  LEU A CD1   1 
ATOM   754  C CD2   . LEU A 1 100 ? 6.814   -11.189 -3.632  1.00 51.61 ? 94  LEU A CD2   1 
ATOM   755  N N     . HIS A 1 101 ? 11.301  -10.798 -1.762  1.00 46.51 ? 95  HIS A N     1 
ATOM   756  C CA    . HIS A 1 101 ? 12.656  -10.614 -1.254  1.00 50.09 ? 95  HIS A CA    1 
ATOM   757  C C     . HIS A 1 101 ? 13.289  -9.269  -1.609  1.00 46.05 ? 95  HIS A C     1 
ATOM   758  O O     . HIS A 1 101 ? 14.137  -8.776  -0.859  1.00 49.80 ? 95  HIS A O     1 
ATOM   759  C CB    . HIS A 1 101 ? 13.555  -11.750 -1.758  1.00 57.02 ? 95  HIS A CB    1 
ATOM   760  C CG    . HIS A 1 101 ? 13.208  -13.093 -1.193  1.00 59.60 ? 95  HIS A CG    1 
ATOM   761  N ND1   . HIS A 1 101 ? 13.601  -13.495 0.066   1.00 65.75 ? 95  HIS A ND1   1 
ATOM   762  C CD2   . HIS A 1 101 ? 12.510  -14.129 -1.717  1.00 65.67 ? 95  HIS A CD2   1 
ATOM   763  C CE1   . HIS A 1 101 ? 13.158  -14.719 0.294   1.00 67.77 ? 95  HIS A CE1   1 
ATOM   764  N NE2   . HIS A 1 101 ? 12.493  -15.127 -0.772  1.00 67.50 ? 95  HIS A NE2   1 
ATOM   765  N N     . TRP A 1 102 ? 12.899  -8.659  -2.727  1.00 51.86 ? 96  TRP A N     1 
ATOM   766  C CA    . TRP A 1 102 ? 13.595  -7.482  -3.234  1.00 48.10 ? 96  TRP A CA    1 
ATOM   767  C C     . TRP A 1 102 ? 12.611  -6.382  -3.617  1.00 44.07 ? 96  TRP A C     1 
ATOM   768  O O     . TRP A 1 102 ? 11.393  -6.572  -3.618  1.00 44.79 ? 96  TRP A O     1 
ATOM   769  C CB    . TRP A 1 102 ? 14.481  -7.848  -4.432  1.00 50.80 ? 96  TRP A CB    1 
ATOM   770  C CG    . TRP A 1 102 ? 15.559  -8.810  -4.059  1.00 63.24 ? 96  TRP A CG    1 
ATOM   771  C CD1   . TRP A 1 102 ? 15.593  -10.150 -4.321  1.00 58.64 ? 96  TRP A CD1   1 
ATOM   772  C CD2   . TRP A 1 102 ? 16.752  -8.513  -3.327  1.00 61.32 ? 96  TRP A CD2   1 
ATOM   773  N NE1   . TRP A 1 102 ? 16.742  -10.702 -3.806  1.00 57.15 ? 96  TRP A NE1   1 
ATOM   774  C CE2   . TRP A 1 102 ? 17.470  -9.717  -3.190  1.00 53.31 ? 96  TRP A CE2   1 
ATOM   775  C CE3   . TRP A 1 102 ? 17.287  -7.343  -2.779  1.00 62.14 ? 96  TRP A CE3   1 
ATOM   776  C CZ2   . TRP A 1 102 ? 18.693  -9.785  -2.529  1.00 70.15 ? 96  TRP A CZ2   1 
ATOM   777  C CZ3   . TRP A 1 102 ? 18.501  -7.412  -2.123  1.00 60.81 ? 96  TRP A CZ3   1 
ATOM   778  C CH2   . TRP A 1 102 ? 19.190  -8.623  -2.002  1.00 63.67 ? 96  TRP A CH2   1 
ATOM   779  N N     . ARG A 1 103 ? 13.173  -5.213  -3.942  1.00 44.18 ? 97  ARG A N     1 
ATOM   780  C CA    . ARG A 1 103 ? 12.416  -4.018  -4.321  1.00 46.26 ? 97  ARG A CA    1 
ATOM   781  C C     . ARG A 1 103 ? 11.445  -3.610  -3.210  1.00 54.89 ? 97  ARG A C     1 
ATOM   782  O O     . ARG A 1 103 ? 10.236  -3.472  -3.409  1.00 53.54 ? 97  ARG A O     1 
ATOM   783  C CB    . ARG A 1 103 ? 11.688  -4.227  -5.654  1.00 47.96 ? 97  ARG A CB    1 
ATOM   784  C CG    . ARG A 1 103 ? 12.619  -4.460  -6.833  1.00 45.12 ? 97  ARG A CG    1 
ATOM   785  C CD    . ARG A 1 103 ? 12.207  -5.690  -7.628  1.00 68.46 ? 97  ARG A CD    1 
ATOM   786  N N     . SER A 1 104 ? 12.015  -3.398  -2.021  1.00 48.73 ? 98  SER A N     1 
ATOM   787  C CA    . SER A 1 104 ? 11.213  -3.162  -0.826  1.00 48.09 ? 98  SER A CA    1 
ATOM   788  C C     . SER A 1 104 ? 10.686  -1.733  -0.758  1.00 54.67 ? 98  SER A C     1 
ATOM   789  O O     . SER A 1 104 ? 9.568   -1.505  -0.284  1.00 44.38 ? 98  SER A O     1 
ATOM   790  C CB    . SER A 1 104 ? 12.041  -3.482  0.420   1.00 49.21 ? 98  SER A CB    1 
ATOM   791  O OG    . SER A 1 104 ? 11.250  -3.432  1.594   1.00 50.94 ? 98  SER A OG    1 
ATOM   792  N N     . PHE A 1 105 ? 11.472  -0.760  -1.223  1.00 46.82 ? 99  PHE A N     1 
ATOM   793  C CA    . PHE A 1 105 ? 11.120  0.646   -1.070  1.00 41.51 ? 99  PHE A CA    1 
ATOM   794  C C     . PHE A 1 105 ? 10.603  1.201   -2.386  1.00 43.40 ? 99  PHE A C     1 
ATOM   795  O O     . PHE A 1 105 ? 11.320  1.136   -3.397  1.00 45.87 ? 99  PHE A O     1 
ATOM   796  C CB    . PHE A 1 105 ? 12.332  1.445   -0.602  1.00 39.67 ? 99  PHE A CB    1 
ATOM   797  C CG    . PHE A 1 105 ? 12.044  2.895   -0.344  1.00 45.18 ? 99  PHE A CG    1 
ATOM   798  C CD1   . PHE A 1 105 ? 11.549  3.310   0.881   1.00 37.91 ? 99  PHE A CD1   1 
ATOM   799  C CD2   . PHE A 1 105 ? 12.279  3.847   -1.325  1.00 48.71 ? 99  PHE A CD2   1 
ATOM   800  C CE1   . PHE A 1 105 ? 11.289  4.646   1.123   1.00 44.60 ? 99  PHE A CE1   1 
ATOM   801  C CE2   . PHE A 1 105 ? 12.020  5.185   -1.088  1.00 43.68 ? 99  PHE A CE2   1 
ATOM   802  C CZ    . PHE A 1 105 ? 11.524  5.584   0.137   1.00 43.24 ? 99  PHE A CZ    1 
ATOM   803  N N     . PRO A 1 106 ? 9.376   1.743   -2.438  1.00 40.29 ? 100 PRO A N     1 
ATOM   804  C CA    . PRO A 1 106 ? 8.387   1.713   -1.358  1.00 44.36 ? 100 PRO A CA    1 
ATOM   805  C C     . PRO A 1 106 ? 7.348   0.614   -1.579  1.00 37.49 ? 100 PRO A C     1 
ATOM   806  O O     . PRO A 1 106 ? 7.552   -0.238  -2.445  1.00 40.57 ? 100 PRO A O     1 
ATOM   807  C CB    . PRO A 1 106 ? 7.754   3.096   -1.446  1.00 37.85 ? 100 PRO A CB    1 
ATOM   808  C CG    . PRO A 1 106 ? 7.769   3.387   -2.921  1.00 44.17 ? 100 PRO A CG    1 
ATOM   809  C CD    . PRO A 1 106 ? 8.959   2.652   -3.519  1.00 39.92 ? 100 PRO A CD    1 
ATOM   810  N N     . SER A 1 107 ? 6.253   0.635   -0.823  1.00 37.16 ? 101 SER A N     1 
ATOM   811  C CA    . SER A 1 107 ? 5.209   -0.379  -0.940  1.00 36.95 ? 101 SER A CA    1 
ATOM   812  C C     . SER A 1 107 ? 4.202   0.025   -2.011  1.00 30.31 ? 101 SER A C     1 
ATOM   813  O O     . SER A 1 107 ? 3.484   1.018   -1.853  1.00 36.65 ? 101 SER A O     1 
ATOM   814  C CB    . SER A 1 107 ? 4.499   -0.590  0.395   1.00 40.44 ? 101 SER A CB    1 
ATOM   815  O OG    . SER A 1 107 ? 3.362   -1.422  0.226   1.00 44.68 ? 101 SER A OG    1 
ATOM   816  N N     . GLY A 1 108 ? 4.132   -0.764  -3.084  1.00 33.21 ? 102 GLY A N     1 
ATOM   817  C CA    . GLY A 1 108 ? 3.197   -0.462  -4.157  1.00 34.93 ? 102 GLY A CA    1 
ATOM   818  C C     . GLY A 1 108 ? 1.753   -0.744  -3.786  1.00 31.54 ? 102 GLY A C     1 
ATOM   819  O O     . GLY A 1 108 ? 0.848   -0.010  -4.191  1.00 38.42 ? 102 GLY A O     1 
ATOM   820  N N     . ASP A 1 109 ? 1.514   -1.813  -3.021  1.00 34.06 ? 103 ASP A N     1 
ATOM   821  C CA    . ASP A 1 109 ? 0.157   -2.107  -2.567  1.00 30.88 ? 103 ASP A CA    1 
ATOM   822  C C     . ASP A 1 109 ? -0.372  -1.001  -1.665  1.00 33.97 ? 103 ASP A C     1 
ATOM   823  O O     . ASP A 1 109 ? -1.541  -0.610  -1.768  1.00 35.43 ? 103 ASP A O     1 
ATOM   824  C CB    . ASP A 1 109 ? 0.121   -3.441  -1.827  1.00 32.94 ? 103 ASP A CB    1 
ATOM   825  C CG    . ASP A 1 109 ? 0.251   -4.621  -2.755  1.00 49.36 ? 103 ASP A CG    1 
ATOM   826  O OD1   . ASP A 1 109 ? 0.366   -4.409  -3.982  1.00 52.25 ? 103 ASP A OD1   1 
ATOM   827  O OD2   . ASP A 1 109 ? 0.237   -5.761  -2.250  1.00 49.00 ? 103 ASP A OD2   1 
ATOM   828  N N     . THR A 1 110 ? 0.472   -0.496  -0.765  1.00 29.49 ? 104 THR A N     1 
ATOM   829  C CA    . THR A 1 110 ? 0.060   0.604   0.101   1.00 32.73 ? 104 THR A CA    1 
ATOM   830  C C     . THR A 1 110 ? -0.202  1.871   -0.705  1.00 30.02 ? 104 THR A C     1 
ATOM   831  O O     . THR A 1 110 ? -1.189  2.574   -0.463  1.00 32.33 ? 104 THR A O     1 
ATOM   832  C CB    . THR A 1 110 ? 1.124   0.849   1.170   1.00 32.09 ? 104 THR A CB    1 
ATOM   833  O OG1   . THR A 1 110 ? 1.388   -0.374  1.869   1.00 42.36 ? 104 THR A OG1   1 
ATOM   834  C CG2   . THR A 1 110 ? 0.658   1.900   2.162   1.00 34.44 ? 104 THR A CG2   1 
ATOM   835  N N     . ALA A 1 111 ? 0.662   2.169   -1.679  1.00 28.25 ? 105 ALA A N     1 
ATOM   836  C CA    . ALA A 1 111 ? 0.487   3.369   -2.492  1.00 26.98 ? 105 ALA A CA    1 
ATOM   837  C C     . ALA A 1 111 ? -0.816  3.316   -3.284  1.00 33.77 ? 105 ALA A C     1 
ATOM   838  O O     . ALA A 1 111 ? -1.563  4.300   -3.337  1.00 36.91 ? 105 ALA A O     1 
ATOM   839  C CB    . ALA A 1 111 ? 1.687   3.545   -3.424  1.00 26.00 ? 105 ALA A CB    1 
ATOM   840  N N     . MET A 1 112 ? -1.108  2.170   -3.905  1.00 39.38 ? 106 MET A N     1 
ATOM   841  C CA    . MET A 1 112 ? -2.355  2.029   -4.654  1.00 41.17 ? 106 MET A CA    1 
ATOM   842  C C     . MET A 1 112 ? -3.564  2.135   -3.733  1.00 34.19 ? 106 MET A C     1 
ATOM   843  O O     . MET A 1 112 ? -4.549  2.810   -4.062  1.00 31.78 ? 106 MET A O     1 
ATOM   844  C CB    . MET A 1 112 ? -2.371  0.696   -5.406  1.00 34.54 ? 106 MET A CB    1 
ATOM   845  C CG    . MET A 1 112 ? -3.597  0.494   -6.290  1.00 31.74 ? 106 MET A CG    1 
ATOM   846  S SD    . MET A 1 112 ? -4.007  -1.243  -6.586  1.00 29.27 ? 106 MET A SD    1 
ATOM   847  C CE    . MET A 1 112 ? -4.744  -1.692  -5.017  1.00 36.63 ? 106 MET A CE    1 
ATOM   848  N N     . ALA A 1 113 ? -3.506  1.481   -2.571  1.00 29.29 ? 107 ALA A N     1 
ATOM   849  C CA    . ALA A 1 113 ? -4.640  1.496   -1.652  1.00 34.53 ? 107 ALA A CA    1 
ATOM   850  C C     . ALA A 1 113 ? -4.922  2.903   -1.143  1.00 30.07 ? 107 ALA A C     1 
ATOM   851  O O     . ALA A 1 113 ? -6.084  3.314   -1.047  1.00 36.81 ? 107 ALA A O     1 
ATOM   852  C CB    . ALA A 1 113 ? -4.383  0.538   -0.488  1.00 28.87 ? 107 ALA A CB    1 
ATOM   853  N N     . PHE A 1 114 ? -3.875  3.663   -0.820  1.00 34.47 ? 108 PHE A N     1 
ATOM   854  C CA    . PHE A 1 114 ? -4.079  5.042   -0.390  1.00 37.15 ? 108 PHE A CA    1 
ATOM   855  C C     . PHE A 1 114 ? -4.440  5.950   -1.557  1.00 36.93 ? 108 PHE A C     1 
ATOM   856  O O     . PHE A 1 114 ? -5.108  6.969   -1.357  1.00 41.06 ? 108 PHE A O     1 
ATOM   857  C CB    . PHE A 1 114 ? -2.833  5.563   0.333   1.00 41.96 ? 108 PHE A CB    1 
ATOM   858  C CG    . PHE A 1 114 ? -2.808  5.227   1.798   1.00 38.16 ? 108 PHE A CG    1 
ATOM   859  C CD1   . PHE A 1 114 ? -2.311  4.009   2.233   1.00 28.26 ? 108 PHE A CD1   1 
ATOM   860  C CD2   . PHE A 1 114 ? -3.303  6.119   2.736   1.00 36.68 ? 108 PHE A CD2   1 
ATOM   861  C CE1   . PHE A 1 114 ? -2.296  3.692   3.581   1.00 40.99 ? 108 PHE A CE1   1 
ATOM   862  C CE2   . PHE A 1 114 ? -3.291  5.808   4.085   1.00 36.27 ? 108 PHE A CE2   1 
ATOM   863  C CZ    . PHE A 1 114 ? -2.787  4.593   4.508   1.00 35.34 ? 108 PHE A CZ    1 
ATOM   864  N N     . THR A 1 115 ? -4.021  5.597   -2.773  1.00 35.60 ? 109 THR A N     1 
ATOM   865  C CA    . THR A 1 115 ? -4.488  6.313   -3.955  1.00 36.23 ? 109 THR A CA    1 
ATOM   866  C C     . THR A 1 115 ? -5.982  6.103   -4.157  1.00 33.13 ? 109 THR A C     1 
ATOM   867  O O     . THR A 1 115 ? -6.727  7.052   -4.433  1.00 39.63 ? 109 THR A O     1 
ATOM   868  C CB    . THR A 1 115 ? -3.718  5.850   -5.191  1.00 40.87 ? 109 THR A CB    1 
ATOM   869  O OG1   . THR A 1 115 ? -2.312  6.010   -4.975  1.00 41.96 ? 109 THR A OG1   1 
ATOM   870  C CG2   . THR A 1 115 ? -4.133  6.652   -6.395  1.00 35.42 ? 109 THR A CG2   1 
ATOM   871  N N     . ILE A 1 116 ? -6.434  4.855   -4.032  1.00 37.78 ? 110 ILE A N     1 
ATOM   872  C CA    . ILE A 1 116 ? -7.859  4.557   -4.129  1.00 34.17 ? 110 ILE A CA    1 
ATOM   873  C C     . ILE A 1 116 ? -8.631  5.305   -3.049  1.00 35.16 ? 110 ILE A C     1 
ATOM   874  O O     . ILE A 1 116 ? -9.639  5.966   -3.325  1.00 34.71 ? 110 ILE A O     1 
ATOM   875  C CB    . ILE A 1 116 ? -8.088  3.037   -4.039  1.00 36.20 ? 110 ILE A CB    1 
ATOM   876  C CG1   . ILE A 1 116 ? -7.490  2.337   -5.260  1.00 29.53 ? 110 ILE A CG1   1 
ATOM   877  C CG2   . ILE A 1 116 ? -9.571  2.721   -3.885  1.00 30.89 ? 110 ILE A CG2   1 
ATOM   878  C CD1   . ILE A 1 116 ? -7.439  0.827   -5.141  1.00 25.44 ? 110 ILE A CD1   1 
ATOM   879  N N     . ALA A 1 117 ? -8.155  5.225   -1.804  1.00 30.26 ? 111 ALA A N     1 
ATOM   880  C CA    . ALA A 1 117 ? -8.879  5.846   -0.699  1.00 35.77 ? 111 ALA A CA    1 
ATOM   881  C C     . ALA A 1 117 ? -8.902  7.365   -0.826  1.00 33.31 ? 111 ALA A C     1 
ATOM   882  O O     . ALA A 1 117 ? -9.900  8.002   -0.478  1.00 40.37 ? 111 ALA A O     1 
ATOM   883  C CB    . ALA A 1 117 ? -8.264  5.425   0.636   1.00 30.68 ? 111 ALA A CB    1 
ATOM   884  N N     . THR A 1 118 ? -7.817  7.966   -1.318  1.00 34.05 ? 112 THR A N     1 
ATOM   885  C CA    . THR A 1 118 ? -7.773  9.422   -1.436  1.00 33.55 ? 112 THR A CA    1 
ATOM   886  C C     . THR A 1 118 ? -8.740  9.919   -2.506  1.00 36.92 ? 112 THR A C     1 
ATOM   887  O O     . THR A 1 118 ? -9.507  10.862  -2.273  1.00 41.03 ? 112 THR A O     1 
ATOM   888  C CB    . THR A 1 118 ? -6.344  9.882   -1.741  1.00 40.85 ? 112 THR A CB    1 
ATOM   889  O OG1   . THR A 1 118 ? -5.493  9.574   -0.630  1.00 35.92 ? 112 THR A OG1   1 
ATOM   890  C CG2   . THR A 1 118 ? -6.301  11.377  -2.004  1.00 35.57 ? 112 THR A CG2   1 
ATOM   891  N N     . VAL A 1 119 ? -8.731  9.287   -3.682  1.00 36.31 ? 113 VAL A N     1 
ATOM   892  C CA    . VAL A 1 119 ? -9.560  9.760   -4.788  1.00 30.47 ? 113 VAL A CA    1 
ATOM   893  C C     . VAL A 1 119 ? -11.033 9.453   -4.532  1.00 38.47 ? 113 VAL A C     1 
ATOM   894  O O     . VAL A 1 119 ? -11.913 10.264  -4.845  1.00 38.25 ? 113 VAL A O     1 
ATOM   895  C CB    . VAL A 1 119 ? -9.076  9.149   -6.115  1.00 36.40 ? 113 VAL A CB    1 
ATOM   896  C CG1   . VAL A 1 119 ? -10.025 9.504   -7.254  1.00 40.10 ? 113 VAL A CG1   1 
ATOM   897  C CG2   . VAL A 1 119 ? -7.661  9.617   -6.426  1.00 37.27 ? 113 VAL A CG2   1 
ATOM   898  N N     . LEU A 1 120 ? -11.328 8.289   -3.954  1.00 32.56 ? 114 LEU A N     1 
ATOM   899  C CA    . LEU A 1 120 ? -12.721 7.896   -3.782  1.00 37.91 ? 114 LEU A CA    1 
ATOM   900  C C     . LEU A 1 120 ? -13.365 8.501   -2.540  1.00 43.07 ? 114 LEU A C     1 
ATOM   901  O O     . LEU A 1 120 ? -14.596 8.550   -2.468  1.00 45.41 ? 114 LEU A O     1 
ATOM   902  C CB    . LEU A 1 120 ? -12.841 6.371   -3.744  1.00 34.42 ? 114 LEU A CB    1 
ATOM   903  C CG    . LEU A 1 120 ? -12.439 5.642   -5.031  1.00 44.55 ? 114 LEU A CG    1 
ATOM   904  C CD1   . LEU A 1 120 ? -12.992 4.226   -5.049  1.00 26.64 ? 114 LEU A CD1   1 
ATOM   905  C CD2   . LEU A 1 120 ? -12.894 6.416   -6.266  1.00 38.34 ? 114 LEU A CD2   1 
ATOM   906  N N     . SER A 1 121 ? -12.575 8.965   -1.569  1.00 39.15 ? 115 SER A N     1 
ATOM   907  C CA    . SER A 1 121 ? -13.144 9.641   -0.407  1.00 40.99 ? 115 SER A CA    1 
ATOM   908  C C     . SER A 1 121 ? -13.552 11.078  -0.701  1.00 44.37 ? 115 SER A C     1 
ATOM   909  O O     . SER A 1 121 ? -14.332 11.652  0.066   1.00 41.11 ? 115 SER A O     1 
ATOM   910  C CB    . SER A 1 121 ? -12.153 9.642   0.760   1.00 37.26 ? 115 SER A CB    1 
ATOM   911  O OG    . SER A 1 121 ? -11.830 8.325   1.165   1.00 45.47 ? 115 SER A OG    1 
ATOM   912  N N     . HIS A 1 122 ? -13.045 11.665  -1.781  1.00 42.59 ? 116 HIS A N     1 
ATOM   913  C CA    . HIS A 1 122 ? -13.270 13.079  -2.051  1.00 47.72 ? 116 HIS A CA    1 
ATOM   914  C C     . HIS A 1 122 ? -14.749 13.363  -2.287  1.00 48.96 ? 116 HIS A C     1 
ATOM   915  O O     . HIS A 1 122 ? -15.392 12.729  -3.128  1.00 53.20 ? 116 HIS A O     1 
ATOM   916  C CB    . HIS A 1 122 ? -12.449 13.516  -3.263  1.00 48.57 ? 116 HIS A CB    1 
ATOM   917  C CG    . HIS A 1 122 ? -12.538 14.981  -3.557  1.00 53.03 ? 116 HIS A CG    1 
ATOM   918  N ND1   . HIS A 1 122 ? -13.560 15.530  -4.301  1.00 50.21 ? 116 HIS A ND1   1 
ATOM   919  C CD2   . HIS A 1 122 ? -11.730 16.010  -3.208  1.00 44.02 ? 116 HIS A CD2   1 
ATOM   920  C CE1   . HIS A 1 122 ? -13.378 16.836  -4.397  1.00 53.11 ? 116 HIS A CE1   1 
ATOM   921  N NE2   . HIS A 1 122 ? -12.275 17.152  -3.744  1.00 54.25 ? 116 HIS A NE2   1 
ATOM   922  N N     . GLY A 1 123 ? -15.282 14.325  -1.534  1.00 44.22 ? 117 GLY A N     1 
ATOM   923  C CA    . GLY A 1 123 ? -16.669 14.718  -1.680  1.00 42.83 ? 117 GLY A CA    1 
ATOM   924  C C     . GLY A 1 123 ? -17.682 13.684  -1.248  1.00 42.35 ? 117 GLY A C     1 
ATOM   925  O O     . GLY A 1 123 ? -18.831 13.735  -1.690  1.00 58.53 ? 117 GLY A O     1 
ATOM   926  N N     . GLU A 1 124 ? -17.296 12.746  -0.391  1.00 43.48 ? 118 GLU A N     1 
ATOM   927  C CA    . GLU A 1 124 ? -18.183 11.681  0.045   1.00 45.17 ? 118 GLU A CA    1 
ATOM   928  C C     . GLU A 1 124 ? -18.469 11.810  1.536   1.00 43.74 ? 118 GLU A C     1 
ATOM   929  O O     . GLU A 1 124 ? -17.835 12.585  2.255   1.00 46.44 ? 118 GLU A O     1 
ATOM   930  C CB    . GLU A 1 124 ? -17.579 10.308  -0.274  1.00 44.22 ? 118 GLU A CB    1 
ATOM   931  C CG    . GLU A 1 124 ? -17.120 10.163  -1.717  1.00 51.82 ? 118 GLU A CG    1 
ATOM   932  C CD    . GLU A 1 124 ? -18.271 10.022  -2.698  1.00 58.30 ? 118 GLU A CD    1 
ATOM   933  O OE1   . GLU A 1 124 ? -19.360 9.566   -2.287  1.00 51.89 ? 118 GLU A OE1   1 
ATOM   934  O OE2   . GLU A 1 124 ? -18.086 10.363  -3.886  1.00 67.68 ? 118 GLU A OE2   1 
ATOM   935  N N     . LYS A 1 125 ? -19.450 11.036  1.990   1.00 43.20 ? 119 LYS A N     1 
ATOM   936  C CA    . LYS A 1 125 ? -19.853 11.072  3.386   1.00 43.69 ? 119 LYS A CA    1 
ATOM   937  C C     . LYS A 1 125 ? -18.740 10.533  4.282   1.00 42.62 ? 119 LYS A C     1 
ATOM   938  O O     . LYS A 1 125 ? -17.841 9.809   3.844   1.00 42.35 ? 119 LYS A O     1 
ATOM   939  C CB    . LYS A 1 125 ? -21.144 10.278  3.591   1.00 49.26 ? 119 LYS A CB    1 
ATOM   940  C CG    . LYS A 1 125 ? -22.315 10.796  2.770   1.00 59.58 ? 119 LYS A CG    1 
ATOM   941  C CD    . LYS A 1 125 ? -23.541 11.053  3.636   1.00 73.41 ? 119 LYS A CD    1 
ATOM   942  C CE    . LYS A 1 125 ? -24.693 11.615  2.810   1.00 71.31 ? 119 LYS A CE    1 
ATOM   943  N NZ    . LYS A 1 125 ? -24.745 13.103  2.869   1.00 75.14 ? 119 LYS A NZ    1 
ATOM   944  N N     . LEU A 1 126 ? -18.823 10.896  5.563   1.00 41.92 ? 120 LEU A N     1 
ATOM   945  C CA    . LEU A 1 126 ? -17.729 10.628  6.490   1.00 43.70 ? 120 LEU A CA    1 
ATOM   946  C C     . LEU A 1 126 ? -17.490 9.133   6.667   1.00 43.96 ? 120 LEU A C     1 
ATOM   947  O O     . LEU A 1 126 ? -16.338 8.687   6.722   1.00 49.79 ? 120 LEU A O     1 
ATOM   948  C CB    . LEU A 1 126 ? -18.020 11.286  7.838   1.00 50.28 ? 120 LEU A CB    1 
ATOM   949  C CG    . LEU A 1 126 ? -16.859 11.332  8.827   1.00 52.03 ? 120 LEU A CG    1 
ATOM   950  C CD1   . LEU A 1 126 ? -15.645 11.970  8.174   1.00 47.96 ? 120 LEU A CD1   1 
ATOM   951  C CD2   . LEU A 1 126 ? -17.263 12.093  10.079  1.00 52.71 ? 120 LEU A CD2   1 
ATOM   952  N N     . HIS A 1 127 ? -18.562 8.341   6.763   1.00 38.60 ? 121 HIS A N     1 
ATOM   953  C CA    . HIS A 1 127 ? -18.382 6.908   6.971   1.00 45.05 ? 121 HIS A CA    1 
ATOM   954  C C     . HIS A 1 127 ? -17.759 6.240   5.753   1.00 37.34 ? 121 HIS A C     1 
ATOM   955  O O     . HIS A 1 127 ? -17.099 5.204   5.888   1.00 41.08 ? 121 HIS A O     1 
ATOM   956  C CB    . HIS A 1 127 ? -19.715 6.246   7.331   1.00 46.67 ? 121 HIS A CB    1 
ATOM   957  C CG    . HIS A 1 127 ? -20.807 6.491   6.336   1.00 54.41 ? 121 HIS A CG    1 
ATOM   958  N ND1   . HIS A 1 127 ? -21.131 5.583   5.351   1.00 55.57 ? 121 HIS A ND1   1 
ATOM   959  C CD2   . HIS A 1 127 ? -21.659 7.533   6.184   1.00 61.36 ? 121 HIS A CD2   1 
ATOM   960  C CE1   . HIS A 1 127 ? -22.131 6.059   4.630   1.00 61.52 ? 121 HIS A CE1   1 
ATOM   961  N NE2   . HIS A 1 127 ? -22.471 7.240   5.115   1.00 63.27 ? 121 HIS A NE2   1 
ATOM   962  N N     . ILE A 1 128 ? -17.941 6.818   4.565   1.00 35.86 ? 122 ILE A N     1 
ATOM   963  C CA    . ILE A 1 128 ? -17.268 6.299   3.379   1.00 38.57 ? 122 ILE A CA    1 
ATOM   964  C C     . ILE A 1 128 ? -15.774 6.596   3.439   1.00 37.79 ? 122 ILE A C     1 
ATOM   965  O O     . ILE A 1 128 ? -14.946 5.768   3.038   1.00 45.11 ? 122 ILE A O     1 
ATOM   966  C CB    . ILE A 1 128 ? -17.917 6.870   2.105   1.00 46.37 ? 122 ILE A CB    1 
ATOM   967  C CG1   . ILE A 1 128 ? -19.294 6.238   1.886   1.00 47.38 ? 122 ILE A CG1   1 
ATOM   968  C CG2   . ILE A 1 128 ? -17.024 6.639   0.894   1.00 40.47 ? 122 ILE A CG2   1 
ATOM   969  C CD1   . ILE A 1 128 ? -19.933 6.602   0.565   1.00 68.44 ? 122 ILE A CD1   1 
ATOM   970  N N     . LYS A 1 129 ? -15.400 7.771   3.949   1.00 39.75 ? 123 LYS A N     1 
ATOM   971  C CA    . LYS A 1 129 ? -13.983 8.075   4.124   1.00 35.77 ? 123 LYS A CA    1 
ATOM   972  C C     . LYS A 1 129 ? -13.341 7.139   5.138   1.00 36.94 ? 123 LYS A C     1 
ATOM   973  O O     . LYS A 1 129 ? -12.195 6.710   4.960   1.00 35.82 ? 123 LYS A O     1 
ATOM   974  C CB    . LYS A 1 129 ? -13.804 9.529   4.554   1.00 35.26 ? 123 LYS A CB    1 
ATOM   975  C CG    . LYS A 1 129 ? -14.438 10.540  3.619   1.00 37.25 ? 123 LYS A CG    1 
ATOM   976  C CD    . LYS A 1 129 ? -13.988 11.948  3.969   1.00 48.01 ? 123 LYS A CD    1 
ATOM   977  C CE    . LYS A 1 129 ? -14.580 12.967  3.018   1.00 39.53 ? 123 LYS A CE    1 
ATOM   978  N NZ    . LYS A 1 129 ? -13.924 14.288  3.163   1.00 51.63 ? 123 LYS A NZ    1 
ATOM   979  N N     . ALA A 1 130 ? -14.066 6.807   6.209   1.00 37.84 ? 124 ALA A N     1 
ATOM   980  C CA    . ALA A 1 130 ? -13.519 5.917   7.226   1.00 39.64 ? 124 ALA A CA    1 
ATOM   981  C C     . ALA A 1 130 ? -13.343 4.502   6.688   1.00 38.32 ? 124 ALA A C     1 
ATOM   982  O O     . ALA A 1 130 ? -12.353 3.832   7.004   1.00 43.46 ? 124 ALA A O     1 
ATOM   983  C CB    . ALA A 1 130 ? -14.421 5.917   8.461   1.00 28.98 ? 124 ALA A CB    1 
ATOM   984  N N     . ILE A 1 131 ? -14.288 4.033   5.871   1.00 41.83 ? 125 ILE A N     1 
ATOM   985  C CA    . ILE A 1 131 ? -14.189 2.695   5.291   1.00 38.28 ? 125 ILE A CA    1 
ATOM   986  C C     . ILE A 1 131 ? -12.980 2.605   4.366   1.00 37.23 ? 125 ILE A C     1 
ATOM   987  O O     . ILE A 1 131 ? -12.188 1.657   4.436   1.00 37.64 ? 125 ILE A O     1 
ATOM   988  C CB    . ILE A 1 131 ? -15.492 2.338   4.553   1.00 33.68 ? 125 ILE A CB    1 
ATOM   989  C CG1   . ILE A 1 131 ? -16.617 2.053   5.551   1.00 36.50 ? 125 ILE A CG1   1 
ATOM   990  C CG2   . ILE A 1 131 ? -15.280 1.160   3.612   1.00 33.81 ? 125 ILE A CG2   1 
ATOM   991  C CD1   . ILE A 1 131 ? -17.994 2.007   4.922   1.00 35.86 ? 125 ILE A CD1   1 
ATOM   992  N N     . LEU A 1 132 ? -12.822 3.594   3.488   1.00 32.16 ? 126 LEU A N     1 
ATOM   993  C CA    . LEU A 1 132 ? -11.743 3.552   2.506   1.00 30.78 ? 126 LEU A CA    1 
ATOM   994  C C     . LEU A 1 132 ? -10.377 3.689   3.167   1.00 32.05 ? 126 LEU A C     1 
ATOM   995  O O     . LEU A 1 132 ? -9.426  2.996   2.787   1.00 36.98 ? 126 LEU A O     1 
ATOM   996  C CB    . LEU A 1 132 ? -11.949 4.649   1.467   1.00 33.77 ? 126 LEU A CB    1 
ATOM   997  C CG    . LEU A 1 132 ? -13.117 4.404   0.516   1.00 38.34 ? 126 LEU A CG    1 
ATOM   998  C CD1   . LEU A 1 132 ? -13.410 5.653   -0.294  1.00 36.89 ? 126 LEU A CD1   1 
ATOM   999  C CD2   . LEU A 1 132 ? -12.807 3.227   -0.394  1.00 36.58 ? 126 LEU A CD2   1 
ATOM   1000 N N     . PHE A 1 133 ? -10.254 4.573   4.156   1.00 38.16 ? 127 PHE A N     1 
ATOM   1001 C CA    . PHE A 1 133 ? -8.957  4.785   4.782   1.00 37.14 ? 127 PHE A CA    1 
ATOM   1002 C C     . PHE A 1 133 ? -8.623  3.725   5.822   1.00 33.28 ? 127 PHE A C     1 
ATOM   1003 O O     . PHE A 1 133 ? -7.440  3.527   6.120   1.00 42.55 ? 127 PHE A O     1 
ATOM   1004 C CB    . PHE A 1 133 ? -8.888  6.185   5.388   1.00 34.75 ? 127 PHE A CB    1 
ATOM   1005 C CG    . PHE A 1 133 ? -8.478  7.234   4.398   1.00 35.94 ? 127 PHE A CG    1 
ATOM   1006 C CD1   . PHE A 1 133 ? -7.142  7.420   4.084   1.00 39.23 ? 127 PHE A CD1   1 
ATOM   1007 C CD2   . PHE A 1 133 ? -9.428  8.005   3.753   1.00 36.01 ? 127 PHE A CD2   1 
ATOM   1008 C CE1   . PHE A 1 133 ? -6.757  8.371   3.160   1.00 39.22 ? 127 PHE A CE1   1 
ATOM   1009 C CE2   . PHE A 1 133 ? -9.049  8.959   2.826   1.00 46.78 ? 127 PHE A CE2   1 
ATOM   1010 C CZ    . PHE A 1 133 ? -7.713  9.141   2.529   1.00 40.86 ? 127 PHE A CZ    1 
ATOM   1011 N N     . LEU A 1 134 ? -9.624  3.033   6.371   1.00 37.47 ? 128 LEU A N     1 
ATOM   1012 C CA    . LEU A 1 134 ? -9.329  1.826   7.136   1.00 37.37 ? 128 LEU A CA    1 
ATOM   1013 C C     . LEU A 1 134 ? -8.819  0.721   6.221   1.00 37.15 ? 128 LEU A C     1 
ATOM   1014 O O     . LEU A 1 134 ? -7.906  -0.030  6.587   1.00 34.09 ? 128 LEU A O     1 
ATOM   1015 C CB    . LEU A 1 134 ? -10.565 1.354   7.899   1.00 36.20 ? 128 LEU A CB    1 
ATOM   1016 C CG    . LEU A 1 134 ? -10.323 0.096   8.739   1.00 40.71 ? 128 LEU A CG    1 
ATOM   1017 C CD1   . LEU A 1 134 ? -9.494  0.426   9.975   1.00 46.44 ? 128 LEU A CD1   1 
ATOM   1018 C CD2   . LEU A 1 134 ? -11.630 -0.581  9.118   1.00 46.15 ? 128 LEU A CD2   1 
ATOM   1019 N N     . TYR A 1 135 ? -9.403  0.605   5.026   1.00 34.18 ? 129 TYR A N     1 
ATOM   1020 C CA    . TYR A 1 135 ? -8.918  -0.367  4.053   1.00 30.99 ? 129 TYR A CA    1 
ATOM   1021 C C     . TYR A 1 135 ? -7.469  -0.078  3.677   1.00 27.66 ? 129 TYR A C     1 
ATOM   1022 O O     . TYR A 1 135 ? -6.628  -0.983  3.660   1.00 31.77 ? 129 TYR A O     1 
ATOM   1023 C CB    . TYR A 1 135 ? -9.823  -0.354  2.818   1.00 29.89 ? 129 TYR A CB    1 
ATOM   1024 C CG    . TYR A 1 135 ? -9.106  -0.615  1.515   1.00 33.71 ? 129 TYR A CG    1 
ATOM   1025 C CD1   . TYR A 1 135 ? -8.768  -1.903  1.134   1.00 32.08 ? 129 TYR A CD1   1 
ATOM   1026 C CD2   . TYR A 1 135 ? -8.771  0.432   0.664   1.00 35.13 ? 129 TYR A CD2   1 
ATOM   1027 C CE1   . TYR A 1 135 ? -8.112  -2.147  -0.058  1.00 36.27 ? 129 TYR A CE1   1 
ATOM   1028 C CE2   . TYR A 1 135 ? -8.115  0.199   -0.528  1.00 36.32 ? 129 TYR A CE2   1 
ATOM   1029 C CZ    . TYR A 1 135 ? -7.787  -1.092  -0.884  1.00 38.17 ? 129 TYR A CZ    1 
ATOM   1030 O OH    . TYR A 1 135 ? -7.131  -1.327  -2.072  1.00 37.86 ? 129 TYR A OH    1 
ATOM   1031 N N     . ALA A 1 136 ? -7.157  1.190   3.395   1.00 32.04 ? 130 ALA A N     1 
ATOM   1032 C CA    . ALA A 1 136 ? -5.784  1.561   3.064   1.00 32.06 ? 130 ALA A CA    1 
ATOM   1033 C C     . ALA A 1 136 ? -4.838  1.278   4.223   1.00 29.99 ? 130 ALA A C     1 
ATOM   1034 O O     . ALA A 1 136 ? -3.712  0.809   4.014   1.00 30.26 ? 130 ALA A O     1 
ATOM   1035 C CB    . ALA A 1 136 ? -5.718  3.037   2.670   1.00 28.96 ? 130 ALA A CB    1 
ATOM   1036 N N     . PHE A 1 137 ? -5.274  1.555   5.454   1.00 38.04 ? 131 PHE A N     1 
ATOM   1037 C CA    . PHE A 1 137 ? -4.426  1.288   6.612   1.00 35.14 ? 131 PHE A CA    1 
ATOM   1038 C C     . PHE A 1 137 ? -4.159  -0.203  6.765   1.00 34.05 ? 131 PHE A C     1 
ATOM   1039 O O     . PHE A 1 137 ? -3.027  -0.612  7.048   1.00 39.72 ? 131 PHE A O     1 
ATOM   1040 C CB    . PHE A 1 137 ? -5.070  1.851   7.879   1.00 49.05 ? 131 PHE A CB    1 
ATOM   1041 C CG    . PHE A 1 137 ? -4.512  1.271   9.149   1.00 51.18 ? 131 PHE A CG    1 
ATOM   1042 C CD1   . PHE A 1 137 ? -3.340  1.768   9.696   1.00 58.96 ? 131 PHE A CD1   1 
ATOM   1043 C CD2   . PHE A 1 137 ? -5.155  0.224   9.792   1.00 50.07 ? 131 PHE A CD2   1 
ATOM   1044 C CE1   . PHE A 1 137 ? -2.818  1.232   10.862  1.00 53.16 ? 131 PHE A CE1   1 
ATOM   1045 C CE2   . PHE A 1 137 ? -4.639  -0.316  10.956  1.00 57.66 ? 131 PHE A CE2   1 
ATOM   1046 C CZ    . PHE A 1 137 ? -3.469  0.190   11.492  1.00 49.97 ? 131 PHE A CZ    1 
ATOM   1047 N N     . LEU A 1 138 ? -5.192  -1.029  6.583   1.00 33.89 ? 132 LEU A N     1 
ATOM   1048 C CA    . LEU A 1 138 ? -5.025  -2.470  6.748   1.00 35.42 ? 132 LEU A CA    1 
ATOM   1049 C C     . LEU A 1 138 ? -4.099  -3.055  5.690   1.00 35.53 ? 132 LEU A C     1 
ATOM   1050 O O     . LEU A 1 138 ? -3.361  -4.003  5.976   1.00 33.82 ? 132 LEU A O     1 
ATOM   1051 C CB    . LEU A 1 138 ? -6.387  -3.165  6.710   1.00 39.73 ? 132 LEU A CB    1 
ATOM   1052 C CG    . LEU A 1 138 ? -7.258  -2.990  7.958   1.00 42.84 ? 132 LEU A CG    1 
ATOM   1053 C CD1   . LEU A 1 138 ? -8.610  -3.659  7.772   1.00 42.12 ? 132 LEU A CD1   1 
ATOM   1054 C CD2   . LEU A 1 138 ? -6.550  -3.535  9.191   1.00 41.87 ? 132 LEU A CD2   1 
ATOM   1055 N N     . ILE A 1 139 ? -4.124  -2.515  4.468   1.00 34.65 ? 133 ILE A N     1 
ATOM   1056 C CA    . ILE A 1 139 ? -3.174  -2.953  3.450   1.00 33.56 ? 133 ILE A CA    1 
ATOM   1057 C C     . ILE A 1 139 ? -1.751  -2.642  3.894   1.00 34.53 ? 133 ILE A C     1 
ATOM   1058 O O     . ILE A 1 139 ? -0.865  -3.504  3.851   1.00 34.43 ? 133 ILE A O     1 
ATOM   1059 C CB    . ILE A 1 139 ? -3.495  -2.304  2.091   1.00 30.89 ? 133 ILE A CB    1 
ATOM   1060 C CG1   . ILE A 1 139 ? -4.798  -2.867  1.524   1.00 26.16 ? 133 ILE A CG1   1 
ATOM   1061 C CG2   . ILE A 1 139 ? -2.355  -2.535  1.112   1.00 29.37 ? 133 ILE A CG2   1 
ATOM   1062 C CD1   . ILE A 1 139 ? -4.746  -4.351  1.266   1.00 28.29 ? 133 ILE A CD1   1 
ATOM   1063 N N     . GLY A 1 140 ? -1.516  -1.405  4.337   1.00 36.72 ? 134 GLY A N     1 
ATOM   1064 C CA    . GLY A 1 140 ? -0.200  -1.050  4.843   1.00 30.10 ? 134 GLY A CA    1 
ATOM   1065 C C     . GLY A 1 140 ? 0.225   -1.921  6.011   1.00 41.18 ? 134 GLY A C     1 
ATOM   1066 O O     . GLY A 1 140 ? 1.370   -2.378  6.072   1.00 35.14 ? 134 GLY A O     1 
ATOM   1067 N N     . TYR A 1 141 ? -0.694  -2.171  6.947   1.00 34.74 ? 135 TYR A N     1 
ATOM   1068 C CA    . TYR A 1 141 ? -0.387  -3.068  8.056   1.00 37.42 ? 135 TYR A CA    1 
ATOM   1069 C C     . TYR A 1 141 ? -0.169  -4.493  7.563   1.00 35.35 ? 135 TYR A C     1 
ATOM   1070 O O     . TYR A 1 141 ? 0.676   -5.221  8.098   1.00 39.64 ? 135 TYR A O     1 
ATOM   1071 C CB    . TYR A 1 141 ? -1.507  -3.023  9.098   1.00 37.15 ? 135 TYR A CB    1 
ATOM   1072 C CG    . TYR A 1 141 ? -1.135  -3.631  10.435  1.00 36.92 ? 135 TYR A CG    1 
ATOM   1073 C CD1   . TYR A 1 141 ? -1.098  -5.009  10.609  1.00 30.92 ? 135 TYR A CD1   1 
ATOM   1074 C CD2   . TYR A 1 141 ? -0.821  -2.826  11.524  1.00 38.85 ? 135 TYR A CD2   1 
ATOM   1075 C CE1   . TYR A 1 141 ? -0.757  -5.569  11.823  1.00 37.18 ? 135 TYR A CE1   1 
ATOM   1076 C CE2   . TYR A 1 141 ? -0.479  -3.378  12.746  1.00 41.34 ? 135 TYR A CE2   1 
ATOM   1077 C CZ    . TYR A 1 141 ? -0.451  -4.751  12.890  1.00 46.45 ? 135 TYR A CZ    1 
ATOM   1078 O OH    . TYR A 1 141 ? -0.113  -5.311  14.100  1.00 42.80 ? 135 TYR A OH    1 
ATOM   1079 N N     . GLU A 1 142 ? -0.919  -4.906  6.539   1.00 36.54 ? 136 GLU A N     1 
ATOM   1080 C CA    . GLU A 1 142 ? -0.792  -6.270  6.034   1.00 36.02 ? 136 GLU A CA    1 
ATOM   1081 C C     . GLU A 1 142 ? 0.596   -6.524  5.456   1.00 36.39 ? 136 GLU A C     1 
ATOM   1082 O O     . GLU A 1 142 ? 1.165   -7.606  5.644   1.00 36.09 ? 136 GLU A O     1 
ATOM   1083 C CB    . GLU A 1 142 ? -1.874  -6.539  4.987   1.00 36.83 ? 136 GLU A CB    1 
ATOM   1084 C CG    . GLU A 1 142 ? -1.700  -7.829  4.215   1.00 36.67 ? 136 GLU A CG    1 
ATOM   1085 C CD    . GLU A 1 142 ? -1.284  -7.580  2.782   1.00 38.93 ? 136 GLU A CD    1 
ATOM   1086 O OE1   . GLU A 1 142 ? -0.211  -8.072  2.375   1.00 44.26 ? 136 GLU A OE1   1 
ATOM   1087 O OE2   . GLU A 1 142 ? -2.027  -6.880  2.066   1.00 45.06 ? 136 GLU A OE2   1 
ATOM   1088 N N     . ARG A 1 143 ? 1.164   -5.535  4.760   1.00 34.61 ? 137 ARG A N     1 
ATOM   1089 C CA    . ARG A 1 143 ? 2.485   -5.720  4.164   1.00 33.91 ? 137 ARG A CA    1 
ATOM   1090 C C     . ARG A 1 143 ? 3.543   -5.969  5.233   1.00 33.23 ? 137 ARG A C     1 
ATOM   1091 O O     . ARG A 1 143 ? 4.436   -6.804  5.050   1.00 33.05 ? 137 ARG A O     1 
ATOM   1092 C CB    . ARG A 1 143 ? 2.857   -4.502  3.314   1.00 37.20 ? 137 ARG A CB    1 
ATOM   1093 C CG    . ARG A 1 143 ? 1.846   -4.153  2.228   1.00 30.01 ? 137 ARG A CG    1 
ATOM   1094 C CD    . ARG A 1 143 ? 1.398   -5.388  1.470   1.00 36.12 ? 137 ARG A CD    1 
ATOM   1095 N NE    . ARG A 1 143 ? 2.310   -5.725  0.381   1.00 41.06 ? 137 ARG A NE    1 
ATOM   1096 C CZ    . ARG A 1 143 ? 2.398   -6.928  -0.175  1.00 37.90 ? 137 ARG A CZ    1 
ATOM   1097 N NH1   . ARG A 1 143 ? 1.632   -7.918  0.259   1.00 39.07 ? 137 ARG A NH1   1 
ATOM   1098 N NH2   . ARG A 1 143 ? 3.257   -7.141  -1.164  1.00 45.07 ? 137 ARG A NH2   1 
ATOM   1099 N N     . ILE A 1 144 ? 3.457   -5.259  6.358   1.00 34.47 ? 138 ILE A N     1 
ATOM   1100 C CA    . ILE A 1 144 ? 4.416   -5.465  7.439   1.00 28.34 ? 138 ILE A CA    1 
ATOM   1101 C C     . ILE A 1 144 ? 4.149   -6.790  8.140   1.00 38.28 ? 138 ILE A C     1 
ATOM   1102 O O     . ILE A 1 144 ? 5.079   -7.543  8.446   1.00 42.29 ? 138 ILE A O     1 
ATOM   1103 C CB    . ILE A 1 144 ? 4.375   -4.283  8.423   1.00 38.46 ? 138 ILE A CB    1 
ATOM   1104 C CG1   . ILE A 1 144 ? 4.440   -2.957  7.665   1.00 35.90 ? 138 ILE A CG1   1 
ATOM   1105 C CG2   . ILE A 1 144 ? 5.519   -4.380  9.425   1.00 32.31 ? 138 ILE A CG2   1 
ATOM   1106 C CD1   . ILE A 1 144 ? 4.284   -1.751  8.550   1.00 41.34 ? 138 ILE A CD1   1 
ATOM   1107 N N     . TYR A 1 145 ? 2.874   -7.097  8.402   1.00 40.25 ? 139 TYR A N     1 
ATOM   1108 C CA    . TYR A 1 145 ? 2.539   -8.360  9.048   1.00 34.15 ? 139 TYR A CA    1 
ATOM   1109 C C     . TYR A 1 145 ? 2.976   -9.551  8.207   1.00 38.12 ? 139 TYR A C     1 
ATOM   1110 O O     . TYR A 1 145 ? 3.388   -10.581 8.756   1.00 38.66 ? 139 TYR A O     1 
ATOM   1111 C CB    . TYR A 1 145 ? 1.035   -8.430  9.328   1.00 36.48 ? 139 TYR A CB    1 
ATOM   1112 C CG    . TYR A 1 145 ? 0.630   -9.670  10.093  1.00 32.70 ? 139 TYR A CG    1 
ATOM   1113 C CD1   . TYR A 1 145 ? 0.627   -9.681  11.482  1.00 38.24 ? 139 TYR A CD1   1 
ATOM   1114 C CD2   . TYR A 1 145 ? 0.267   -10.833 9.427   1.00 31.16 ? 139 TYR A CD2   1 
ATOM   1115 C CE1   . TYR A 1 145 ? 0.267   -10.816 12.187  1.00 33.44 ? 139 TYR A CE1   1 
ATOM   1116 C CE2   . TYR A 1 145 ? -0.094  -11.969 10.120  1.00 37.11 ? 139 TYR A CE2   1 
ATOM   1117 C CZ    . TYR A 1 145 ? -0.091  -11.957 11.500  1.00 39.45 ? 139 TYR A CZ    1 
ATOM   1118 O OH    . TYR A 1 145 ? -0.445  -13.092 12.196  1.00 37.42 ? 139 TYR A OH    1 
ATOM   1119 N N     . ALA A 1 146 ? 2.894   -9.435  6.881   1.00 38.91 ? 140 ALA A N     1 
ATOM   1120 C CA    . ALA A 1 146 ? 3.339   -10.508 6.004   1.00 35.13 ? 140 ALA A CA    1 
ATOM   1121 C C     . ALA A 1 146 ? 4.855   -10.649 5.964   1.00 35.79 ? 140 ALA A C     1 
ATOM   1122 O O     . ALA A 1 146 ? 5.352   -11.637 5.412   1.00 40.92 ? 140 ALA A O     1 
ATOM   1123 C CB    . ALA A 1 146 ? 2.804   -10.281 4.588   1.00 40.83 ? 140 ALA A CB    1 
ATOM   1124 N N     . GLY A 1 147 ? 5.594   -9.695  6.527   1.00 38.68 ? 141 GLY A N     1 
ATOM   1125 C CA    . GLY A 1 147 ? 7.040   -9.759  6.517   1.00 39.13 ? 141 GLY A CA    1 
ATOM   1126 C C     . GLY A 1 147 ? 7.693   -9.367  5.211   1.00 45.14 ? 141 GLY A C     1 
ATOM   1127 O O     . GLY A 1 147 ? 8.876   -9.658  5.015   1.00 46.06 ? 141 GLY A O     1 
ATOM   1128 N N     . VAL A 1 148 ? 6.963   -8.705  4.310   1.00 42.21 ? 142 VAL A N     1 
ATOM   1129 C CA    . VAL A 1 148 ? 7.506   -8.349  3.003   1.00 40.14 ? 142 VAL A CA    1 
ATOM   1130 C C     . VAL A 1 148 ? 7.857   -6.873  2.887   1.00 35.19 ? 142 VAL A C     1 
ATOM   1131 O O     . VAL A 1 148 ? 8.429   -6.466  1.864   1.00 43.14 ? 142 VAL A O     1 
ATOM   1132 C CB    . VAL A 1 148 ? 6.533   -8.742  1.870   1.00 41.30 ? 142 VAL A CB    1 
ATOM   1133 C CG1   . VAL A 1 148 ? 6.239   -10.234 1.921   1.00 37.44 ? 142 VAL A CG1   1 
ATOM   1134 C CG2   . VAL A 1 148 ? 5.246   -7.930  1.959   1.00 35.73 ? 142 VAL A CG2   1 
ATOM   1135 N N     . HIS A 1 149 ? 7.540   -6.060  3.890   1.00 38.88 ? 143 HIS A N     1 
ATOM   1136 C CA    . HIS A 1 149 ? 7.847   -4.639  3.841   1.00 33.77 ? 143 HIS A CA    1 
ATOM   1137 C C     . HIS A 1 149 ? 8.249   -4.155  5.226   1.00 40.66 ? 143 HIS A C     1 
ATOM   1138 O O     . HIS A 1 149 ? 7.905   -4.760  6.246   1.00 40.38 ? 143 HIS A O     1 
ATOM   1139 C CB    . HIS A 1 149 ? 6.659   -3.813  3.323   1.00 34.90 ? 143 HIS A CB    1 
ATOM   1140 C CG    . HIS A 1 149 ? 6.540   -3.790  1.830   1.00 48.92 ? 143 HIS A CG    1 
ATOM   1141 N ND1   . HIS A 1 149 ? 7.484   -3.203  1.015   1.00 49.44 ? 143 HIS A ND1   1 
ATOM   1142 C CD2   . HIS A 1 149 ? 5.582   -4.276  1.005   1.00 43.98 ? 143 HIS A CD2   1 
ATOM   1143 C CE1   . HIS A 1 149 ? 7.115   -3.332  -0.247  1.00 40.94 ? 143 HIS A CE1   1 
ATOM   1144 N NE2   . HIS A 1 149 ? 5.966   -3.981  -0.281  1.00 44.99 ? 143 HIS A NE2   1 
ATOM   1145 N N     . PHE A 1 150 ? 9.000   -3.054  5.241   1.00 37.87 ? 144 PHE A N     1 
ATOM   1146 C CA    . PHE A 1 150 ? 9.353   -2.297  6.429   1.00 39.60 ? 144 PHE A CA    1 
ATOM   1147 C C     . PHE A 1 150 ? 8.370   -1.156  6.632   1.00 43.08 ? 144 PHE A C     1 
ATOM   1148 O O     . PHE A 1 150 ? 7.718   -0.710  5.683   1.00 39.42 ? 144 PHE A O     1 
ATOM   1149 C CB    . PHE A 1 150 ? 10.767  -1.733  6.298   1.00 38.65 ? 144 PHE A CB    1 
ATOM   1150 C CG    . PHE A 1 150 ? 11.842  -2.776  6.236   1.00 44.17 ? 144 PHE A CG    1 
ATOM   1151 C CD1   . PHE A 1 150 ? 12.295  -3.393  7.389   1.00 43.48 ? 144 PHE A CD1   1 
ATOM   1152 C CD2   . PHE A 1 150 ? 12.418  -3.123  5.025   1.00 46.09 ? 144 PHE A CD2   1 
ATOM   1153 C CE1   . PHE A 1 150 ? 13.298  -4.347  7.334   1.00 48.10 ? 144 PHE A CE1   1 
ATOM   1154 C CE2   . PHE A 1 150 ? 13.420  -4.074  4.964   1.00 40.78 ? 144 PHE A CE2   1 
ATOM   1155 C CZ    . PHE A 1 150 ? 13.860  -4.685  6.121   1.00 39.18 ? 144 PHE A CZ    1 
ATOM   1156 N N     . PRO A 1 151 ? 8.237   -0.664  7.866   1.00 42.17 ? 145 PRO A N     1 
ATOM   1157 C CA    . PRO A 1 151 ? 7.386   0.515   8.098   1.00 39.82 ? 145 PRO A CA    1 
ATOM   1158 C C     . PRO A 1 151 ? 7.750   1.718   7.245   1.00 40.41 ? 145 PRO A C     1 
ATOM   1159 O O     . PRO A 1 151 ? 6.867   2.518   6.911   1.00 43.43 ? 145 PRO A O     1 
ATOM   1160 C CB    . PRO A 1 151 ? 7.596   0.797   9.591   1.00 41.58 ? 145 PRO A CB    1 
ATOM   1161 C CG    . PRO A 1 151 ? 7.876   -0.547  10.169  1.00 36.03 ? 145 PRO A CG    1 
ATOM   1162 C CD    . PRO A 1 151 ? 8.672   -1.287  9.128   1.00 44.66 ? 145 PRO A CD    1 
ATOM   1163 N N     . LEU A 1 152 ? 9.026   1.879   6.887   1.00 45.95 ? 146 LEU A N     1 
ATOM   1164 C CA    . LEU A 1 152 ? 9.409   2.971   5.998   1.00 45.78 ? 146 LEU A CA    1 
ATOM   1165 C C     . LEU A 1 152 ? 8.746   2.828   4.632   1.00 40.58 ? 146 LEU A C     1 
ATOM   1166 O O     . LEU A 1 152 ? 8.312   3.821   4.036   1.00 38.60 ? 146 LEU A O     1 
ATOM   1167 C CB    . LEU A 1 152 ? 10.930  3.017   5.850   1.00 50.22 ? 146 LEU A CB    1 
ATOM   1168 C CG    . LEU A 1 152 ? 11.478  3.937   4.756   1.00 51.53 ? 146 LEU A CG    1 
ATOM   1169 C CD1   . LEU A 1 152 ? 11.157  5.392   5.068   1.00 41.20 ? 146 LEU A CD1   1 
ATOM   1170 C CD2   . LEU A 1 152 ? 12.975  3.738   4.572   1.00 42.97 ? 146 LEU A CD2   1 
ATOM   1171 N N     . ASP A 1 153 ? 8.651   1.595   4.127   1.00 42.67 ? 147 ASP A N     1 
ATOM   1172 C CA    . ASP A 1 153 ? 8.067   1.371   2.807   1.00 43.82 ? 147 ASP A CA    1 
ATOM   1173 C C     . ASP A 1 153 ? 6.580   1.698   2.792   1.00 43.40 ? 147 ASP A C     1 
ATOM   1174 O O     . ASP A 1 153 ? 6.078   2.281   1.822   1.00 36.98 ? 147 ASP A O     1 
ATOM   1175 C CB    . ASP A 1 153 ? 8.287   -0.076  2.371   1.00 46.09 ? 147 ASP A CB    1 
ATOM   1176 C CG    . ASP A 1 153 ? 9.711   -0.540  2.579   1.00 42.52 ? 147 ASP A CG    1 
ATOM   1177 O OD1   . ASP A 1 153 ? 10.635  0.288   2.433   1.00 47.05 ? 147 ASP A OD1   1 
ATOM   1178 O OD2   . ASP A 1 153 ? 9.904   -1.737  2.883   1.00 36.94 ? 147 ASP A OD2   1 
ATOM   1179 N N     . VAL A 1 154 ? 5.855   1.325   3.848   1.00 44.72 ? 148 VAL A N     1 
ATOM   1180 C CA    . VAL A 1 154 ? 4.415   1.555   3.843   1.00 41.39 ? 148 VAL A CA    1 
ATOM   1181 C C     . VAL A 1 154 ? 4.091   3.003   4.189   1.00 37.65 ? 148 VAL A C     1 
ATOM   1182 O O     . VAL A 1 154 ? 3.069   3.535   3.743   1.00 46.38 ? 148 VAL A O     1 
ATOM   1183 C CB    . VAL A 1 154 ? 3.704   0.567   4.786   1.00 43.22 ? 148 VAL A CB    1 
ATOM   1184 C CG1   . VAL A 1 154 ? 4.197   -0.851  4.535   1.00 41.24 ? 148 VAL A CG1   1 
ATOM   1185 C CG2   . VAL A 1 154 ? 3.903   0.960   6.237   1.00 51.73 ? 148 VAL A CG2   1 
ATOM   1186 N N     . PHE A 1 155 ? 4.947   3.672   4.966   1.00 41.78 ? 149 PHE A N     1 
ATOM   1187 C CA    . PHE A 1 155 ? 4.711   5.080   5.262   1.00 40.13 ? 149 PHE A CA    1 
ATOM   1188 C C     . PHE A 1 155 ? 4.917   5.937   4.021   1.00 32.88 ? 149 PHE A C     1 
ATOM   1189 O O     . PHE A 1 155 ? 4.091   6.801   3.706   1.00 42.31 ? 149 PHE A O     1 
ATOM   1190 C CB    . PHE A 1 155 ? 5.625   5.545   6.396   1.00 51.20 ? 149 PHE A CB    1 
ATOM   1191 C CG    . PHE A 1 155 ? 5.463   6.998   6.742   1.00 56.35 ? 149 PHE A CG    1 
ATOM   1192 C CD1   . PHE A 1 155 ? 4.370   7.432   7.476   1.00 71.15 ? 149 PHE A CD1   1 
ATOM   1193 C CD2   . PHE A 1 155 ? 6.399   7.932   6.326   1.00 57.24 ? 149 PHE A CD2   1 
ATOM   1194 C CE1   . PHE A 1 155 ? 4.216   8.772   7.793   1.00 71.15 ? 149 PHE A CE1   1 
ATOM   1195 C CE2   . PHE A 1 155 ? 6.251   9.271   6.638   1.00 63.78 ? 149 PHE A CE2   1 
ATOM   1196 C CZ    . PHE A 1 155 ? 5.157   9.691   7.374   1.00 71.22 ? 149 PHE A CZ    1 
ATOM   1197 N N     . VAL A 1 156 ? 6.016   5.712   3.301   1.00 44.88 ? 150 VAL A N     1 
ATOM   1198 C CA    . VAL A 1 156 ? 6.265   6.461   2.075   1.00 38.89 ? 150 VAL A CA    1 
ATOM   1199 C C     . VAL A 1 156 ? 5.269   6.055   0.995   1.00 39.96 ? 150 VAL A C     1 
ATOM   1200 O O     . VAL A 1 156 ? 4.777   6.899   0.237   1.00 38.63 ? 150 VAL A O     1 
ATOM   1201 C CB    . VAL A 1 156 ? 7.723   6.266   1.620   1.00 47.72 ? 150 VAL A CB    1 
ATOM   1202 C CG1   . VAL A 1 156 ? 7.941   6.871   0.243   1.00 40.14 ? 150 VAL A CG1   1 
ATOM   1203 C CG2   . VAL A 1 156 ? 8.676   6.885   2.634   1.00 39.28 ? 150 VAL A CG2   1 
ATOM   1204 N N     . GLY A 1 157 ? 4.948   4.762   0.917   1.00 38.41 ? 151 GLY A N     1 
ATOM   1205 C CA    . GLY A 1 157 ? 3.928   4.322   -0.022  1.00 31.92 ? 151 GLY A CA    1 
ATOM   1206 C C     . GLY A 1 157 ? 2.594   5.001   0.217   1.00 35.25 ? 151 GLY A C     1 
ATOM   1207 O O     . GLY A 1 157 ? 1.955   5.493   -0.717  1.00 34.56 ? 151 GLY A O     1 
ATOM   1208 N N     . ALA A 1 158 ? 2.160   5.047   1.480   1.00 39.08 ? 152 ALA A N     1 
ATOM   1209 C CA    . ALA A 1 158 ? 0.948   5.789   1.817   1.00 37.31 ? 152 ALA A CA    1 
ATOM   1210 C C     . ALA A 1 158 ? 1.082   7.257   1.435   1.00 39.81 ? 152 ALA A C     1 
ATOM   1211 O O     . ALA A 1 158 ? 0.140   7.858   0.904   1.00 40.16 ? 152 ALA A O     1 
ATOM   1212 C CB    . ALA A 1 158 ? 0.642   5.651   3.307   1.00 36.02 ? 152 ALA A CB    1 
ATOM   1213 N N     . LEU A 1 159 ? 2.251   7.848   1.693   1.00 36.69 ? 153 LEU A N     1 
ATOM   1214 C CA    . LEU A 1 159 ? 2.480   9.242   1.331   1.00 37.34 ? 153 LEU A CA    1 
ATOM   1215 C C     . LEU A 1 159 ? 2.335   9.448   -0.172  1.00 37.42 ? 153 LEU A C     1 
ATOM   1216 O O     . LEU A 1 159 ? 1.683   10.398  -0.620  1.00 40.92 ? 153 LEU A O     1 
ATOM   1217 C CB    . LEU A 1 159 ? 3.869   9.675   1.804   1.00 50.95 ? 153 LEU A CB    1 
ATOM   1218 C CG    . LEU A 1 159 ? 4.058   11.151  2.149   1.00 54.80 ? 153 LEU A CG    1 
ATOM   1219 C CD1   . LEU A 1 159 ? 3.583   11.424  3.568   1.00 62.33 ? 153 LEU A CD1   1 
ATOM   1220 C CD2   . LEU A 1 159 ? 5.514   11.554  1.972   1.00 64.25 ? 153 LEU A CD2   1 
ATOM   1221 N N     . ILE A 1 160 ? 2.932   8.557   -0.966  1.00 34.77 ? 154 ILE A N     1 
ATOM   1222 C CA    . ILE A 1 160 ? 2.828   8.657   -2.421  1.00 41.55 ? 154 ILE A CA    1 
ATOM   1223 C C     . ILE A 1 160 ? 1.372   8.564   -2.858  1.00 37.55 ? 154 ILE A C     1 
ATOM   1224 O O     . ILE A 1 160 ? 0.901   9.350   -3.689  1.00 39.73 ? 154 ILE A O     1 
ATOM   1225 C CB    . ILE A 1 160 ? 3.688   7.571   -3.095  1.00 47.67 ? 154 ILE A CB    1 
ATOM   1226 C CG1   . ILE A 1 160 ? 5.171   7.805   -2.801  1.00 36.45 ? 154 ILE A CG1   1 
ATOM   1227 C CG2   . ILE A 1 160 ? 3.432   7.537   -4.595  1.00 50.06 ? 154 ILE A CG2   1 
ATOM   1228 C CD1   . ILE A 1 160 ? 6.058   6.664   -3.236  1.00 48.81 ? 154 ILE A CD1   1 
ATOM   1229 N N     . GLY A 1 161 ? 0.632   7.608   -2.294  1.00 40.03 ? 155 GLY A N     1 
ATOM   1230 C CA    . GLY A 1 161 ? -0.758  7.436   -2.681  1.00 34.77 ? 155 GLY A CA    1 
ATOM   1231 C C     . GLY A 1 161 ? -1.616  8.647   -2.368  1.00 38.59 ? 155 GLY A C     1 
ATOM   1232 O O     . GLY A 1 161 ? -2.424  9.078   -3.194  1.00 39.38 ? 155 GLY A O     1 
ATOM   1233 N N     . ILE A 1 162 ? -1.454  9.213   -1.172  1.00 34.74 ? 156 ILE A N     1 
ATOM   1234 C CA    . ILE A 1 162 ? -2.240  10.388  -0.798  1.00 41.11 ? 156 ILE A CA    1 
ATOM   1235 C C     . ILE A 1 162 ? -1.895  11.570  -1.697  1.00 36.95 ? 156 ILE A C     1 
ATOM   1236 O O     . ILE A 1 162 ? -2.785  12.276  -2.186  1.00 35.61 ? 156 ILE A O     1 
ATOM   1237 C CB    . ILE A 1 162 ? -2.022  10.723  0.688   1.00 39.99 ? 156 ILE A CB    1 
ATOM   1238 C CG1   . ILE A 1 162 ? -2.480  9.554   1.563   1.00 40.50 ? 156 ILE A CG1   1 
ATOM   1239 C CG2   . ILE A 1 162 ? -2.771  11.993  1.057   1.00 36.89 ? 156 ILE A CG2   1 
ATOM   1240 C CD1   . ILE A 1 162 ? -2.032  9.656   3.008   1.00 43.39 ? 156 ILE A CD1   1 
ATOM   1241 N N     . ILE A 1 163 ? -0.603  11.792  -1.943  1.00 40.35 ? 157 ILE A N     1 
ATOM   1242 C CA    . ILE A 1 163 ? -0.182  12.934  -2.751  1.00 36.86 ? 157 ILE A CA    1 
ATOM   1243 C C     . ILE A 1 163 ? -0.681  12.794  -4.184  1.00 41.51 ? 157 ILE A C     1 
ATOM   1244 O O     . ILE A 1 163 ? -1.263  13.728  -4.748  1.00 41.30 ? 157 ILE A O     1 
ATOM   1245 C CB    . ILE A 1 163 ? 1.348   13.089  -2.695  1.00 53.15 ? 157 ILE A CB    1 
ATOM   1246 C CG1   . ILE A 1 163 ? 1.780   13.523  -1.293  1.00 47.34 ? 157 ILE A CG1   1 
ATOM   1247 C CG2   . ILE A 1 163 ? 1.829   14.092  -3.734  1.00 44.55 ? 157 ILE A CG2   1 
ATOM   1248 C CD1   . ILE A 1 163 ? 3.280   13.645  -1.125  1.00 62.91 ? 157 ILE A CD1   1 
ATOM   1249 N N     . CYS A 1 164 ? -0.476  11.622  -4.790  1.00 43.66 ? 158 CYS A N     1 
ATOM   1250 C CA    . CYS A 1 164 ? -0.898  11.425  -6.174  1.00 35.71 ? 158 CYS A CA    1 
ATOM   1251 C C     . CYS A 1 164 ? -2.413  11.495  -6.318  1.00 42.40 ? 158 CYS A C     1 
ATOM   1252 O O     . CYS A 1 164 ? -2.917  11.941  -7.355  1.00 42.09 ? 158 CYS A O     1 
ATOM   1253 C CB    . CYS A 1 164 ? -0.374  10.090  -6.695  1.00 34.59 ? 158 CYS A CB    1 
ATOM   1254 S SG    . CYS A 1 164 ? 1.420   10.036  -6.852  1.00 55.74 ? 158 CYS A SG    1 
ATOM   1255 N N     . GLY A 1 165 ? -3.152  11.062  -5.297  1.00 44.74 ? 159 GLY A N     1 
ATOM   1256 C CA    . GLY A 1 165 ? -4.597  11.207  -5.339  1.00 35.06 ? 159 GLY A CA    1 
ATOM   1257 C C     . GLY A 1 165 ? -5.034  12.659  -5.267  1.00 44.65 ? 159 GLY A C     1 
ATOM   1258 O O     . GLY A 1 165 ? -5.920  13.088  -6.011  1.00 41.84 ? 159 GLY A O     1 
ATOM   1259 N N     . ILE A 1 166 ? -4.412  13.434  -4.376  1.00 44.35 ? 160 ILE A N     1 
ATOM   1260 C CA    . ILE A 1 166 ? -4.748  14.850  -4.256  1.00 44.76 ? 160 ILE A CA    1 
ATOM   1261 C C     . ILE A 1 166 ? -4.367  15.599  -5.527  1.00 40.67 ? 160 ILE A C     1 
ATOM   1262 O O     . ILE A 1 166 ? -5.141  16.417  -6.039  1.00 42.98 ? 160 ILE A O     1 
ATOM   1263 C CB    . ILE A 1 166 ? -4.064  15.454  -3.014  1.00 45.06 ? 160 ILE A CB    1 
ATOM   1264 C CG1   . ILE A 1 166 ? -4.654  14.851  -1.739  1.00 49.25 ? 160 ILE A CG1   1 
ATOM   1265 C CG2   . ILE A 1 166 ? -4.203  16.967  -3.006  1.00 49.71 ? 160 ILE A CG2   1 
ATOM   1266 C CD1   . ILE A 1 166 ? -3.900  15.225  -0.482  1.00 40.79 ? 160 ILE A CD1   1 
ATOM   1267 N N     . ILE A 1 167 ? -3.175  15.323  -6.061  1.00 47.31 ? 161 ILE A N     1 
ATOM   1268 C CA    . ILE A 1 167 ? -2.735  15.971  -7.294  1.00 44.15 ? 161 ILE A CA    1 
ATOM   1269 C C     . ILE A 1 167 ? -3.708  15.685  -8.427  1.00 45.29 ? 161 ILE A C     1 
ATOM   1270 O O     . ILE A 1 167 ? -4.030  16.568  -9.232  1.00 51.37 ? 161 ILE A O     1 
ATOM   1271 C CB    . ILE A 1 167 ? -1.305  15.516  -7.650  1.00 45.67 ? 161 ILE A CB    1 
ATOM   1272 C CG1   . ILE A 1 167 ? -0.292  16.138  -6.687  1.00 43.94 ? 161 ILE A CG1   1 
ATOM   1273 C CG2   . ILE A 1 167 ? -0.966  15.866  -9.096  1.00 37.22 ? 161 ILE A CG2   1 
ATOM   1274 C CD1   . ILE A 1 167 ? 1.135   15.703  -6.945  1.00 60.70 ? 161 ILE A CD1   1 
ATOM   1275 N N     A SER A 1 168 ? -4.216  14.454  -8.499  0.44 46.86 ? 162 SER A N     1 
ATOM   1276 N N     B SER A 1 168 ? -4.198  14.444  -8.505  0.56 47.13 ? 162 SER A N     1 
ATOM   1277 C CA    A SER A 1 168 ? -5.097  14.095  -9.604  0.44 47.09 ? 162 SER A CA    1 
ATOM   1278 C CA    B SER A 1 168 ? -5.104  14.064  -9.584  0.56 47.43 ? 162 SER A CA    1 
ATOM   1279 C C     A SER A 1 168 ? -6.483  14.707  -9.449  0.44 48.49 ? 162 SER A C     1 
ATOM   1280 C C     B SER A 1 168 ? -6.457  14.747  -9.445  0.56 48.52 ? 162 SER A C     1 
ATOM   1281 O O     A SER A 1 168 ? -7.133  15.020  -10.453 0.44 49.78 ? 162 SER A O     1 
ATOM   1282 O O     B SER A 1 168 ? -7.065  15.142  -10.447 0.56 49.77 ? 162 SER A O     1 
ATOM   1283 C CB    A SER A 1 168 ? -5.187  12.577  -9.721  0.44 44.25 ? 162 SER A CB    1 
ATOM   1284 C CB    B SER A 1 168 ? -5.275  12.547  -9.610  0.56 44.26 ? 162 SER A CB    1 
ATOM   1285 O OG    A SER A 1 168 ? -3.909  12.044  -10.013 0.44 40.10 ? 162 SER A OG    1 
ATOM   1286 O OG    B SER A 1 168 ? -6.137  12.153  -10.660 0.56 42.71 ? 162 SER A OG    1 
ATOM   1287 N N     . LEU A 1 169 ? -6.950  14.888  -8.212  1.00 44.93 ? 163 LEU A N     1 
ATOM   1288 C CA    . LEU A 1 169 ? -8.240  15.536  -8.003  1.00 46.24 ? 163 LEU A CA    1 
ATOM   1289 C C     . LEU A 1 169 ? -8.189  17.003  -8.413  1.00 53.96 ? 163 LEU A C     1 
ATOM   1290 O O     . LEU A 1 169 ? -9.158  17.534  -8.969  1.00 58.29 ? 163 LEU A O     1 
ATOM   1291 C CB    . LEU A 1 169 ? -8.667  15.398  -6.543  1.00 47.07 ? 163 LEU A CB    1 
ATOM   1292 C CG    . LEU A 1 169 ? -9.029  13.988  -6.066  1.00 48.12 ? 163 LEU A CG    1 
ATOM   1293 C CD1   . LEU A 1 169 ? -9.023  13.922  -4.550  1.00 35.88 ? 163 LEU A CD1   1 
ATOM   1294 C CD2   . LEU A 1 169 ? -10.377 13.550  -6.614  1.00 40.14 ? 163 LEU A CD2   1 
ATOM   1295 N N     . LYS A 1 170 ? -7.061  17.671  -8.160  1.00 54.78 ? 164 LYS A N     1 
ATOM   1296 C CA    . LYS A 1 170 ? -6.944  19.083  -8.509  1.00 61.38 ? 164 LYS A CA    1 
ATOM   1297 C C     . LYS A 1 170 ? -6.886  19.279  -10.020 1.00 56.23 ? 164 LYS A C     1 
ATOM   1298 O O     . LYS A 1 170 ? -7.550  20.169  -10.561 1.00 58.42 ? 164 LYS A O     1 
ATOM   1299 C CB    . LYS A 1 170 ? -5.709  19.687  -7.838  1.00 53.72 ? 164 LYS A CB    1 
ATOM   1300 N N     . TYR A 1 171 ? -6.104  18.458  -10.715 1.00 56.43 ? 165 TYR A N     1 
ATOM   1301 C CA    . TYR A 1 171 ? -5.973  18.561  -12.166 1.00 58.49 ? 165 TYR A CA    1 
ATOM   1302 C C     . TYR A 1 171 ? -7.297  18.288  -12.872 1.00 58.59 ? 165 TYR A C     1 
ATOM   1303 O O     . TYR A 1 171 ? -8.022  17.358  -12.515 1.00 67.13 ? 165 TYR A O     1 
ATOM   1304 C CB    . TYR A 1 171 ? -4.902  17.593  -12.675 1.00 50.09 ? 165 TYR A CB    1 
HETATM 1305 S S     . SO4 B 2 .   ? 4.713   -4.343  -3.263  1.00 53.74 ? 201 SO4 A S     1 
HETATM 1306 O O1    . SO4 B 2 .   ? 3.889   -4.343  -2.056  1.00 53.58 ? 201 SO4 A O1    1 
HETATM 1307 O O2    . SO4 B 2 .   ? 5.390   -5.628  -3.394  1.00 53.46 ? 201 SO4 A O2    1 
HETATM 1308 O O3    . SO4 B 2 .   ? 5.704   -3.276  -3.157  1.00 52.52 ? 201 SO4 A O3    1 
HETATM 1309 O O4    . SO4 B 2 .   ? 3.869   -4.113  -4.432  1.00 51.47 ? 201 SO4 A O4    1 
HETATM 1310 O O1    . BOG C 3 .   ? -8.391  -8.352  12.023  1.00 53.66 ? 202 BOG A O1    1 
HETATM 1311 C "C1'" . BOG C 3 .   ? -8.607  -9.764  12.013  1.00 49.33 ? 202 BOG A "C1'" 1 
HETATM 1312 C "C2'" . BOG C 3 .   ? -8.753  -10.273 13.462  1.00 56.36 ? 202 BOG A "C2'" 1 
HETATM 1313 C "C3'" . BOG C 3 .   ? -9.092  -11.796 13.451  1.00 49.06 ? 202 BOG A "C3'" 1 
HETATM 1314 C "C4'" . BOG C 3 .   ? -10.150 -12.107 14.547  1.00 60.98 ? 202 BOG A "C4'" 1 
HETATM 1315 C "C5'" . BOG C 3 .   ? -11.209 -10.984 14.579  1.00 57.24 ? 202 BOG A "C5'" 1 
HETATM 1316 C "C6'" . BOG C 3 .   ? -12.554 -11.524 15.107  1.00 50.06 ? 202 BOG A "C6'" 1 
HETATM 1317 C "C7'" . BOG C 3 .   ? -13.454 -10.342 15.461  1.00 60.38 ? 202 BOG A "C7'" 1 
HETATM 1318 C "C8'" . BOG C 3 .   ? -14.812 -10.847 15.955  1.00 52.70 ? 202 BOG A "C8'" 1 
HETATM 1319 O O1    A BOG D 3 .   ? 1.454   0.866   11.940  0.42 44.85 ? 203 BOG A O1    1 
HETATM 1320 O O1    B BOG D 3 .   ? 0.971   8.334   6.586   0.58 57.18 ? 203 BOG A O1    1 
HETATM 1321 C "C1'" A BOG D 3 .   ? 1.338   0.415   10.592  0.42 47.67 ? 203 BOG A "C1'" 1 
HETATM 1322 C "C1'" B BOG D 3 .   ? 0.073   7.334   7.063   0.58 60.36 ? 203 BOG A "C1'" 1 
HETATM 1323 C "C2'" A BOG D 3 .   ? 0.814   1.569   9.710   0.42 50.92 ? 203 BOG A "C2'" 1 
HETATM 1324 C "C2'" B BOG D 3 .   ? 0.751   5.949   6.978   0.58 56.60 ? 203 BOG A "C2'" 1 
HETATM 1325 C "C3'" A BOG D 3 .   ? 0.300   1.005   8.349   0.42 47.17 ? 203 BOG A "C3'" 1 
HETATM 1326 C "C3'" B BOG D 3 .   ? -0.284  4.824   7.295   0.58 53.31 ? 203 BOG A "C3'" 1 
HETATM 1327 C "C4'" A BOG D 3 .   ? -0.368  2.148   7.536   0.42 46.99 ? 203 BOG A "C4'" 1 
HETATM 1328 C "C4'" B BOG D 3 .   ? 0.386   3.440   7.078   0.58 48.14 ? 203 BOG A "C4'" 1 
HETATM 1329 C "C5'" A BOG D 3 .   ? 0.598   3.346   7.435   0.42 48.59 ? 203 BOG A "C5'" 1 
HETATM 1330 C "C5'" B BOG D 3 .   ? -0.336  2.372   7.924   0.58 47.39 ? 203 BOG A "C5'" 1 
HETATM 1331 C "C6'" A BOG D 3 .   ? -0.207  4.646   7.223   0.42 53.13 ? 203 BOG A "C6'" 1 
HETATM 1332 C "C6'" B BOG D 3 .   ? 0.656   1.254   8.303   0.58 47.15 ? 203 BOG A "C6'" 1 
HETATM 1333 C "C7'" A BOG D 3 .   ? 0.733   5.844   7.315   0.42 56.19 ? 203 BOG A "C7'" 1 
HETATM 1334 C "C7'" B BOG D 3 .   ? 0.636   1.050   9.816   0.58 51.10 ? 203 BOG A "C7'" 1 
HETATM 1335 C "C8'" A BOG D 3 .   ? -0.038  7.127   6.996   0.42 60.00 ? 203 BOG A "C8'" 1 
HETATM 1336 C "C8'" B BOG D 3 .   ? 1.340   -0.261  10.168  0.58 45.33 ? 203 BOG A "C8'" 1 
HETATM 1337 O O1    . BOG E 3 .   ? 7.945   -4.918  -6.932  1.00 62.65 ? 204 BOG A O1    1 
HETATM 1338 C "C1'" . BOG E 3 .   ? 7.933   -6.336  -7.076  1.00 61.66 ? 204 BOG A "C1'" 1 
HETATM 1339 C "C2'" . BOG E 3 .   ? 8.909   -6.953  -6.053  1.00 58.98 ? 204 BOG A "C2'" 1 
HETATM 1340 C "C3'" . BOG E 3 .   ? 9.432   -8.319  -6.595  1.00 66.66 ? 204 BOG A "C3'" 1 
HETATM 1341 C "C4'" . BOG E 3 .   ? 10.332  -8.988  -5.522  1.00 60.89 ? 204 BOG A "C4'" 1 
HETATM 1342 C "C5'" . BOG E 3 .   ? 10.959  -10.267 -6.111  1.00 64.04 ? 204 BOG A "C5'" 1 
HETATM 1343 C "C6'" . BOG E 3 .   ? 11.610  -11.086 -4.979  1.00 53.86 ? 204 BOG A "C6'" 1 
HETATM 1344 C "C7'" . BOG E 3 .   ? 12.260  -12.335 -5.566  1.00 71.70 ? 204 BOG A "C7'" 1 
HETATM 1345 C "C8'" . BOG E 3 .   ? 11.583  -13.582 -4.993  1.00 64.73 ? 204 BOG A "C8'" 1 
HETATM 1346 O O1    A BOG F 3 .   ? 1.780   -6.241  -6.118  0.38 60.05 ? 205 BOG A O1    1 
HETATM 1347 O O1    B BOG F 3 .   ? 3.183   -7.251  -5.974  0.62 59.97 ? 205 BOG A O1    1 
HETATM 1348 C "C1'" A BOG F 3 .   ? 1.860   -7.187  -5.054  0.38 59.24 ? 205 BOG A "C1'" 1 
HETATM 1349 C "C1'" B BOG F 3 .   ? 1.868   -6.951  -5.512  0.62 60.75 ? 205 BOG A "C1'" 1 
HETATM 1350 C "C2'" A BOG F 3 .   ? 0.775   -8.272  -5.238  0.38 59.36 ? 205 BOG A "C2'" 1 
HETATM 1351 C "C2'" B BOG F 3 .   ? 1.070   -8.264  -5.354  0.62 59.88 ? 205 BOG A "C2'" 1 
HETATM 1352 C "C3'" A BOG F 3 .   ? -0.122  -8.340  -3.962  0.38 54.05 ? 205 BOG A "C3'" 1 
HETATM 1353 C "C3'" B BOG F 3 .   ? -0.008  -8.094  -4.239  0.62 53.96 ? 205 BOG A "C3'" 1 
HETATM 1354 C "C4'" A BOG F 3 .   ? -0.037  -9.757  -3.331  0.38 57.27 ? 205 BOG A "C4'" 1 
HETATM 1355 C "C4'" B BOG F 3 .   ? 0.080   -9.273  -3.230  0.62 58.28 ? 205 BOG A "C4'" 1 
HETATM 1356 C "C5'" A BOG F 3 .   ? 1.381   -9.995  -2.771  0.38 56.72 ? 205 BOG A "C5'" 1 
HETATM 1357 C "C5'" B BOG F 3 .   ? 1.560   -9.590  -2.919  0.62 56.07 ? 205 BOG A "C5'" 1 
HETATM 1358 C "C6'" A BOG F 3 .   ? 1.606   -11.507 -2.568  0.38 58.37 ? 205 BOG A "C6'" 1 
HETATM 1359 C "C6'" B BOG F 3 .   ? 1.663   -10.966 -2.229  0.62 58.18 ? 205 BOG A "C6'" 1 
HETATM 1360 C "C7'" A BOG F 3 .   ? 1.630   -12.212 -3.922  0.38 56.45 ? 205 BOG A "C7'" 1 
HETATM 1361 C "C7'" B BOG F 3 .   ? 1.574   -12.082 -3.267  0.62 58.42 ? 205 BOG A "C7'" 1 
HETATM 1362 C "C8'" A BOG F 3 .   ? 3.065   -12.617 -4.263  0.38 56.23 ? 205 BOG A "C8'" 1 
HETATM 1363 C "C8'" B BOG F 3 .   ? 2.808   -12.041 -4.171  0.62 56.78 ? 205 BOG A "C8'" 1 
HETATM 1364 O O1    A BOG G 3 .   ? -0.172  -6.815  -8.085  0.74 58.69 ? 206 BOG A O1    1 
HETATM 1365 O O1    B BOG G 3 .   ? 0.076   -5.007  -9.617  0.26 58.60 ? 206 BOG A O1    1 
HETATM 1366 C "C1'" A BOG G 3 .   ? -0.226  -6.156  -9.349  0.74 63.75 ? 206 BOG A "C1'" 1 
HETATM 1367 C "C1'" B BOG G 3 .   ? -0.324  -6.261  -9.069  0.26 62.05 ? 206 BOG A "C1'" 1 
HETATM 1368 C "C2'" A BOG G 3 .   ? -0.928  -7.069  -10.382 0.74 61.30 ? 206 BOG A "C2'" 1 
HETATM 1369 C "C2'" B BOG G 3 .   ? -0.635  -7.255  -10.210 0.26 60.32 ? 206 BOG A "C2'" 1 
HETATM 1370 C "C3'" A BOG G 3 .   ? -0.954  -6.368  -11.778 0.74 60.10 ? 206 BOG A "C3'" 1 
HETATM 1371 C "C3'" B BOG G 3 .   ? -0.822  -6.480  -11.553 0.26 59.75 ? 206 BOG A "C3'" 1 
HETATM 1372 C "C4'" A BOG G 3 .   ? -2.383  -6.444  -12.384 0.74 52.66 ? 206 BOG A "C4'" 1 
HETATM 1373 C "C4'" B BOG G 3 .   ? -2.312  -6.517  -11.984 0.26 53.67 ? 206 BOG A "C4'" 1 
HETATM 1374 C "C5'" A BOG G 3 .   ? -2.524  -5.388  -13.504 0.74 58.55 ? 206 BOG A "C5'" 1 
HETATM 1375 C "C5'" B BOG G 3 .   ? -2.496  -5.623  -13.230 0.26 57.24 ? 206 BOG A "C5'" 1 
HETATM 1376 C "C6'" A BOG G 3 .   ? -4.002  -4.976  -13.677 0.74 56.73 ? 206 BOG A "C6'" 1 
HETATM 1377 C "C6'" B BOG G 3 .   ? -3.974  -5.211  -13.373 0.26 55.76 ? 206 BOG A "C6'" 1 
HETATM 1378 C "C7'" A BOG G 3 .   ? -4.068  -3.523  -14.144 0.74 56.06 ? 206 BOG A "C7'" 1 
HETATM 1379 C "C7'" B BOG G 3 .   ? -4.047  -3.733  -13.752 0.26 54.75 ? 206 BOG A "C7'" 1 
HETATM 1380 C "C8'" A BOG G 3 .   ? -5.369  -3.273  -14.910 0.74 53.63 ? 206 BOG A "C8'" 1 
HETATM 1381 C "C8'" B BOG G 3 .   ? -5.329  -3.466  -14.544 0.26 53.59 ? 206 BOG A "C8'" 1 
HETATM 1382 O O     . HOH H 4 .   ? 5.193   -5.110  -5.874  1.00 66.42 ? 301 HOH A O     1 
HETATM 1383 O O     . HOH H 4 .   ? 0.044   -2.935  -8.697  1.00 70.15 ? 302 HOH A O     1 
HETATM 1384 O O     . HOH H 4 .   ? -10.292 17.523  -12.747 1.00 52.73 ? 303 HOH A O     1 
HETATM 1385 O O     . HOH H 4 .   ? 0.612   -7.608  14.456  1.00 47.37 ? 304 HOH A O     1 
HETATM 1386 O O     . HOH H 4 .   ? 24.178  -0.739  -1.387  1.00 69.07 ? 305 HOH A O     1 
HETATM 1387 O O     . HOH H 4 .   ? -14.207 10.704  -14.817 1.00 52.39 ? 306 HOH A O     1 
HETATM 1388 O O     . HOH H 4 .   ? 9.855   -10.189 12.965  1.00 41.93 ? 307 HOH A O     1 
HETATM 1389 O O     . HOH H 4 .   ? -1.731  -6.460  -0.466  1.00 36.48 ? 308 HOH A O     1 
HETATM 1390 O O     . HOH H 4 .   ? -7.490  -5.170  -12.389 1.00 40.99 ? 309 HOH A O     1 
HETATM 1391 O O     . HOH H 4 .   ? 13.437  -0.530  -3.666  1.00 40.87 ? 310 HOH A O     1 
HETATM 1392 O O     . HOH H 4 .   ? -24.875 8.397   -5.577  1.00 60.33 ? 311 HOH A O     1 
HETATM 1393 O O     . HOH H 4 .   ? 10.668  -10.054 2.954   1.00 34.97 ? 312 HOH A O     1 
HETATM 1394 O O     . HOH H 4 .   ? 21.538  -14.521 7.537   1.00 62.23 ? 313 HOH A O     1 
HETATM 1395 O O     . HOH H 4 .   ? -0.632  -2.729  -6.154  1.00 47.79 ? 314 HOH A O     1 
HETATM 1396 O O     . HOH H 4 .   ? 1.860   -3.423  -6.902  1.00 52.80 ? 315 HOH A O     1 
HETATM 1397 O O     . HOH H 4 .   ? 2.792   -17.317 11.787  1.00 65.24 ? 316 HOH A O     1 
HETATM 1398 O O     . HOH H 4 .   ? 7.626   -17.682 8.317   1.00 52.45 ? 317 HOH A O     1 
HETATM 1399 O O     A HOH H 4 .   ? 13.790  -15.066 7.712   0.53 41.44 ? 318 HOH A O     1 
HETATM 1400 O O     B HOH H 4 .   ? 12.450  -16.302 6.972   0.47 35.48 ? 318 HOH A O     1 
HETATM 1401 O O     . HOH H 4 .   ? -21.252 12.555  6.560   1.00 49.02 ? 319 HOH A O     1 
HETATM 1402 O O     . HOH H 4 .   ? 19.520  -7.030  -6.450  1.00 67.79 ? 320 HOH A O     1 
HETATM 1403 O O     . HOH H 4 .   ? -22.749 10.061  -10.679 1.00 67.54 ? 321 HOH A O     1 
HETATM 1404 O O     . HOH H 4 .   ? -6.242  -19.692 3.557   1.00 52.07 ? 322 HOH A O     1 
HETATM 1405 O O     . HOH H 4 .   ? 11.498  -18.289 -0.663  1.00 81.96 ? 323 HOH A O     1 
HETATM 1406 O O     . HOH H 4 .   ? 20.064  3.909   13.886  1.00 73.32 ? 324 HOH A O     1 
HETATM 1407 O O     . HOH H 4 .   ? -22.570 8.265   -12.329 1.00 54.00 ? 325 HOH A O     1 
HETATM 1408 O O     . HOH H 4 .   ? -4.858  -17.117 21.465  1.00 65.84 ? 326 HOH A O     1 
HETATM 1409 O O     . HOH H 4 .   ? 9.625   -14.917 15.617  1.00 77.60 ? 327 HOH A O     1 
HETATM 1410 O O     . HOH H 4 .   ? 12.393  -11.997 16.320  1.00 61.73 ? 328 HOH A O     1 
HETATM 1411 O O     . HOH H 4 .   ? -9.515  13.680  -0.033  1.00 63.51 ? 329 HOH A O     1 
HETATM 1412 O O     . HOH H 4 .   ? 4.322   3.486   9.296   1.00 67.54 ? 330 HOH A O     1 
HETATM 1413 O O     A HOH H 4 .   ? 0.350   -0.596  -8.380  0.67 45.43 ? 331 HOH A O     1 
HETATM 1414 O O     B HOH H 4 .   ? 1.225   0.780   -7.261  0.33 40.61 ? 331 HOH A O     1 
HETATM 1415 O O     . HOH H 4 .   ? 6.076   -15.189 16.673  1.00 68.10 ? 332 HOH A O     1 
HETATM 1416 O O     . HOH H 4 .   ? 17.478  -7.679  -7.276  1.00 68.03 ? 333 HOH A O     1 
HETATM 1417 O O     . HOH H 4 .   ? 0.945   -17.574 14.266  1.00 53.12 ? 334 HOH A O     1 
HETATM 1418 O O     . HOH H 4 .   ? 21.087  2.601   -3.257  1.00 74.56 ? 335 HOH A O     1 
HETATM 1419 O O     A HOH H 4 .   ? 16.297  -6.384  15.164  0.69 47.76 ? 336 HOH A O     1 
HETATM 1420 O O     B HOH H 4 .   ? 15.578  -5.188  16.242  0.31 44.87 ? 336 HOH A O     1 
HETATM 1421 O O     A HOH H 4 .   ? 18.611  -9.432  12.965  0.73 47.31 ? 337 HOH A O     1 
HETATM 1422 O O     B HOH H 4 .   ? 17.340  -8.289  14.379  0.27 43.45 ? 337 HOH A O     1 
HETATM 1423 O O     . HOH H 4 .   ? 21.554  -5.472  10.766  1.00 68.49 ? 338 HOH A O     1 
HETATM 1424 O O     A HOH H 4 .   ? -2.449  -7.075  16.479  0.54 42.88 ? 339 HOH A O     1 
HETATM 1425 O O     B HOH H 4 .   ? -2.456  -8.461  17.405  0.46 42.93 ? 339 HOH A O     1 
HETATM 1426 O O     . HOH H 4 .   ? 21.573  -2.551  -2.465  1.00 59.51 ? 340 HOH A O     1 
HETATM 1427 O O     . HOH H 4 .   ? -10.482 4.584   10.252  1.00 55.01 ? 341 HOH A O     1 
HETATM 1428 O O     . HOH H 4 .   ? 10.683  -17.691 12.471  1.00 73.94 ? 342 HOH A O     1 
HETATM 1429 O O     . HOH H 4 .   ? -0.576  -8.736  -14.003 1.00 71.09 ? 343 HOH A O     1 
HETATM 1430 O O     . HOH H 4 .   ? 1.105   -5.029  18.203  1.00 66.15 ? 344 HOH A O     1 
HETATM 1431 O O     . HOH H 4 .   ? -26.340 7.940   4.848   1.00 73.13 ? 345 HOH A O     1 
HETATM 1432 O O     . HOH H 4 .   ? 4.812   -17.445 9.772   1.00 55.42 ? 346 HOH A O     1 
HETATM 1433 O O     . HOH H 4 .   ? -6.143  -13.616 -10.158 1.00 49.20 ? 347 HOH A O     1 
HETATM 1434 O O     . HOH H 4 .   ? -4.680  5.798   7.959   1.00 68.67 ? 348 HOH A O     1 
HETATM 1435 O O     . HOH H 4 .   ? 1.534   -11.936 -8.667  1.00 84.55 ? 349 HOH A O     1 
HETATM 1436 O O     . HOH H 4 .   ? 9.351   4.737   9.952   1.00 60.61 ? 350 HOH A O     1 
HETATM 1437 O O     . HOH H 4 .   ? -2.643  -10.815 19.022  1.00 59.79 ? 351 HOH A O     1 
HETATM 1438 O O     . HOH H 4 .   ? -8.011  4.323   10.264  1.00 67.07 ? 352 HOH A O     1 
HETATM 1439 O O     . HOH H 4 .   ? -27.401 10.277  4.894   1.00 78.32 ? 353 HOH A O     1 
HETATM 1440 O O     A HOH H 4 .   ? -13.175 15.723  -9.408  0.36 49.46 ? 354 HOH A O     1 
HETATM 1441 O O     B HOH H 4 .   ? -14.198 14.919  -9.228  0.64 50.27 ? 354 HOH A O     1 
HETATM 1442 O O     . HOH H 4 .   ? -4.450  -14.420 -8.887  1.00 75.29 ? 355 HOH A O     1 
# 
